data_7Z50
#
_entry.id   7Z50
#
_cell.length_a   213.615
_cell.length_b   133.457
_cell.length_c   102.560
_cell.angle_alpha   90.000
_cell.angle_beta   103.690
_cell.angle_gamma   90.000
#
_symmetry.space_group_name_H-M   'C 1 2 1'
#
loop_
_entity.id
_entity.type
_entity.pdbx_description
1 polymer 'H-2 class II histocompatibility antigen, A-D alpha chain'
2 polymer 'H2-Ab1 protein'
3 polymer '4.1 TCR beta chain'
4 polymer '4.1 TCR alpha chain'
5 polymer 'Hybrid insulin peptide'
6 non-polymer 2-acetamido-2-deoxy-beta-D-glucopyranose
7 non-polymer 1,2-ETHANEDIOL
8 non-polymer 'SODIUM ION'
9 non-polymer 'CHLORIDE ION'
10 water water
#
loop_
_entity_poly.entity_id
_entity_poly.type
_entity_poly.pdbx_seq_one_letter_code
_entity_poly.pdbx_strand_id
1 'polypeptide(L)'
;EDDIEADHVGFYGTTVYQSPGDIGQYTHEFDGDELFYVDLDKKKTVWRLPEFGQLILFEPQGGLQNIAAEKHNLGCLTKR
SNFTPATNEAPQATVFPKSPVLLGQPNTLICFVDNIFPPVINITWLRNSKSVTDGVYETSFLVNRDHSFHKLSYLTFIPS
DDDIYDCKVEHWGLEEPVLKHWEPEIPAPMSELTESLEVLFQ
;
A,C
2 'polypeptide(L)'
;LQTLALEVEDDPCGGGGGSGGGSGGSGDSERHFVHQFKGECYFTNGTQRIRLVTRYIYNREEYLRFDSDVGEYRAVTELG
RHSAEYYNKQYLERTRAELDTACRHNYEETEVPTSLRRLEQPNVAISLSRTEALNHHNTLVCSVTDFYPAKIKVRWFRNG
QEETVGVSSTQLIRNGDWTFQVLVMLEMTPHQGEVYTCHVEHPSLKSPITVEWRAQSESARSKSLEVLFQ
;
B,D
3 'polypeptide(L)'
;MGVIQTPRHKVTGKGQEATLWCEPISGHSAVFWYRQTIVQGLEFLTYFRNQAPIDDSGMPKERFSAQMPNQSHSTLKIQS
TQPQDSAVYLCASSRQGQNTLYFGAGTRLSVLEDLKNVFPPEVAVFEPSEAEISHTQKATLVCLATGFYPDHVELSWWVN
GKEVHSGVCTDPQPLKEQPALNDSRYALSSRLRVSATFWQNPRNHFRCQVQFYGLSENDEWTQDRAKPVTQIVSAEAWGR
AD
;
E,F
4 'polypeptide(L)'
;MGEQVEQLPSILRVQEGSSASINCSYEDSASNYFPWYKQEPGENPKLIIDIRSNMERKQTQGLIVLLDKKAKRFSLHITD
TQPGDSAMYFCAASVRNYKYVFGAGTRLKVIADIQNPDPAVYQLRDSKSSDKSVCLFTDFDSQTNVSQSKDSDVYITDKC
VLDMRSMDFKSNSAVAWSNKSDFACANAFNNSIIPEDTFFPSPESSA
;
G,H
5 'polypeptide(L)' LQTLALEVEDDPCGG T,W
#
# COMPACT_ATOMS: atom_id res chain seq x y z
N ASP A 3 -17.55 -36.37 -3.07
CA ASP A 3 -17.78 -37.32 -4.16
C ASP A 3 -16.51 -38.09 -4.49
N ILE A 4 -15.38 -37.39 -4.50
CA ILE A 4 -14.07 -37.99 -4.77
C ILE A 4 -13.37 -38.21 -3.45
N GLU A 5 -13.11 -39.47 -3.11
CA GLU A 5 -12.46 -39.83 -1.86
C GLU A 5 -10.95 -39.82 -2.03
N ALA A 6 -10.26 -39.12 -1.14
CA ALA A 6 -8.81 -39.04 -1.19
C ALA A 6 -8.29 -38.69 0.20
N ASP A 7 -7.00 -38.98 0.42
CA ASP A 7 -6.40 -38.66 1.71
C ASP A 7 -6.32 -37.15 1.92
N HIS A 8 -5.95 -36.40 0.88
CA HIS A 8 -5.83 -34.96 0.97
C HIS A 8 -6.28 -34.33 -0.35
N VAL A 9 -6.84 -33.13 -0.25
CA VAL A 9 -7.32 -32.39 -1.41
C VAL A 9 -6.73 -30.99 -1.35
N GLY A 10 -6.13 -30.54 -2.46
CA GLY A 10 -5.59 -29.20 -2.57
C GLY A 10 -6.35 -28.40 -3.62
N PHE A 11 -6.79 -27.22 -3.21
CA PHE A 11 -7.46 -26.27 -4.11
C PHE A 11 -6.43 -25.25 -4.57
N TYR A 12 -5.99 -25.37 -5.81
CA TYR A 12 -4.98 -24.49 -6.39
C TYR A 12 -5.55 -23.79 -7.62
N GLY A 13 -5.33 -22.48 -7.69
CA GLY A 13 -5.84 -21.70 -8.80
C GLY A 13 -7.27 -21.22 -8.65
N THR A 14 -7.88 -21.41 -7.49
CA THR A 14 -9.26 -21.05 -7.25
C THR A 14 -9.51 -19.57 -7.51
N THR A 15 -10.32 -19.27 -8.53
CA THR A 15 -10.57 -17.90 -8.96
C THR A 15 -12.07 -17.65 -9.04
N VAL A 16 -12.50 -16.50 -8.54
CA VAL A 16 -13.88 -16.05 -8.63
C VAL A 16 -13.87 -14.64 -9.20
N TYR A 17 -14.73 -14.39 -10.19
CA TYR A 17 -14.89 -13.05 -10.74
C TYR A 17 -16.37 -12.74 -10.93
N GLN A 18 -16.70 -11.46 -10.74
CA GLN A 18 -18.08 -11.00 -10.79
C GLN A 18 -18.20 -9.76 -11.66
N SER A 19 -19.36 -9.64 -12.31
CA SER A 19 -19.73 -8.44 -13.05
C SER A 19 -21.16 -8.06 -12.70
N PRO A 20 -21.45 -6.76 -12.57
CA PRO A 20 -20.54 -5.62 -12.71
C PRO A 20 -19.79 -5.33 -11.42
N GLY A 21 -18.86 -4.37 -11.45
CA GLY A 21 -18.13 -3.94 -10.27
C GLY A 21 -16.69 -4.40 -10.20
N ASP A 22 -16.30 -5.38 -11.02
CA ASP A 22 -14.93 -5.90 -11.03
C ASP A 22 -14.55 -6.50 -9.68
N ILE A 23 -15.38 -7.41 -9.20
CA ILE A 23 -15.12 -8.11 -7.93
C ILE A 23 -14.38 -9.41 -8.26
N GLY A 24 -13.19 -9.57 -7.71
CA GLY A 24 -12.40 -10.76 -7.96
C GLY A 24 -11.78 -11.30 -6.69
N GLN A 25 -11.51 -12.60 -6.70
CA GLN A 25 -10.86 -13.26 -5.58
C GLN A 25 -10.00 -14.41 -6.11
N TYR A 26 -8.85 -14.60 -5.48
CA TYR A 26 -7.98 -15.73 -5.78
C TYR A 26 -7.47 -16.31 -4.47
N THR A 27 -7.64 -17.62 -4.29
CA THR A 27 -7.26 -18.28 -3.04
C THR A 27 -6.66 -19.64 -3.34
N HIS A 28 -5.95 -20.17 -2.34
CA HIS A 28 -5.52 -21.56 -2.31
C HIS A 28 -5.99 -22.18 -1.00
N GLU A 29 -6.28 -23.48 -1.04
CA GLU A 29 -6.72 -24.19 0.14
C GLU A 29 -6.08 -25.57 0.19
N PHE A 30 -5.99 -26.12 1.40
CA PHE A 30 -5.58 -27.50 1.60
C PHE A 30 -6.46 -28.12 2.68
N ASP A 31 -7.16 -29.19 2.32
CA ASP A 31 -8.04 -29.91 3.25
C ASP A 31 -9.04 -28.98 3.91
N GLY A 32 -9.59 -28.05 3.13
CA GLY A 32 -10.65 -27.18 3.59
C GLY A 32 -10.24 -25.93 4.33
N ASP A 33 -8.94 -25.64 4.41
CA ASP A 33 -8.45 -24.47 5.11
C ASP A 33 -7.70 -23.56 4.16
N GLU A 34 -7.95 -22.26 4.27
CA GLU A 34 -7.35 -21.28 3.37
C GLU A 34 -5.84 -21.22 3.59
N LEU A 35 -5.08 -21.52 2.54
CA LEU A 35 -3.63 -21.33 2.60
C LEU A 35 -3.29 -19.84 2.50
N PHE A 36 -3.79 -19.18 1.46
CA PHE A 36 -3.53 -17.76 1.26
C PHE A 36 -4.56 -17.20 0.29
N TYR A 37 -4.63 -15.87 0.24
CA TYR A 37 -5.32 -15.15 -0.80
C TYR A 37 -4.37 -14.10 -1.36
N VAL A 38 -4.67 -13.64 -2.58
CA VAL A 38 -3.88 -12.63 -3.26
C VAL A 38 -4.64 -11.31 -3.20
N ASP A 39 -4.09 -10.33 -2.52
CA ASP A 39 -4.66 -8.99 -2.47
C ASP A 39 -4.51 -8.37 -3.86
N LEU A 40 -5.61 -8.34 -4.62
CA LEU A 40 -5.55 -7.87 -5.99
C LEU A 40 -5.19 -6.40 -6.08
N ASP A 41 -5.65 -5.59 -5.12
CA ASP A 41 -5.33 -4.17 -5.14
C ASP A 41 -3.85 -3.94 -4.86
N LYS A 42 -3.31 -4.59 -3.83
CA LYS A 42 -1.91 -4.43 -3.46
C LYS A 42 -0.97 -5.38 -4.20
N LYS A 43 -1.51 -6.34 -4.95
CA LYS A 43 -0.71 -7.31 -5.70
C LYS A 43 0.28 -8.03 -4.78
N LYS A 44 -0.23 -8.55 -3.66
CA LYS A 44 0.60 -9.22 -2.67
C LYS A 44 -0.09 -10.50 -2.20
N THR A 45 0.69 -11.56 -2.00
CA THR A 45 0.18 -12.80 -1.44
C THR A 45 0.11 -12.68 0.08
N VAL A 46 -1.02 -13.06 0.66
CA VAL A 46 -1.26 -12.94 2.09
C VAL A 46 -1.59 -14.34 2.61
N TRP A 47 -0.64 -14.95 3.31
CA TRP A 47 -0.83 -16.28 3.85
C TRP A 47 -1.64 -16.23 5.13
N ARG A 48 -2.57 -17.19 5.28
CA ARG A 48 -3.35 -17.28 6.50
C ARG A 48 -2.46 -17.58 7.69
N LEU A 49 -1.49 -18.48 7.51
CA LEU A 49 -0.46 -18.71 8.50
C LEU A 49 0.84 -18.11 8.00
N PRO A 50 1.31 -16.99 8.55
CA PRO A 50 2.52 -16.35 8.01
C PRO A 50 3.73 -17.26 8.02
N GLU A 51 3.81 -18.22 8.93
CA GLU A 51 4.92 -19.17 8.94
C GLU A 51 4.99 -19.95 7.64
N PHE A 52 3.83 -20.25 7.05
CA PHE A 52 3.80 -20.95 5.76
C PHE A 52 4.45 -20.11 4.67
N GLY A 53 4.14 -18.80 4.65
CA GLY A 53 4.70 -17.92 3.64
C GLY A 53 6.19 -17.69 3.79
N GLN A 54 6.72 -17.87 5.01
CA GLN A 54 8.16 -17.80 5.21
C GLN A 54 8.88 -19.01 4.61
N LEU A 55 8.16 -20.08 4.32
CA LEU A 55 8.73 -21.28 3.72
C LEU A 55 8.37 -21.45 2.26
N ILE A 56 7.17 -21.06 1.85
CA ILE A 56 6.65 -21.34 0.52
C ILE A 56 6.40 -20.01 -0.20
N LEU A 57 6.89 -19.93 -1.44
CA LEU A 57 6.69 -18.74 -2.27
C LEU A 57 5.53 -18.99 -3.22
N PHE A 58 4.58 -18.05 -3.24
CA PHE A 58 3.59 -17.95 -4.32
C PHE A 58 3.65 -16.54 -4.88
N GLU A 59 4.14 -16.42 -6.09
CA GLU A 59 4.16 -15.11 -6.74
C GLU A 59 2.73 -14.66 -7.03
N PRO A 60 2.36 -13.44 -6.63
CA PRO A 60 0.97 -12.99 -6.86
C PRO A 60 0.59 -12.86 -8.32
N GLN A 61 1.56 -12.99 -9.24
CA GLN A 61 1.24 -12.96 -10.66
C GLN A 61 0.25 -14.05 -11.04
N GLY A 62 0.37 -15.23 -10.43
CA GLY A 62 -0.57 -16.30 -10.71
C GLY A 62 -1.99 -15.93 -10.34
N GLY A 63 -2.17 -15.21 -9.23
CA GLY A 63 -3.50 -14.74 -8.88
C GLY A 63 -4.04 -13.72 -9.86
N LEU A 64 -3.21 -12.76 -10.26
CA LEU A 64 -3.65 -11.74 -11.20
C LEU A 64 -3.97 -12.34 -12.57
N GLN A 65 -3.16 -13.29 -13.03
CA GLN A 65 -3.38 -13.89 -14.34
C GLN A 65 -4.70 -14.64 -14.39
N ASN A 66 -5.01 -15.42 -13.36
CA ASN A 66 -6.26 -16.18 -13.35
C ASN A 66 -7.47 -15.26 -13.22
N ILE A 67 -7.33 -14.15 -12.50
CA ILE A 67 -8.40 -13.15 -12.44
C ILE A 67 -8.64 -12.57 -13.83
N ALA A 68 -7.56 -12.22 -14.54
CA ALA A 68 -7.70 -11.64 -15.87
C ALA A 68 -8.33 -12.63 -16.84
N ALA A 69 -7.91 -13.90 -16.80
CA ALA A 69 -8.50 -14.89 -17.68
C ALA A 69 -9.96 -15.16 -17.32
N GLU A 70 -10.30 -15.10 -16.03
CA GLU A 70 -11.70 -15.25 -15.63
C GLU A 70 -12.54 -14.04 -16.05
N LYS A 71 -11.92 -12.86 -16.12
CA LYS A 71 -12.59 -11.71 -16.70
C LYS A 71 -13.06 -12.01 -18.11
N HIS A 72 -12.18 -12.60 -18.92
CA HIS A 72 -12.53 -12.99 -20.28
C HIS A 72 -13.58 -14.09 -20.29
N ASN A 73 -13.42 -15.09 -19.41
CA ASN A 73 -14.35 -16.22 -19.41
C ASN A 73 -15.76 -15.81 -19.00
N LEU A 74 -15.88 -14.90 -18.03
CA LEU A 74 -17.20 -14.45 -17.61
C LEU A 74 -17.94 -13.77 -18.75
N GLY A 75 -17.24 -12.94 -19.54
CA GLY A 75 -17.87 -12.30 -20.67
C GLY A 75 -18.37 -13.30 -21.70
N CYS A 76 -17.58 -14.33 -21.98
CA CYS A 76 -17.98 -15.34 -22.94
C CYS A 76 -19.23 -16.08 -22.47
N LEU A 77 -19.24 -16.52 -21.22
CA LEU A 77 -20.34 -17.34 -20.72
C LEU A 77 -21.61 -16.52 -20.49
N THR A 78 -21.47 -15.26 -20.10
CA THR A 78 -22.64 -14.40 -19.92
C THR A 78 -23.38 -14.22 -21.24
N LYS A 79 -22.63 -13.96 -22.32
CA LYS A 79 -23.26 -13.84 -23.64
C LYS A 79 -23.86 -15.16 -24.10
N ARG A 80 -23.13 -16.27 -23.89
CA ARG A 80 -23.61 -17.56 -24.35
C ARG A 80 -24.89 -17.97 -23.62
N SER A 81 -24.95 -17.70 -22.31
CA SER A 81 -26.12 -18.06 -21.49
C SER A 81 -27.29 -17.10 -21.67
N ASN A 82 -27.25 -16.24 -22.70
CA ASN A 82 -28.27 -15.21 -22.91
C ASN A 82 -28.43 -14.33 -21.67
N PHE A 83 -27.29 -13.99 -21.04
CA PHE A 83 -27.25 -13.10 -19.88
C PHE A 83 -28.13 -13.62 -18.74
N THR A 84 -27.99 -14.91 -18.45
CA THR A 84 -28.69 -15.48 -17.30
C THR A 84 -28.03 -14.99 -16.02
N PRO A 85 -28.72 -14.24 -15.18
CA PRO A 85 -28.08 -13.70 -13.98
C PRO A 85 -27.99 -14.72 -12.86
N ALA A 86 -27.07 -14.47 -11.95
CA ALA A 86 -26.94 -15.29 -10.75
C ALA A 86 -28.15 -15.06 -9.84
N THR A 87 -28.56 -16.12 -9.15
CA THR A 87 -29.66 -16.06 -8.20
C THR A 87 -29.11 -15.93 -6.79
N ASN A 88 -29.61 -14.94 -6.06
CA ASN A 88 -29.10 -14.64 -4.72
C ASN A 88 -29.66 -15.63 -3.71
N GLU A 89 -28.79 -16.41 -3.08
CA GLU A 89 -29.20 -17.34 -2.05
C GLU A 89 -29.24 -16.67 -0.69
N ALA A 90 -29.93 -17.31 0.26
CA ALA A 90 -30.05 -16.80 1.60
C ALA A 90 -28.97 -17.43 2.47
N PRO A 91 -27.99 -16.66 2.96
CA PRO A 91 -26.95 -17.25 3.82
C PRO A 91 -27.49 -17.67 5.18
N GLN A 92 -26.84 -18.66 5.76
CA GLN A 92 -27.12 -19.13 7.10
C GLN A 92 -25.91 -18.88 7.99
N ALA A 93 -26.16 -18.43 9.22
CA ALA A 93 -25.11 -18.00 10.13
C ALA A 93 -25.15 -18.81 11.42
N THR A 94 -23.98 -18.92 12.06
CA THR A 94 -23.85 -19.64 13.32
C THR A 94 -22.74 -18.97 14.13
N VAL A 95 -23.02 -18.69 15.40
CA VAL A 95 -22.07 -18.05 16.31
C VAL A 95 -21.66 -19.05 17.37
N PHE A 96 -20.34 -19.19 17.57
CA PHE A 96 -19.78 -20.09 18.56
C PHE A 96 -18.42 -19.57 18.97
N PRO A 97 -17.99 -19.82 20.20
CA PRO A 97 -16.66 -19.37 20.64
C PRO A 97 -15.57 -20.35 20.23
N LYS A 98 -14.38 -19.79 19.99
CA LYS A 98 -13.23 -20.60 19.63
C LYS A 98 -12.82 -21.52 20.78
N SER A 99 -12.86 -21.02 22.00
CA SER A 99 -12.46 -21.71 23.21
C SER A 99 -13.53 -21.51 24.26
N PRO A 100 -13.60 -22.39 25.27
CA PRO A 100 -14.59 -22.20 26.33
C PRO A 100 -14.46 -20.83 26.97
N VAL A 101 -15.61 -20.21 27.25
CA VAL A 101 -15.65 -18.82 27.67
C VAL A 101 -15.43 -18.73 29.18
N LEU A 102 -14.35 -18.06 29.56
CA LEU A 102 -14.08 -17.72 30.96
C LEU A 102 -13.99 -16.21 31.09
N LEU A 103 -14.69 -15.66 32.08
CA LEU A 103 -14.72 -14.21 32.25
C LEU A 103 -13.32 -13.68 32.51
N GLY A 104 -12.91 -12.68 31.72
CA GLY A 104 -11.62 -12.04 31.87
C GLY A 104 -10.54 -12.59 30.95
N GLN A 105 -10.68 -13.83 30.47
CA GLN A 105 -9.69 -14.41 29.58
C GLN A 105 -10.06 -14.11 28.13
N PRO A 106 -9.14 -13.58 27.33
CA PRO A 106 -9.47 -13.26 25.93
C PRO A 106 -9.92 -14.50 25.17
N ASN A 107 -10.93 -14.32 24.33
CA ASN A 107 -11.47 -15.38 23.49
C ASN A 107 -11.79 -14.80 22.12
N THR A 108 -12.39 -15.61 21.26
CA THR A 108 -12.74 -15.19 19.92
C THR A 108 -14.13 -15.71 19.57
N LEU A 109 -15.02 -14.81 19.17
CA LEU A 109 -16.32 -15.18 18.66
C LEU A 109 -16.23 -15.43 17.16
N ILE A 110 -16.67 -16.62 16.73
CA ILE A 110 -16.60 -17.02 15.33
C ILE A 110 -18.01 -17.04 14.77
N CYS A 111 -18.25 -16.25 13.73
CA CYS A 111 -19.50 -16.25 13.00
C CYS A 111 -19.28 -17.01 11.70
N PHE A 112 -19.80 -18.23 11.63
CA PHE A 112 -19.69 -19.07 10.45
C PHE A 112 -20.93 -18.87 9.60
N VAL A 113 -20.76 -18.25 8.43
CA VAL A 113 -21.87 -17.99 7.52
C VAL A 113 -21.67 -18.86 6.29
N ASP A 114 -22.68 -19.67 5.98
CA ASP A 114 -22.64 -20.62 4.88
C ASP A 114 -23.68 -20.24 3.83
N ASN A 115 -23.63 -20.95 2.70
CA ASN A 115 -24.57 -20.75 1.58
C ASN A 115 -24.56 -19.30 1.09
N ILE A 116 -23.37 -18.79 0.83
CA ILE A 116 -23.19 -17.43 0.32
C ILE A 116 -23.05 -17.52 -1.20
N PHE A 117 -24.01 -16.95 -1.93
CA PHE A 117 -23.86 -16.74 -3.36
C PHE A 117 -24.80 -15.64 -3.82
N PRO A 118 -24.30 -14.64 -4.57
CA PRO A 118 -22.91 -14.46 -5.01
C PRO A 118 -22.02 -14.01 -3.86
N PRO A 119 -20.70 -14.20 -3.97
CA PRO A 119 -19.82 -13.82 -2.86
C PRO A 119 -19.68 -12.31 -2.66
N VAL A 120 -20.78 -11.67 -2.28
CA VAL A 120 -20.78 -10.32 -1.74
C VAL A 120 -21.59 -10.34 -0.46
N ILE A 121 -20.98 -9.94 0.65
CA ILE A 121 -21.62 -10.08 1.95
C ILE A 121 -21.08 -9.02 2.88
N ASN A 122 -21.92 -8.57 3.79
CA ASN A 122 -21.54 -7.70 4.89
C ASN A 122 -21.73 -8.49 6.18
N ILE A 123 -20.63 -8.87 6.82
CA ILE A 123 -20.66 -9.52 8.12
C ILE A 123 -20.10 -8.53 9.14
N THR A 124 -20.95 -8.12 10.09
CA THR A 124 -20.57 -7.13 11.07
C THR A 124 -21.01 -7.58 12.45
N TRP A 125 -20.30 -7.10 13.47
CA TRP A 125 -20.54 -7.49 14.85
C TRP A 125 -21.20 -6.36 15.62
N LEU A 126 -22.07 -6.73 16.55
CA LEU A 126 -22.78 -5.78 17.41
C LEU A 126 -22.42 -6.08 18.85
N ARG A 127 -21.91 -5.07 19.56
CA ARG A 127 -21.63 -5.16 20.99
C ARG A 127 -22.60 -4.26 21.73
N ASN A 128 -23.46 -4.86 22.56
CA ASN A 128 -24.56 -4.14 23.21
C ASN A 128 -25.44 -3.45 22.16
N SER A 129 -25.68 -4.15 21.05
CA SER A 129 -26.46 -3.70 19.90
C SER A 129 -25.81 -2.55 19.15
N LYS A 130 -24.57 -2.18 19.49
CA LYS A 130 -23.81 -1.18 18.77
C LYS A 130 -22.68 -1.85 18.00
N SER A 131 -22.36 -1.31 16.83
CA SER A 131 -21.40 -1.95 15.95
C SER A 131 -19.98 -1.82 16.48
N VAL A 132 -19.21 -2.90 16.37
CA VAL A 132 -17.82 -2.95 16.81
C VAL A 132 -16.94 -2.97 15.57
N THR A 133 -15.98 -2.03 15.51
CA THR A 133 -15.09 -1.89 14.36
C THR A 133 -13.75 -2.57 14.57
N ASP A 134 -13.10 -2.35 15.71
CA ASP A 134 -11.79 -2.92 15.96
C ASP A 134 -11.88 -4.37 16.39
N GLY A 135 -10.78 -5.09 16.22
CA GLY A 135 -10.71 -6.47 16.65
C GLY A 135 -11.48 -7.44 15.80
N VAL A 136 -11.75 -7.09 14.54
CA VAL A 136 -12.58 -7.91 13.65
C VAL A 136 -11.72 -8.36 12.48
N TYR A 137 -11.79 -9.65 12.17
CA TYR A 137 -11.12 -10.24 11.02
C TYR A 137 -12.04 -11.28 10.41
N GLU A 138 -12.03 -11.36 9.08
CA GLU A 138 -12.82 -12.37 8.38
C GLU A 138 -11.98 -13.01 7.29
N THR A 139 -12.30 -14.27 6.99
CA THR A 139 -11.61 -15.04 5.98
C THR A 139 -12.06 -14.63 4.58
N SER A 140 -11.38 -15.19 3.59
CA SER A 140 -11.82 -15.06 2.21
C SER A 140 -13.06 -15.93 2.00
N PHE A 141 -13.75 -15.67 0.89
CA PHE A 141 -14.85 -16.53 0.48
C PHE A 141 -14.32 -17.93 0.16
N LEU A 142 -14.67 -18.91 0.99
CA LEU A 142 -14.20 -20.27 0.81
C LEU A 142 -15.22 -21.08 0.04
N VAL A 143 -14.73 -21.91 -0.88
CA VAL A 143 -15.59 -22.55 -1.87
C VAL A 143 -16.28 -23.76 -1.27
N ASN A 144 -17.50 -24.01 -1.75
CA ASN A 144 -18.27 -25.19 -1.39
C ASN A 144 -18.45 -26.08 -2.61
N ARG A 145 -18.70 -27.37 -2.35
CA ARG A 145 -18.86 -28.33 -3.43
C ARG A 145 -20.05 -28.02 -4.32
N ASP A 146 -21.05 -27.29 -3.80
CA ASP A 146 -22.20 -26.87 -4.61
C ASP A 146 -21.97 -25.50 -5.22
N HIS A 147 -20.74 -24.99 -5.20
CA HIS A 147 -20.29 -23.76 -5.85
C HIS A 147 -20.88 -22.51 -5.22
N SER A 148 -21.44 -22.61 -4.02
CA SER A 148 -21.68 -21.44 -3.19
C SER A 148 -20.41 -21.18 -2.38
N PHE A 149 -20.47 -20.23 -1.45
CA PHE A 149 -19.30 -19.89 -0.64
C PHE A 149 -19.70 -19.83 0.83
N HIS A 150 -18.71 -19.95 1.70
CA HIS A 150 -18.89 -19.74 3.13
C HIS A 150 -17.75 -18.86 3.64
N LYS A 151 -18.08 -17.99 4.59
CA LYS A 151 -17.14 -17.03 5.15
C LYS A 151 -17.26 -17.05 6.67
N LEU A 152 -16.12 -16.90 7.34
CA LEU A 152 -16.06 -16.88 8.79
C LEU A 152 -15.51 -15.53 9.25
N SER A 153 -16.17 -14.94 10.24
CA SER A 153 -15.73 -13.69 10.84
C SER A 153 -15.35 -13.92 12.30
N TYR A 154 -14.30 -13.25 12.75
CA TYR A 154 -13.77 -13.42 14.09
C TYR A 154 -13.79 -12.09 14.83
N LEU A 155 -14.35 -12.09 16.04
CA LEU A 155 -14.30 -10.95 16.94
C LEU A 155 -13.51 -11.32 18.19
N THR A 156 -12.37 -10.68 18.38
CA THR A 156 -11.59 -10.88 19.59
C THR A 156 -12.16 -9.99 20.69
N PHE A 157 -12.48 -10.60 21.83
CA PHE A 157 -13.20 -9.89 22.88
C PHE A 157 -12.76 -10.41 24.24
N ILE A 158 -13.07 -9.62 25.26
CA ILE A 158 -12.90 -9.99 26.67
C ILE A 158 -14.30 -10.25 27.23
N PRO A 159 -14.62 -11.48 27.62
CA PRO A 159 -15.96 -11.75 28.16
C PRO A 159 -16.22 -10.91 29.40
N SER A 160 -17.45 -10.38 29.49
CA SER A 160 -17.84 -9.51 30.58
C SER A 160 -19.30 -9.76 30.91
N ASP A 161 -19.67 -9.40 32.15
CA ASP A 161 -21.06 -9.57 32.59
C ASP A 161 -22.00 -8.70 31.77
N ASP A 162 -21.64 -7.44 31.53
CA ASP A 162 -22.50 -6.48 30.86
C ASP A 162 -22.20 -6.40 29.36
N ASP A 163 -22.10 -7.55 28.69
CA ASP A 163 -21.78 -7.57 27.27
C ASP A 163 -22.56 -8.69 26.59
N ILE A 164 -23.35 -8.33 25.59
CA ILE A 164 -24.04 -9.27 24.71
C ILE A 164 -23.66 -8.94 23.28
N TYR A 165 -23.48 -9.98 22.46
CA TYR A 165 -22.92 -9.82 21.13
C TYR A 165 -23.88 -10.34 20.08
N ASP A 166 -23.85 -9.69 18.91
CA ASP A 166 -24.65 -10.08 17.75
C ASP A 166 -23.78 -10.10 16.51
N CYS A 167 -24.00 -11.10 15.66
CA CYS A 167 -23.37 -11.16 14.34
C CYS A 167 -24.43 -10.83 13.30
N LYS A 168 -24.26 -9.69 12.63
CA LYS A 168 -25.22 -9.21 11.65
C LYS A 168 -24.74 -9.54 10.23
N VAL A 169 -25.61 -10.16 9.45
CA VAL A 169 -25.30 -10.57 8.09
C VAL A 169 -26.23 -9.82 7.14
N GLU A 170 -25.64 -9.18 6.13
CA GLU A 170 -26.38 -8.44 5.11
C GLU A 170 -26.02 -8.98 3.74
N HIS A 171 -27.04 -9.42 2.99
CA HIS A 171 -26.85 -10.04 1.69
C HIS A 171 -28.05 -9.71 0.81
N TRP A 172 -27.81 -9.69 -0.51
CA TRP A 172 -28.88 -9.39 -1.46
C TRP A 172 -30.00 -10.42 -1.38
N GLY A 173 -29.70 -11.64 -0.95
CA GLY A 173 -30.70 -12.69 -0.91
C GLY A 173 -31.44 -12.77 0.40
N LEU A 174 -31.34 -11.72 1.20
CA LEU A 174 -32.05 -11.62 2.47
C LEU A 174 -32.95 -10.39 2.45
N GLU A 175 -34.23 -10.59 2.76
CA GLU A 175 -35.16 -9.47 2.80
C GLU A 175 -34.77 -8.47 3.88
N GLU A 176 -34.42 -8.96 5.07
CA GLU A 176 -33.93 -8.14 6.16
C GLU A 176 -32.64 -8.74 6.70
N PRO A 177 -31.75 -7.92 7.24
CA PRO A 177 -30.52 -8.46 7.82
C PRO A 177 -30.81 -9.44 8.95
N VAL A 178 -30.03 -10.52 8.98
CA VAL A 178 -30.16 -11.54 10.02
C VAL A 178 -29.12 -11.27 11.10
N LEU A 179 -29.55 -11.31 12.35
CA LEU A 179 -28.66 -11.17 13.50
C LEU A 179 -28.74 -12.42 14.34
N LYS A 180 -27.59 -13.04 14.60
CA LYS A 180 -27.50 -14.22 15.45
C LYS A 180 -26.86 -13.79 16.77
N HIS A 181 -27.58 -14.03 17.87
CA HIS A 181 -27.19 -13.54 19.18
C HIS A 181 -26.36 -14.57 19.91
N TRP A 182 -25.48 -14.08 20.78
CA TRP A 182 -24.68 -14.93 21.66
C TRP A 182 -24.48 -14.24 22.99
N GLU A 183 -24.65 -14.98 24.07
CA GLU A 183 -24.46 -14.46 25.41
C GLU A 183 -23.70 -15.48 26.24
N PRO A 184 -22.89 -15.03 27.21
CA PRO A 184 -22.18 -15.92 28.13
C PRO A 184 -23.07 -16.42 29.27
N ARG B 31 -28.69 -7.45 -10.85
CA ARG B 31 -28.37 -8.30 -11.99
C ARG B 31 -26.86 -8.55 -12.07
N HIS B 32 -26.41 -9.63 -11.44
CA HIS B 32 -24.99 -9.94 -11.33
C HIS B 32 -24.69 -11.30 -11.95
N PHE B 33 -23.49 -11.41 -12.51
CA PHE B 33 -23.03 -12.64 -13.16
C PHE B 33 -21.69 -13.04 -12.56
N VAL B 34 -21.52 -14.33 -12.31
CA VAL B 34 -20.35 -14.86 -11.62
C VAL B 34 -19.74 -15.98 -12.47
N HIS B 35 -18.41 -15.97 -12.55
CA HIS B 35 -17.66 -17.06 -13.14
C HIS B 35 -16.63 -17.57 -12.14
N GLN B 36 -16.50 -18.89 -12.06
CA GLN B 36 -15.58 -19.52 -11.12
C GLN B 36 -14.66 -20.47 -11.87
N PHE B 37 -13.41 -20.54 -11.43
CA PHE B 37 -12.46 -21.55 -11.86
C PHE B 37 -11.98 -22.31 -10.64
N LYS B 38 -12.06 -23.64 -10.70
CA LYS B 38 -11.68 -24.49 -9.57
C LYS B 38 -10.68 -25.53 -10.06
N GLY B 39 -9.44 -25.42 -9.59
CA GLY B 39 -8.45 -26.45 -9.79
C GLY B 39 -8.30 -27.26 -8.50
N GLU B 40 -8.40 -28.58 -8.65
CA GLU B 40 -8.42 -29.48 -7.50
C GLU B 40 -7.45 -30.63 -7.73
N CYS B 41 -6.60 -30.88 -6.74
CA CYS B 41 -5.68 -32.02 -6.75
C CYS B 41 -6.05 -32.96 -5.62
N TYR B 42 -6.27 -34.23 -5.96
CA TYR B 42 -6.67 -35.24 -4.99
C TYR B 42 -5.53 -36.22 -4.77
N PHE B 43 -5.12 -36.40 -3.52
CA PHE B 43 -3.97 -37.19 -3.16
C PHE B 43 -4.38 -38.37 -2.28
N THR B 44 -3.83 -39.54 -2.58
CA THR B 44 -4.06 -40.74 -1.79
C THR B 44 -2.75 -41.51 -1.67
N ASN B 45 -2.40 -41.90 -0.44
CA ASN B 45 -1.17 -42.65 -0.17
C ASN B 45 0.05 -41.86 -0.67
N GLY B 46 0.25 -40.69 -0.08
CA GLY B 46 1.28 -39.78 -0.54
C GLY B 46 0.95 -39.25 -1.92
N THR B 47 1.86 -39.46 -2.88
CA THR B 47 1.63 -39.11 -4.27
C THR B 47 1.56 -40.34 -5.17
N GLN B 48 1.24 -41.50 -4.60
CA GLN B 48 1.12 -42.71 -5.40
C GLN B 48 -0.08 -42.66 -6.32
N ARG B 49 -1.17 -42.03 -5.90
CA ARG B 49 -2.36 -41.84 -6.71
C ARG B 49 -2.76 -40.37 -6.64
N ILE B 50 -2.68 -39.68 -7.79
CA ILE B 50 -3.04 -38.27 -7.88
C ILE B 50 -4.16 -38.14 -8.90
N ARG B 51 -5.21 -37.41 -8.54
CA ARG B 51 -6.31 -37.08 -9.45
C ARG B 51 -6.38 -35.57 -9.59
N LEU B 52 -6.35 -35.09 -10.83
CA LEU B 52 -6.44 -33.66 -11.13
C LEU B 52 -7.80 -33.37 -11.74
N VAL B 53 -8.51 -32.39 -11.16
CA VAL B 53 -9.82 -31.98 -11.64
C VAL B 53 -9.80 -30.47 -11.82
N THR B 54 -10.26 -30.00 -12.98
CA THR B 54 -10.37 -28.59 -13.29
C THR B 54 -11.81 -28.27 -13.66
N ARG B 55 -12.39 -27.26 -13.02
CA ARG B 55 -13.80 -26.95 -13.16
C ARG B 55 -13.98 -25.51 -13.66
N TYR B 56 -14.85 -25.34 -14.66
CA TYR B 56 -15.27 -24.03 -15.12
C TYR B 56 -16.75 -23.87 -14.81
N ILE B 57 -17.08 -22.83 -14.03
CA ILE B 57 -18.42 -22.67 -13.47
C ILE B 57 -18.94 -21.28 -13.83
N TYR B 58 -20.17 -21.22 -14.35
CA TYR B 58 -20.89 -19.97 -14.55
C TYR B 58 -22.16 -19.98 -13.71
N ASN B 59 -22.23 -19.12 -12.70
CA ASN B 59 -23.37 -19.02 -11.79
C ASN B 59 -23.71 -20.37 -11.17
N ARG B 60 -22.75 -20.91 -10.42
CA ARG B 60 -22.88 -22.18 -9.71
C ARG B 60 -23.19 -23.35 -10.63
N GLU B 61 -23.00 -23.19 -11.94
CA GLU B 61 -23.23 -24.25 -12.92
C GLU B 61 -21.88 -24.62 -13.52
N GLU B 62 -21.36 -25.78 -13.14
CA GLU B 62 -20.13 -26.30 -13.77
C GLU B 62 -20.48 -26.80 -15.16
N TYR B 63 -19.95 -26.14 -16.19
CA TYR B 63 -20.26 -26.50 -17.57
C TYR B 63 -19.14 -27.24 -18.28
N LEU B 64 -17.90 -27.10 -17.82
CA LEU B 64 -16.75 -27.73 -18.45
C LEU B 64 -15.81 -28.23 -17.36
N ARG B 65 -15.33 -29.46 -17.52
CA ARG B 65 -14.47 -30.08 -16.52
C ARG B 65 -13.42 -30.94 -17.18
N PHE B 66 -12.18 -30.82 -16.71
CA PHE B 66 -11.13 -31.77 -17.00
C PHE B 66 -10.98 -32.72 -15.82
N ASP B 67 -10.92 -34.02 -16.10
CA ASP B 67 -10.73 -35.03 -15.08
C ASP B 67 -9.61 -35.95 -15.52
N SER B 68 -8.55 -36.02 -14.72
CA SER B 68 -7.40 -36.86 -15.10
C SER B 68 -7.78 -38.32 -15.19
N ASP B 69 -8.81 -38.75 -14.45
CA ASP B 69 -9.32 -40.11 -14.60
C ASP B 69 -9.94 -40.30 -15.97
N VAL B 70 -10.73 -39.32 -16.43
CA VAL B 70 -11.28 -39.38 -17.78
C VAL B 70 -10.17 -39.16 -18.81
N GLY B 71 -9.24 -38.25 -18.52
CA GLY B 71 -8.12 -38.00 -19.40
C GLY B 71 -8.33 -36.92 -20.44
N GLU B 72 -9.53 -36.33 -20.51
CA GLU B 72 -9.81 -35.30 -21.50
C GLU B 72 -10.87 -34.36 -20.95
N TYR B 73 -10.99 -33.20 -21.59
CA TYR B 73 -12.04 -32.26 -21.24
C TYR B 73 -13.40 -32.83 -21.62
N ARG B 74 -14.40 -32.53 -20.79
CA ARG B 74 -15.76 -33.00 -21.03
C ARG B 74 -16.73 -31.89 -20.67
N ALA B 75 -17.76 -31.72 -21.49
CA ALA B 75 -18.85 -30.83 -21.14
C ALA B 75 -19.65 -31.43 -20.00
N VAL B 76 -19.88 -30.65 -18.95
CA VAL B 76 -20.65 -31.14 -17.81
C VAL B 76 -22.13 -30.84 -17.98
N THR B 77 -22.43 -29.63 -18.40
CA THR B 77 -23.80 -29.24 -18.71
C THR B 77 -23.89 -28.76 -20.14
N GLU B 78 -25.07 -28.24 -20.43
CA GLU B 78 -25.38 -27.66 -21.74
C GLU B 78 -24.37 -26.58 -22.12
N LEU B 79 -24.01 -25.73 -21.17
CA LEU B 79 -23.22 -24.55 -21.47
C LEU B 79 -21.83 -24.86 -22.00
N GLY B 80 -21.34 -26.07 -21.78
CA GLY B 80 -19.98 -26.41 -22.18
C GLY B 80 -19.82 -27.23 -23.43
N ARG B 81 -20.89 -27.54 -24.15
CA ARG B 81 -20.71 -28.32 -25.37
C ARG B 81 -19.97 -27.52 -26.44
N HIS B 82 -20.19 -26.21 -26.51
CA HIS B 82 -19.48 -25.38 -27.49
C HIS B 82 -18.00 -25.22 -27.19
N SER B 83 -17.53 -25.64 -26.01
CA SER B 83 -16.14 -25.42 -25.61
C SER B 83 -15.35 -26.69 -25.31
N ALA B 84 -16.02 -27.84 -25.14
CA ALA B 84 -15.31 -29.04 -24.72
C ALA B 84 -14.28 -29.48 -25.74
N GLU B 85 -14.66 -29.50 -27.03
CA GLU B 85 -13.71 -29.92 -28.06
C GLU B 85 -12.59 -28.91 -28.23
N TYR B 86 -12.89 -27.63 -28.10
CA TYR B 86 -11.86 -26.60 -28.23
C TYR B 86 -10.78 -26.76 -27.16
N TYR B 87 -11.20 -26.97 -25.91
CA TYR B 87 -10.23 -27.15 -24.84
C TYR B 87 -9.38 -28.40 -25.06
N ASN B 88 -10.00 -29.46 -25.60
CA ASN B 88 -9.25 -30.68 -25.90
C ASN B 88 -8.32 -30.48 -27.09
N LYS B 89 -8.70 -29.60 -28.03
CA LYS B 89 -7.87 -29.36 -29.21
C LYS B 89 -6.76 -28.35 -28.95
N GLN B 90 -6.83 -27.58 -27.88
CA GLN B 90 -5.84 -26.54 -27.61
C GLN B 90 -5.05 -26.75 -26.32
N TYR B 91 -5.67 -27.27 -25.26
CA TYR B 91 -5.05 -27.31 -23.95
C TYR B 91 -4.89 -28.69 -23.36
N LEU B 92 -5.28 -29.76 -24.06
CA LEU B 92 -5.35 -31.08 -23.44
C LEU B 92 -3.99 -31.55 -22.95
N GLU B 93 -2.99 -31.55 -23.84
CA GLU B 93 -1.67 -32.10 -23.48
C GLU B 93 -1.04 -31.31 -22.35
N ARG B 94 -1.15 -29.98 -22.38
CA ARG B 94 -0.64 -29.16 -21.28
C ARG B 94 -1.39 -29.43 -19.99
N THR B 95 -2.71 -29.55 -20.06
CA THR B 95 -3.50 -29.77 -18.85
C THR B 95 -3.18 -31.11 -18.21
N ARG B 96 -2.99 -32.15 -19.03
CA ARG B 96 -2.64 -33.46 -18.48
C ARG B 96 -1.32 -33.42 -17.74
N ALA B 97 -0.33 -32.70 -18.27
CA ALA B 97 0.96 -32.58 -17.60
C ALA B 97 0.86 -31.88 -16.27
N GLU B 98 -0.20 -31.08 -16.04
CA GLU B 98 -0.34 -30.37 -14.78
C GLU B 98 -0.54 -31.32 -13.60
N LEU B 99 -0.89 -32.58 -13.84
CA LEU B 99 -0.97 -33.54 -12.74
C LEU B 99 0.38 -33.72 -12.08
N ASP B 100 1.44 -33.78 -12.88
CA ASP B 100 2.81 -33.86 -12.38
C ASP B 100 3.38 -32.46 -12.14
N THR B 101 3.18 -31.56 -13.11
CA THR B 101 3.80 -30.25 -13.05
C THR B 101 3.28 -29.43 -11.87
N ALA B 102 1.99 -29.56 -11.56
CA ALA B 102 1.38 -28.75 -10.50
C ALA B 102 1.00 -29.56 -9.27
N CYS B 103 0.17 -30.60 -9.44
CA CYS B 103 -0.33 -31.32 -8.27
C CYS B 103 0.78 -32.04 -7.53
N ARG B 104 1.60 -32.82 -8.25
CA ARG B 104 2.70 -33.52 -7.60
C ARG B 104 3.72 -32.55 -7.03
N HIS B 105 4.03 -31.49 -7.79
CA HIS B 105 5.02 -30.51 -7.33
C HIS B 105 4.54 -29.80 -6.07
N ASN B 106 3.29 -29.33 -6.07
CA ASN B 106 2.79 -28.57 -4.93
C ASN B 106 2.75 -29.44 -3.67
N TYR B 107 2.31 -30.70 -3.80
CA TYR B 107 2.24 -31.58 -2.65
C TYR B 107 3.62 -31.89 -2.09
N GLU B 108 4.54 -32.33 -2.94
CA GLU B 108 5.83 -32.81 -2.46
C GLU B 108 6.71 -31.67 -1.96
N GLU B 109 6.64 -30.51 -2.62
CA GLU B 109 7.57 -29.43 -2.32
C GLU B 109 7.04 -28.42 -1.30
N THR B 110 5.73 -28.22 -1.24
CA THR B 110 5.15 -27.17 -0.40
C THR B 110 4.22 -27.68 0.68
N GLU B 111 3.45 -28.74 0.42
CA GLU B 111 2.48 -29.18 1.41
C GLU B 111 3.12 -30.00 2.53
N VAL B 112 4.08 -30.88 2.21
CA VAL B 112 4.71 -31.72 3.24
C VAL B 112 5.41 -30.90 4.32
N PRO B 113 6.14 -29.82 4.03
CA PRO B 113 6.80 -29.10 5.12
C PRO B 113 5.92 -28.07 5.83
N THR B 114 4.72 -27.76 5.32
CA THR B 114 3.88 -26.77 5.98
C THR B 114 2.57 -27.36 6.47
N SER B 115 1.72 -27.91 5.60
CA SER B 115 0.39 -28.33 6.01
C SER B 115 0.38 -29.74 6.59
N LEU B 116 1.11 -30.66 5.95
CA LEU B 116 1.16 -32.05 6.39
C LEU B 116 2.04 -32.25 7.61
N ARG B 117 2.76 -31.21 8.05
CA ARG B 117 3.58 -31.25 9.24
C ARG B 117 2.95 -30.51 10.41
N ARG B 118 1.79 -29.89 10.21
CA ARG B 118 1.17 -29.13 11.28
C ARG B 118 0.61 -30.05 12.36
N LEU B 119 0.96 -29.76 13.61
CA LEU B 119 0.48 -30.52 14.76
C LEU B 119 0.14 -29.54 15.86
N GLU B 120 -1.14 -29.44 16.23
CA GLU B 120 -1.59 -28.58 17.30
C GLU B 120 -2.21 -29.43 18.40
N GLN B 121 -1.70 -29.29 19.62
CA GLN B 121 -2.18 -30.11 20.72
C GLN B 121 -3.55 -29.61 21.18
N PRO B 122 -4.51 -30.49 21.40
CA PRO B 122 -5.83 -30.05 21.86
C PRO B 122 -5.82 -29.57 23.30
N ASN B 123 -6.75 -28.67 23.60
CA ASN B 123 -6.98 -28.20 24.96
C ASN B 123 -8.31 -28.76 25.44
N VAL B 124 -8.28 -29.44 26.59
CA VAL B 124 -9.43 -30.17 27.09
C VAL B 124 -9.94 -29.51 28.36
N ALA B 125 -11.25 -29.34 28.47
CA ALA B 125 -11.87 -28.76 29.64
C ALA B 125 -13.26 -29.34 29.80
N ILE B 126 -13.70 -29.49 31.06
CA ILE B 126 -14.99 -30.07 31.39
C ILE B 126 -15.82 -29.02 32.11
N SER B 127 -17.12 -28.99 31.83
CA SER B 127 -18.06 -28.16 32.55
C SER B 127 -19.42 -28.83 32.54
N LEU B 128 -20.23 -28.49 33.54
CA LEU B 128 -21.59 -29.01 33.64
C LEU B 128 -22.57 -28.00 33.06
N SER B 129 -23.56 -28.51 32.32
CA SER B 129 -24.59 -27.66 31.73
C SER B 129 -25.73 -27.43 32.72
N ASN B 138 -28.50 -33.29 34.33
CA ASN B 138 -27.48 -32.38 33.80
C ASN B 138 -26.58 -33.10 32.80
N THR B 139 -25.74 -32.34 32.10
CA THR B 139 -24.88 -32.89 31.07
C THR B 139 -23.48 -32.30 31.20
N LEU B 140 -22.47 -33.17 31.23
CA LEU B 140 -21.09 -32.73 31.21
C LEU B 140 -20.64 -32.49 29.78
N VAL B 141 -20.07 -31.32 29.53
CA VAL B 141 -19.59 -30.93 28.20
C VAL B 141 -18.07 -30.91 28.22
N CYS B 142 -17.45 -31.88 27.56
CA CYS B 142 -16.01 -31.91 27.39
C CYS B 142 -15.66 -31.15 26.11
N SER B 143 -14.95 -30.02 26.27
CA SER B 143 -14.61 -29.15 25.15
C SER B 143 -13.17 -29.41 24.75
N VAL B 144 -12.99 -30.03 23.58
CA VAL B 144 -11.67 -30.28 23.00
C VAL B 144 -11.49 -29.30 21.86
N THR B 145 -10.50 -28.40 21.99
CA THR B 145 -10.41 -27.23 21.12
C THR B 145 -8.97 -27.04 20.64
N ASP B 146 -8.85 -26.30 19.53
CA ASP B 146 -7.58 -25.76 19.04
C ASP B 146 -6.61 -26.85 18.58
N PHE B 147 -7.11 -27.97 18.08
CA PHE B 147 -6.25 -29.06 17.65
C PHE B 147 -6.21 -29.14 16.12
N TYR B 148 -5.13 -29.74 15.62
CA TYR B 148 -4.92 -30.00 14.20
C TYR B 148 -3.91 -31.13 14.09
N PRO B 149 -4.11 -32.11 13.20
CA PRO B 149 -5.19 -32.25 12.22
C PRO B 149 -6.51 -32.76 12.80
N ALA B 150 -7.38 -33.27 11.93
CA ALA B 150 -8.74 -33.60 12.31
C ALA B 150 -8.84 -34.90 13.12
N LYS B 151 -7.91 -35.83 12.93
CA LYS B 151 -8.01 -37.13 13.58
C LYS B 151 -7.93 -36.98 15.09
N ILE B 152 -9.02 -37.35 15.76
CA ILE B 152 -9.10 -37.24 17.22
C ILE B 152 -10.05 -38.32 17.75
N LYS B 153 -9.75 -38.82 18.94
CA LYS B 153 -10.59 -39.77 19.65
C LYS B 153 -10.86 -39.21 21.05
N VAL B 154 -12.13 -39.04 21.39
CA VAL B 154 -12.53 -38.50 22.69
C VAL B 154 -13.54 -39.45 23.31
N ARG B 155 -13.28 -39.87 24.55
CA ARG B 155 -14.11 -40.84 25.23
C ARG B 155 -14.46 -40.35 26.62
N TRP B 156 -15.58 -40.84 27.15
CA TRP B 156 -16.06 -40.48 28.47
C TRP B 156 -15.93 -41.68 29.40
N PHE B 157 -15.38 -41.45 30.59
CA PHE B 157 -15.24 -42.49 31.60
C PHE B 157 -15.88 -42.04 32.91
N ARG B 158 -16.61 -42.95 33.54
CA ARG B 158 -17.22 -42.72 34.86
C ARG B 158 -16.69 -43.78 35.82
N ASN B 159 -15.87 -43.34 36.78
CA ASN B 159 -15.30 -44.24 37.79
C ASN B 159 -14.52 -45.38 37.13
N GLY B 160 -13.86 -45.09 36.01
CA GLY B 160 -13.01 -46.05 35.33
C GLY B 160 -13.66 -46.86 34.24
N GLN B 161 -14.97 -46.76 34.04
CA GLN B 161 -15.67 -47.50 33.00
C GLN B 161 -16.14 -46.55 31.91
N GLU B 162 -15.89 -46.92 30.66
CA GLU B 162 -16.25 -46.08 29.53
C GLU B 162 -17.77 -45.99 29.38
N GLU B 163 -18.27 -44.77 29.21
CA GLU B 163 -19.68 -44.52 28.97
C GLU B 163 -19.90 -44.26 27.48
N THR B 164 -20.88 -44.95 26.90
CA THR B 164 -21.21 -44.80 25.49
C THR B 164 -22.68 -44.48 25.27
N VAL B 165 -23.54 -45.02 26.15
CA VAL B 165 -24.99 -44.91 25.96
C VAL B 165 -25.45 -43.46 26.04
N GLY B 166 -24.96 -42.72 27.03
CA GLY B 166 -25.36 -41.34 27.20
C GLY B 166 -24.52 -40.31 26.49
N VAL B 167 -23.50 -40.74 25.76
CA VAL B 167 -22.57 -39.82 25.12
C VAL B 167 -23.11 -39.37 23.76
N SER B 168 -23.07 -38.06 23.53
CA SER B 168 -23.42 -37.45 22.26
C SER B 168 -22.34 -36.43 21.91
N SER B 169 -21.83 -36.51 20.68
CA SER B 169 -20.77 -35.63 20.22
C SER B 169 -21.28 -34.71 19.12
N THR B 170 -20.80 -33.48 19.12
CA THR B 170 -21.05 -32.59 17.99
C THR B 170 -20.21 -33.04 16.80
N GLN B 171 -20.59 -32.54 15.63
CA GLN B 171 -19.75 -32.73 14.46
C GLN B 171 -18.45 -31.96 14.63
N LEU B 172 -17.40 -32.44 13.97
CA LEU B 172 -16.12 -31.73 14.01
C LEU B 172 -16.32 -30.31 13.53
N ILE B 173 -15.86 -29.34 14.33
CA ILE B 173 -16.07 -27.93 14.05
C ILE B 173 -14.76 -27.35 13.53
N ARG B 174 -14.79 -26.83 12.31
CA ARG B 174 -13.63 -26.21 11.69
C ARG B 174 -13.68 -24.71 11.98
N ASN B 175 -12.70 -24.23 12.74
CA ASN B 175 -12.70 -22.82 13.15
C ASN B 175 -12.28 -21.88 12.02
N GLY B 176 -11.69 -22.41 10.95
CA GLY B 176 -11.20 -21.58 9.86
C GLY B 176 -9.83 -21.01 10.07
N ASP B 177 -9.20 -21.24 11.23
CA ASP B 177 -7.87 -20.76 11.53
C ASP B 177 -6.87 -21.92 11.60
N TRP B 178 -7.11 -22.98 10.84
CA TRP B 178 -6.30 -24.19 10.83
C TRP B 178 -6.30 -24.89 12.19
N THR B 179 -7.40 -24.74 12.93
CA THR B 179 -7.63 -25.50 14.15
C THR B 179 -9.05 -26.04 14.14
N PHE B 180 -9.24 -27.19 14.80
CA PHE B 180 -10.55 -27.80 14.95
C PHE B 180 -10.97 -27.76 16.41
N GLN B 181 -12.28 -27.93 16.63
CA GLN B 181 -12.80 -28.10 17.97
C GLN B 181 -13.98 -29.06 17.91
N VAL B 182 -14.22 -29.75 19.02
CA VAL B 182 -15.31 -30.71 19.12
C VAL B 182 -15.80 -30.73 20.55
N LEU B 183 -17.11 -30.85 20.73
CA LEU B 183 -17.73 -30.91 22.05
C LEU B 183 -18.35 -32.28 22.24
N VAL B 184 -18.03 -32.93 23.36
CA VAL B 184 -18.51 -34.27 23.68
C VAL B 184 -19.33 -34.18 24.95
N MET B 185 -20.59 -34.59 24.87
CA MET B 185 -21.52 -34.48 25.98
C MET B 185 -21.74 -35.84 26.63
N LEU B 186 -21.90 -35.83 27.96
CA LEU B 186 -22.28 -37.01 28.72
C LEU B 186 -23.44 -36.63 29.63
N GLU B 187 -24.58 -37.28 29.46
CA GLU B 187 -25.74 -37.04 30.31
C GLU B 187 -25.63 -37.92 31.54
N MET B 188 -25.63 -37.29 32.72
CA MET B 188 -25.38 -37.98 33.98
C MET B 188 -26.17 -37.31 35.08
N THR B 189 -26.12 -37.91 36.27
CA THR B 189 -26.65 -37.31 37.49
C THR B 189 -25.49 -37.16 38.46
N PRO B 190 -25.16 -35.94 38.89
CA PRO B 190 -23.99 -35.76 39.74
C PRO B 190 -24.23 -36.31 41.14
N HIS B 191 -23.28 -37.10 41.62
CA HIS B 191 -23.32 -37.69 42.95
C HIS B 191 -22.03 -37.32 43.69
N GLN B 192 -22.02 -37.62 45.00
CA GLN B 192 -21.02 -37.06 45.89
C GLN B 192 -19.60 -37.46 45.49
N GLY B 193 -19.35 -38.76 45.33
CA GLY B 193 -18.02 -39.25 45.11
C GLY B 193 -17.67 -39.70 43.71
N GLU B 194 -18.55 -39.45 42.73
CA GLU B 194 -18.27 -39.90 41.37
C GLU B 194 -17.16 -39.07 40.75
N VAL B 195 -16.36 -39.72 39.91
CA VAL B 195 -15.31 -39.07 39.12
C VAL B 195 -15.62 -39.30 37.65
N TYR B 196 -15.69 -38.22 36.89
CA TYR B 196 -15.89 -38.28 35.44
C TYR B 196 -14.63 -37.79 34.74
N THR B 197 -14.14 -38.59 33.80
CA THR B 197 -12.87 -38.31 33.13
C THR B 197 -13.10 -38.25 31.63
N CYS B 198 -12.56 -37.21 30.99
CA CYS B 198 -12.58 -37.06 29.55
C CYS B 198 -11.25 -37.52 28.99
N HIS B 199 -11.28 -38.45 28.05
CA HIS B 199 -10.10 -39.10 27.51
C HIS B 199 -9.93 -38.70 26.05
N VAL B 200 -8.80 -38.08 25.72
CA VAL B 200 -8.55 -37.53 24.40
C VAL B 200 -7.24 -38.08 23.86
N GLU B 201 -7.28 -38.57 22.63
CA GLU B 201 -6.09 -39.03 21.91
C GLU B 201 -5.96 -38.23 20.61
N HIS B 202 -4.73 -37.85 20.28
CA HIS B 202 -4.47 -37.05 19.11
C HIS B 202 -3.07 -37.38 18.58
N PRO B 203 -2.84 -37.24 17.27
CA PRO B 203 -1.48 -37.48 16.75
C PRO B 203 -0.43 -36.57 17.35
N SER B 204 -0.80 -35.40 17.86
CA SER B 204 0.15 -34.49 18.48
C SER B 204 0.45 -34.84 19.93
N LEU B 205 -0.10 -35.93 20.45
CA LEU B 205 0.08 -36.32 21.84
C LEU B 205 0.86 -37.62 21.89
N LYS B 206 1.98 -37.61 22.63
CA LYS B 206 2.68 -38.87 22.93
C LYS B 206 1.83 -39.76 23.82
N SER B 207 1.15 -39.18 24.81
CA SER B 207 0.27 -39.88 25.72
C SER B 207 -1.06 -39.15 25.80
N PRO B 208 -2.15 -39.86 26.10
CA PRO B 208 -3.46 -39.22 26.13
C PRO B 208 -3.57 -38.18 27.23
N ILE B 209 -4.45 -37.21 27.01
CA ILE B 209 -4.78 -36.19 28.00
C ILE B 209 -5.98 -36.65 28.81
N THR B 210 -5.89 -36.50 30.13
CA THR B 210 -6.97 -36.86 31.03
C THR B 210 -7.32 -35.68 31.91
N VAL B 211 -8.60 -35.36 32.00
CA VAL B 211 -9.11 -34.32 32.89
C VAL B 211 -10.30 -34.89 33.65
N GLU B 212 -10.25 -34.83 34.98
CA GLU B 212 -11.28 -35.37 35.83
C GLU B 212 -12.24 -34.28 36.28
N TRP B 213 -13.48 -34.67 36.56
CA TRP B 213 -14.49 -33.76 37.08
C TRP B 213 -15.20 -34.42 38.26
N ARG B 214 -15.37 -33.66 39.34
CA ARG B 214 -16.08 -34.13 40.51
C ARG B 214 -17.00 -33.03 41.02
N ALA B 215 -18.02 -33.44 41.78
CA ALA B 215 -18.97 -32.49 42.36
C ALA B 215 -18.32 -31.69 43.47
N ILE C 4 17.70 0.56 36.82
CA ILE C 4 16.37 0.58 37.39
C ILE C 4 15.79 -0.82 37.45
N GLU C 5 15.56 -1.31 38.67
CA GLU C 5 15.02 -2.64 38.89
C GLU C 5 13.49 -2.58 38.94
N ALA C 6 12.86 -3.45 38.16
CA ALA C 6 11.40 -3.51 38.14
C ALA C 6 10.96 -4.89 37.68
N ASP C 7 9.72 -5.24 38.01
CA ASP C 7 9.16 -6.53 37.58
C ASP C 7 8.98 -6.58 36.08
N HIS C 8 8.49 -5.50 35.48
CA HIS C 8 8.25 -5.43 34.05
C HIS C 8 8.59 -4.04 33.55
N VAL C 9 9.04 -3.97 32.30
CA VAL C 9 9.42 -2.71 31.66
C VAL C 9 8.69 -2.59 30.34
N GLY C 10 8.05 -1.45 30.14
CA GLY C 10 7.40 -1.17 28.87
C GLY C 10 8.05 -0.01 28.14
N PHE C 11 8.42 -0.21 26.89
CA PHE C 11 8.98 0.85 26.06
C PHE C 11 7.87 1.39 25.17
N TYR C 12 7.38 2.58 25.50
CA TYR C 12 6.29 3.22 24.76
C TYR C 12 6.78 4.56 24.23
N GLY C 13 6.51 4.82 22.96
CA GLY C 13 6.96 6.04 22.34
C GLY C 13 8.36 6.00 21.77
N THR C 14 9.01 4.84 21.73
CA THR C 14 10.37 4.75 21.25
C THR C 14 10.47 5.28 19.83
N THR C 15 11.21 6.37 19.63
CA THR C 15 11.31 7.03 18.34
C THR C 15 12.77 7.25 17.97
N VAL C 16 13.10 6.95 16.71
CA VAL C 16 14.43 7.19 16.16
C VAL C 16 14.27 7.93 14.85
N TYR C 17 15.07 9.00 14.67
CA TYR C 17 15.07 9.73 13.42
C TYR C 17 16.52 10.05 13.03
N GLN C 18 16.78 10.05 11.73
CA GLN C 18 18.11 10.26 11.19
C GLN C 18 18.08 11.28 10.06
N SER C 19 19.16 12.04 9.95
CA SER C 19 19.39 12.94 8.84
C SER C 19 20.83 12.78 8.35
N PRO C 20 21.06 12.82 7.03
CA PRO C 20 20.09 13.00 5.95
C PRO C 20 19.42 11.70 5.53
N GLY C 21 18.43 11.76 4.64
CA GLY C 21 17.76 10.60 4.11
C GLY C 21 16.36 10.40 4.64
N ASP C 22 15.98 11.08 5.72
CA ASP C 22 14.64 10.97 6.30
C ASP C 22 14.33 9.54 6.74
N ILE C 23 15.24 8.96 7.52
CA ILE C 23 15.07 7.61 8.05
C ILE C 23 14.45 7.71 9.43
N GLY C 24 13.29 7.08 9.61
CA GLY C 24 12.60 7.12 10.88
C GLY C 24 12.09 5.75 11.28
N GLN C 25 11.93 5.58 12.60
CA GLN C 25 11.39 4.34 13.14
C GLN C 25 10.60 4.65 14.40
N TYR C 26 9.50 3.91 14.59
CA TYR C 26 8.70 3.98 15.80
C TYR C 26 8.31 2.57 16.22
N THR C 27 8.60 2.23 17.47
CA THR C 27 8.33 0.89 17.98
C THR C 27 7.83 0.95 19.41
N HIS C 28 7.21 -0.15 19.84
CA HIS C 28 6.86 -0.38 21.23
C HIS C 28 7.45 -1.72 21.66
N GLU C 29 7.83 -1.83 22.92
CA GLU C 29 8.41 -3.05 23.45
C GLU C 29 7.87 -3.34 24.84
N PHE C 30 7.91 -4.62 25.22
CA PHE C 30 7.61 -5.03 26.59
C PHE C 30 8.61 -6.11 26.99
N ASP C 31 9.36 -5.85 28.06
CA ASP C 31 10.35 -6.78 28.58
C ASP C 31 11.34 -7.23 27.51
N GLY C 32 11.75 -6.27 26.67
CA GLY C 32 12.78 -6.51 25.68
C GLY C 32 12.33 -7.11 24.38
N ASP C 33 11.02 -7.27 24.16
CA ASP C 33 10.50 -7.85 22.93
C ASP C 33 9.62 -6.83 22.22
N GLU C 34 9.77 -6.76 20.89
CA GLU C 34 9.05 -5.79 20.09
C GLU C 34 7.56 -6.10 20.09
N LEU C 35 6.75 -5.15 20.58
CA LEU C 35 5.30 -5.30 20.46
C LEU C 35 4.84 -5.04 19.04
N PHE C 36 5.22 -3.89 18.48
CA PHE C 36 4.85 -3.54 17.12
C PHE C 36 5.79 -2.45 16.62
N TYR C 37 5.76 -2.23 15.32
CA TYR C 37 6.35 -1.05 14.70
C TYR C 37 5.30 -0.40 13.81
N VAL C 38 5.50 0.88 13.51
CA VAL C 38 4.60 1.64 12.66
C VAL C 38 5.26 1.82 11.30
N ASP C 39 4.66 1.24 10.27
CA ASP C 39 5.12 1.43 8.90
C ASP C 39 4.85 2.89 8.52
N LEU C 40 5.89 3.71 8.53
CA LEU C 40 5.71 5.14 8.31
C LEU C 40 5.23 5.43 6.89
N ASP C 41 5.70 4.66 5.91
CA ASP C 41 5.27 4.88 4.53
C ASP C 41 3.80 4.49 4.34
N LYS C 42 3.41 3.32 4.86
CA LYS C 42 2.04 2.84 4.71
C LYS C 42 1.11 3.32 5.82
N LYS C 43 1.65 3.97 6.86
CA LYS C 43 0.85 4.48 7.97
C LYS C 43 -0.03 3.40 8.58
N LYS C 44 0.59 2.26 8.90
CA LYS C 44 -0.12 1.13 9.46
C LYS C 44 0.70 0.52 10.61
N THR C 45 0.00 0.12 11.67
CA THR C 45 0.64 -0.57 12.78
C THR C 45 0.83 -2.04 12.44
N VAL C 46 2.03 -2.55 12.69
CA VAL C 46 2.39 -3.93 12.35
C VAL C 46 2.84 -4.60 13.65
N TRP C 47 1.98 -5.44 14.21
CA TRP C 47 2.28 -6.12 15.47
C TRP C 47 3.16 -7.34 15.21
N ARG C 48 4.15 -7.54 16.08
CA ARG C 48 5.02 -8.70 15.97
C ARG C 48 4.23 -9.99 16.17
N LEU C 49 3.32 -10.00 17.15
CA LEU C 49 2.39 -11.12 17.32
C LEU C 49 1.02 -10.64 16.87
N PRO C 50 0.52 -11.10 15.72
CA PRO C 50 -0.76 -10.55 15.20
C PRO C 50 -1.92 -10.71 16.15
N GLU C 51 -1.92 -11.74 17.00
CA GLU C 51 -2.99 -11.91 17.98
C GLU C 51 -3.06 -10.71 18.92
N PHE C 52 -1.91 -10.11 19.25
CA PHE C 52 -1.91 -8.92 20.10
C PHE C 52 -2.65 -7.77 19.43
N GLY C 53 -2.40 -7.56 18.13
CA GLY C 53 -3.05 -6.47 17.42
C GLY C 53 -4.53 -6.67 17.20
N GLN C 54 -5.00 -7.92 17.20
CA GLN C 54 -6.43 -8.18 17.12
C GLN C 54 -7.14 -7.84 18.42
N LEU C 55 -6.38 -7.69 19.52
CA LEU C 55 -6.94 -7.34 20.81
C LEU C 55 -6.68 -5.90 21.21
N ILE C 56 -5.53 -5.34 20.83
CA ILE C 56 -5.09 -4.03 21.28
C ILE C 56 -4.96 -3.12 20.07
N LEU C 57 -5.54 -1.93 20.15
CA LEU C 57 -5.46 -0.93 19.10
C LEU C 57 -4.35 0.08 19.42
N PHE C 58 -3.48 0.31 18.45
CA PHE C 58 -2.58 1.47 18.46
C PHE C 58 -2.76 2.20 17.15
N GLU C 59 -3.34 3.39 17.22
CA GLU C 59 -3.50 4.21 16.02
C GLU C 59 -2.13 4.67 15.54
N PRO C 60 -1.79 4.47 14.26
CA PRO C 60 -0.45 4.86 13.78
C PRO C 60 -0.20 6.36 13.83
N GLN C 61 -1.22 7.17 14.11
CA GLN C 61 -1.02 8.61 14.23
C GLN C 61 -0.02 8.93 15.33
N GLY C 62 -0.05 8.17 16.43
CA GLY C 62 0.91 8.38 17.49
C GLY C 62 2.34 8.17 17.04
N GLY C 63 2.57 7.18 16.17
CA GLY C 63 3.89 6.99 15.61
C GLY C 63 4.31 8.12 14.70
N LEU C 64 3.41 8.56 13.82
CA LEU C 64 3.73 9.65 12.90
C LEU C 64 3.99 10.95 13.64
N GLN C 65 3.19 11.23 14.68
CA GLN C 65 3.36 12.47 15.42
C GLN C 65 4.73 12.53 16.10
N ASN C 66 5.15 11.43 16.71
CA ASN C 66 6.44 11.40 17.38
C ASN C 66 7.59 11.43 16.38
N ILE C 67 7.40 10.84 15.19
CA ILE C 67 8.39 10.97 14.12
C ILE C 67 8.56 12.44 13.75
N ALA C 68 7.44 13.15 13.58
CA ALA C 68 7.48 14.56 13.18
C ALA C 68 8.15 15.41 14.25
N ALA C 69 7.82 15.17 15.52
CA ALA C 69 8.43 15.95 16.59
C ALA C 69 9.92 15.69 16.71
N GLU C 70 10.36 14.46 16.44
CA GLU C 70 11.78 14.16 16.46
C GLU C 70 12.52 14.79 15.29
N LYS C 71 11.83 14.98 14.15
CA LYS C 71 12.41 15.76 13.07
C LYS C 71 12.76 17.16 13.54
N HIS C 72 11.84 17.79 14.28
CA HIS C 72 12.13 19.10 14.85
C HIS C 72 13.24 19.03 15.87
N ASN C 73 13.23 18.01 16.74
CA ASN C 73 14.24 17.90 17.79
C ASN C 73 15.62 17.66 17.19
N LEU C 74 15.72 16.84 16.15
CA LEU C 74 17.01 16.57 15.54
C LEU C 74 17.62 17.85 14.97
N GLY C 75 16.80 18.68 14.32
CA GLY C 75 17.31 19.93 13.80
C GLY C 75 17.83 20.85 14.89
N CYS C 76 17.10 20.93 16.01
CA CYS C 76 17.54 21.78 17.12
C CYS C 76 18.86 21.30 17.70
N LEU C 77 18.96 19.99 17.96
CA LEU C 77 20.14 19.47 18.63
C LEU C 77 21.35 19.43 17.70
N THR C 78 21.14 19.22 16.40
CA THR C 78 22.25 19.26 15.45
C THR C 78 22.89 20.64 15.42
N LYS C 79 22.06 21.69 15.38
CA LYS C 79 22.58 23.05 15.41
C LYS C 79 23.24 23.36 16.76
N ARG C 80 22.62 22.93 17.86
CA ARG C 80 23.15 23.23 19.18
C ARG C 80 24.49 22.55 19.41
N SER C 81 24.65 21.31 18.93
CA SER C 81 25.88 20.57 19.09
C SER C 81 26.97 20.98 18.11
N ASN C 82 26.79 22.10 17.40
CA ASN C 82 27.72 22.54 16.36
C ASN C 82 27.91 21.46 15.31
N PHE C 83 26.81 20.78 14.95
CA PHE C 83 26.80 19.76 13.92
C PHE C 83 27.79 18.63 14.23
N THR C 84 27.75 18.15 15.47
CA THR C 84 28.56 17.00 15.85
C THR C 84 27.94 15.75 15.23
N PRO C 85 28.62 15.07 14.32
CA PRO C 85 28.01 13.91 13.66
C PRO C 85 28.08 12.65 14.51
N ALA C 86 27.20 11.72 14.19
CA ALA C 86 27.23 10.41 14.83
C ALA C 86 28.47 9.63 14.40
N THR C 87 29.01 8.85 15.33
CA THR C 87 30.16 8.00 15.08
C THR C 87 29.69 6.57 14.82
N ASN C 88 30.16 5.98 13.72
CA ASN C 88 29.71 4.66 13.31
C ASN C 88 30.43 3.59 14.11
N GLU C 89 29.66 2.82 14.88
CA GLU C 89 30.20 1.71 15.65
C GLU C 89 30.27 0.45 14.77
N ALA C 90 31.07 -0.52 15.23
CA ALA C 90 31.23 -1.76 14.51
C ALA C 90 30.25 -2.80 15.06
N PRO C 91 29.26 -3.23 14.29
CA PRO C 91 28.32 -4.24 14.81
C PRO C 91 28.97 -5.60 14.97
N GLN C 92 28.44 -6.37 15.91
CA GLN C 92 28.84 -7.75 16.14
C GLN C 92 27.67 -8.67 15.85
N ALA C 93 27.95 -9.80 15.21
CA ALA C 93 26.91 -10.71 14.74
C ALA C 93 27.12 -12.10 15.33
N THR C 94 26.02 -12.83 15.46
CA THR C 94 26.04 -14.19 16.00
C THR C 94 24.91 -14.99 15.35
N VAL C 95 25.23 -16.19 14.88
CA VAL C 95 24.27 -17.06 14.22
C VAL C 95 24.02 -18.27 15.11
N PHE C 96 22.74 -18.57 15.34
CA PHE C 96 22.34 -19.71 16.16
C PHE C 96 20.97 -20.16 15.71
N PRO C 97 20.64 -21.44 15.85
CA PRO C 97 19.31 -21.92 15.44
C PRO C 97 18.28 -21.73 16.53
N LYS C 98 17.04 -21.51 16.10
CA LYS C 98 15.92 -21.35 17.03
C LYS C 98 15.66 -22.63 17.80
N SER C 99 15.73 -23.77 17.11
CA SER C 99 15.46 -25.09 17.67
C SER C 99 16.57 -26.03 17.22
N PRO C 100 16.78 -27.15 17.94
CA PRO C 100 17.81 -28.09 17.52
C PRO C 100 17.59 -28.55 16.08
N VAL C 101 18.68 -28.65 15.33
CA VAL C 101 18.64 -28.87 13.90
C VAL C 101 18.53 -30.37 13.63
N LEU C 102 17.42 -30.76 13.00
CA LEU C 102 17.22 -32.12 12.50
C LEU C 102 17.01 -32.04 10.99
N LEU C 103 17.70 -32.91 10.26
CA LEU C 103 17.62 -32.88 8.80
C LEU C 103 16.18 -33.13 8.33
N GLY C 104 15.68 -32.24 7.48
CA GLY C 104 14.37 -32.37 6.88
C GLY C 104 13.26 -31.60 7.56
N GLN C 105 13.42 -31.28 8.85
CA GLN C 105 12.35 -30.51 9.51
C GLN C 105 12.64 -29.02 9.39
N PRO C 106 11.68 -28.20 8.97
CA PRO C 106 11.93 -26.77 8.84
C PRO C 106 12.39 -26.14 10.15
N ASN C 107 13.36 -25.23 10.04
CA ASN C 107 13.93 -24.54 11.19
C ASN C 107 14.14 -23.08 10.80
N THR C 108 14.75 -22.32 11.70
CA THR C 108 15.00 -20.90 11.47
C THR C 108 16.41 -20.55 11.91
N LEU C 109 17.18 -19.95 11.00
CA LEU C 109 18.50 -19.43 11.32
C LEU C 109 18.36 -18.00 11.82
N ILE C 110 18.90 -17.72 13.00
CA ILE C 110 18.79 -16.42 13.64
C ILE C 110 20.15 -15.76 13.62
N CYS C 111 20.25 -14.59 12.98
CA CYS C 111 21.45 -13.76 13.01
C CYS C 111 21.20 -12.61 13.96
N PHE C 112 21.82 -12.67 15.14
CA PHE C 112 21.68 -11.62 16.15
C PHE C 112 22.83 -10.63 15.99
N VAL C 113 22.51 -9.42 15.56
CA VAL C 113 23.50 -8.37 15.34
C VAL C 113 23.30 -7.31 16.41
N ASP C 114 24.36 -7.04 17.17
CA ASP C 114 24.32 -6.08 18.28
C ASP C 114 25.26 -4.93 18.00
N ASN C 115 25.18 -3.91 18.87
CA ASN C 115 26.03 -2.71 18.79
C ASN C 115 25.90 -2.03 17.43
N ILE C 116 24.66 -1.80 17.01
CA ILE C 116 24.36 -1.13 15.75
C ILE C 116 24.14 0.35 16.04
N PHE C 117 25.01 1.19 15.51
CA PHE C 117 24.77 2.63 15.49
C PHE C 117 25.60 3.31 14.41
N PRO C 118 24.98 4.15 13.57
CA PRO C 118 23.56 4.51 13.57
C PRO C 118 22.70 3.38 13.00
N PRO C 119 21.39 3.35 13.29
CA PRO C 119 20.56 2.24 12.80
C PRO C 119 20.34 2.27 11.29
N VAL C 120 21.42 2.05 10.54
CA VAL C 120 21.37 1.71 9.12
C VAL C 120 22.27 0.50 8.93
N ILE C 121 21.70 -0.58 8.39
CA ILE C 121 22.43 -1.84 8.30
C ILE C 121 21.86 -2.66 7.15
N ASN C 122 22.74 -3.45 6.53
CA ASN C 122 22.35 -4.46 5.56
C ASN C 122 22.67 -5.83 6.16
N ILE C 123 21.64 -6.57 6.53
CA ILE C 123 21.79 -7.96 6.99
C ILE C 123 21.21 -8.86 5.92
N THR C 124 22.06 -9.70 5.33
CA THR C 124 21.65 -10.58 4.24
C THR C 124 22.20 -11.96 4.48
N TRP C 125 21.53 -12.96 3.91
CA TRP C 125 21.87 -14.36 4.08
C TRP C 125 22.48 -14.91 2.80
N LEU C 126 23.44 -15.81 2.96
CA LEU C 126 24.12 -16.46 1.84
C LEU C 126 23.90 -17.96 1.93
N ARG C 127 23.37 -18.55 0.86
CA ARG C 127 23.24 -19.99 0.72
C ARG C 127 24.15 -20.43 -0.41
N ASN C 128 25.16 -21.23 -0.09
CA ASN C 128 26.23 -21.58 -1.03
C ASN C 128 26.90 -20.33 -1.59
N SER C 129 27.10 -19.34 -0.72
CA SER C 129 27.71 -18.05 -1.03
C SER C 129 26.87 -17.21 -1.98
N LYS C 130 25.64 -17.61 -2.28
CA LYS C 130 24.72 -16.83 -3.09
C LYS C 130 23.60 -16.27 -2.22
N SER C 131 23.15 -15.07 -2.57
CA SER C 131 22.19 -14.36 -1.74
C SER C 131 20.81 -14.99 -1.81
N VAL C 132 20.13 -15.06 -0.68
CA VAL C 132 18.79 -15.64 -0.57
C VAL C 132 17.80 -14.51 -0.36
N THR C 133 16.77 -14.48 -1.21
CA THR C 133 15.75 -13.43 -1.14
C THR C 133 14.50 -13.88 -0.38
N ASP C 134 13.98 -15.07 -0.68
CA ASP C 134 12.78 -15.55 -0.03
C ASP C 134 13.11 -16.12 1.35
N GLY C 135 12.08 -16.18 2.20
CA GLY C 135 12.24 -16.77 3.51
C GLY C 135 13.04 -15.96 4.50
N VAL C 136 13.14 -14.65 4.30
CA VAL C 136 13.96 -13.79 5.14
C VAL C 136 13.04 -12.78 5.84
N TYR C 137 13.20 -12.65 7.15
CA TYR C 137 12.48 -11.67 7.94
C TYR C 137 13.43 -11.12 9.01
N GLU C 138 13.32 -9.83 9.30
CA GLU C 138 14.14 -9.23 10.34
C GLU C 138 13.28 -8.32 11.20
N THR C 139 13.69 -8.17 12.46
CA THR C 139 12.99 -7.32 13.41
C THR C 139 13.32 -5.85 13.16
N SER C 140 12.62 -4.98 13.89
CA SER C 140 12.97 -3.58 13.91
C SER C 140 14.26 -3.38 14.69
N PHE C 141 14.85 -2.19 14.52
CA PHE C 141 16.00 -1.82 15.36
C PHE C 141 15.57 -1.75 16.81
N LEU C 142 16.04 -2.68 17.63
CA LEU C 142 15.66 -2.72 19.03
C LEU C 142 16.69 -1.99 19.89
N VAL C 143 16.19 -1.25 20.88
CA VAL C 143 17.01 -0.28 21.59
C VAL C 143 17.84 -0.97 22.66
N ASN C 144 19.04 -0.42 22.90
CA ASN C 144 19.94 -0.85 23.94
C ASN C 144 20.11 0.24 24.99
N ARG C 145 20.52 -0.18 26.19
CA ARG C 145 20.68 0.76 27.29
C ARG C 145 21.77 1.81 27.01
N ASP C 146 22.73 1.49 26.14
CA ASP C 146 23.75 2.45 25.75
C ASP C 146 23.37 3.24 24.50
N HIS C 147 22.10 3.18 24.10
CA HIS C 147 21.51 3.94 23.01
C HIS C 147 22.02 3.52 21.63
N SER C 148 22.67 2.38 21.54
CA SER C 148 22.88 1.72 20.27
C SER C 148 21.65 0.84 19.99
N PHE C 149 21.71 0.04 18.94
CA PHE C 149 20.59 -0.82 18.59
C PHE C 149 21.09 -2.24 18.28
N HIS C 150 20.16 -3.19 18.35
CA HIS C 150 20.43 -4.55 17.92
C HIS C 150 19.28 -5.03 17.04
N LYS C 151 19.63 -5.83 16.04
CA LYS C 151 18.67 -6.33 15.07
C LYS C 151 18.87 -7.83 14.87
N LEU C 152 17.77 -8.55 14.69
CA LEU C 152 17.79 -9.99 14.48
C LEU C 152 17.20 -10.28 13.11
N SER C 153 17.87 -11.15 12.35
CA SER C 153 17.40 -11.59 11.05
C SER C 153 17.10 -13.07 11.09
N TYR C 154 16.03 -13.48 10.41
CA TYR C 154 15.58 -14.86 10.42
C TYR C 154 15.55 -15.40 8.99
N LEU C 155 16.16 -16.55 8.77
CA LEU C 155 16.08 -17.27 7.51
C LEU C 155 15.40 -18.61 7.77
N THR C 156 14.22 -18.79 7.19
CA THR C 156 13.52 -20.06 7.29
C THR C 156 14.06 -21.00 6.22
N PHE C 157 14.49 -22.19 6.65
CA PHE C 157 15.19 -23.11 5.76
C PHE C 157 14.87 -24.54 6.14
N ILE C 158 15.15 -25.44 5.21
CA ILE C 158 15.08 -26.88 5.45
C ILE C 158 16.53 -27.39 5.54
N PRO C 159 16.97 -27.85 6.71
CA PRO C 159 18.36 -28.31 6.85
C PRO C 159 18.68 -29.45 5.90
N SER C 160 19.89 -29.38 5.32
CA SER C 160 20.34 -30.38 4.38
C SER C 160 21.84 -30.56 4.56
N ASP C 161 22.33 -31.74 4.14
CA ASP C 161 23.76 -32.03 4.24
C ASP C 161 24.58 -31.12 3.33
N ASP C 162 24.09 -30.85 2.13
CA ASP C 162 24.83 -30.11 1.10
C ASP C 162 24.45 -28.64 1.08
N ASP C 163 24.29 -28.02 2.24
CA ASP C 163 23.92 -26.61 2.35
C ASP C 163 24.64 -25.99 3.54
N ILE C 164 25.41 -24.94 3.29
CA ILE C 164 26.05 -24.15 4.34
C ILE C 164 25.60 -22.69 4.19
N TYR C 165 25.41 -22.02 5.32
CA TYR C 165 24.79 -20.71 5.33
C TYR C 165 25.73 -19.67 5.93
N ASP C 166 25.60 -18.44 5.43
CA ASP C 166 26.37 -17.30 5.91
C ASP C 166 25.44 -16.12 6.14
N CYS C 167 25.67 -15.39 7.23
CA CYS C 167 24.97 -14.14 7.51
C CYS C 167 25.95 -13.00 7.27
N LYS C 168 25.67 -12.18 6.26
CA LYS C 168 26.54 -11.08 5.87
C LYS C 168 26.00 -9.77 6.43
N VAL C 169 26.86 -9.01 7.11
CA VAL C 169 26.49 -7.75 7.74
C VAL C 169 27.28 -6.64 7.07
N GLU C 170 26.58 -5.59 6.63
CA GLU C 170 27.20 -4.43 6.00
C GLU C 170 26.79 -3.18 6.76
N HIS C 171 27.78 -2.42 7.23
CA HIS C 171 27.54 -1.23 8.02
C HIS C 171 28.64 -0.22 7.72
N TRP C 172 28.31 1.07 7.90
CA TRP C 172 29.28 2.13 7.67
C TRP C 172 30.48 2.01 8.61
N GLY C 173 30.29 1.41 9.77
CA GLY C 173 31.34 1.31 10.77
C GLY C 173 32.17 0.05 10.67
N LEU C 174 32.08 -0.65 9.55
CA LEU C 174 32.85 -1.86 9.30
C LEU C 174 33.71 -1.65 8.06
N GLU C 175 35.02 -1.89 8.21
CA GLU C 175 35.92 -1.74 7.07
C GLU C 175 35.58 -2.73 5.96
N GLU C 176 35.30 -3.97 6.32
CA GLU C 176 34.87 -5.01 5.39
C GLU C 176 33.61 -5.67 5.91
N PRO C 177 32.75 -6.18 5.02
CA PRO C 177 31.55 -6.87 5.49
C PRO C 177 31.90 -8.06 6.37
N VAL C 178 31.12 -8.24 7.42
CA VAL C 178 31.31 -9.33 8.38
C VAL C 178 30.38 -10.48 7.97
N LEU C 179 30.94 -11.68 7.88
CA LEU C 179 30.18 -12.89 7.58
C LEU C 179 30.35 -13.88 8.72
N LYS C 180 29.24 -14.34 9.28
CA LYS C 180 29.24 -15.35 10.33
C LYS C 180 28.69 -16.64 9.73
N HIS C 181 29.48 -17.72 9.80
CA HIS C 181 29.15 -18.96 9.14
C HIS C 181 28.41 -19.91 10.09
N TRP C 182 27.58 -20.76 9.50
CA TRP C 182 26.89 -21.81 10.25
C TRP C 182 26.69 -23.02 9.35
N GLU C 183 26.97 -24.20 9.90
CA GLU C 183 26.81 -25.47 9.22
C GLU C 183 26.21 -26.48 10.18
N PRO C 184 25.45 -27.46 9.67
CA PRO C 184 24.92 -28.51 10.55
C PRO C 184 25.96 -29.58 10.89
N ARG D 31 28.51 11.62 7.19
CA ARG D 31 28.14 12.61 8.19
C ARG D 31 26.64 12.54 8.49
N HIS D 32 26.29 11.74 9.49
CA HIS D 32 24.90 11.49 9.83
C HIS D 32 24.61 11.93 11.25
N PHE D 33 23.38 12.38 11.49
CA PHE D 33 22.94 12.85 12.79
C PHE D 33 21.68 12.10 13.19
N VAL D 34 21.61 11.69 14.46
CA VAL D 34 20.55 10.85 14.96
C VAL D 34 19.94 11.48 16.21
N HIS D 35 18.62 11.45 16.30
CA HIS D 35 17.90 11.83 17.51
C HIS D 35 16.99 10.69 17.95
N GLN D 36 16.96 10.44 19.25
CA GLN D 36 16.15 9.37 19.82
C GLN D 36 15.25 9.92 20.92
N PHE D 37 14.04 9.38 21.01
CA PHE D 37 13.15 9.61 22.13
C PHE D 37 12.79 8.26 22.74
N LYS D 38 12.96 8.14 24.06
CA LYS D 38 12.70 6.89 24.77
C LYS D 38 11.76 7.17 25.94
N GLY D 39 10.53 6.66 25.84
CA GLY D 39 9.60 6.65 26.96
C GLY D 39 9.59 5.26 27.57
N GLU D 40 9.80 5.22 28.89
CA GLU D 40 9.95 3.96 29.60
C GLU D 40 9.06 3.96 30.83
N CYS D 41 8.29 2.89 31.00
CA CYS D 41 7.47 2.67 32.18
C CYS D 41 7.99 1.43 32.91
N TYR D 42 8.28 1.59 34.19
CA TYR D 42 8.81 0.51 35.01
C TYR D 42 7.74 0.08 36.01
N PHE D 43 7.42 -1.21 36.02
CA PHE D 43 6.33 -1.75 36.81
C PHE D 43 6.86 -2.74 37.83
N THR D 44 6.37 -2.61 39.06
CA THR D 44 6.71 -3.52 40.15
C THR D 44 5.46 -3.74 41.00
N ASN D 45 5.19 -5.00 41.34
CA ASN D 45 4.03 -5.37 42.16
C ASN D 45 2.74 -4.90 41.50
N GLY D 46 2.48 -5.44 40.31
CA GLY D 46 1.36 -4.98 39.52
C GLY D 46 1.59 -3.55 39.10
N THR D 47 0.65 -2.67 39.46
CA THR D 47 0.80 -1.24 39.25
C THR D 47 0.88 -0.48 40.58
N GLN D 48 1.30 -1.15 41.65
CA GLN D 48 1.43 -0.48 42.93
C GLN D 48 2.57 0.53 42.94
N ARG D 49 3.65 0.23 42.21
CA ARG D 49 4.79 1.15 42.08
C ARG D 49 5.11 1.27 40.59
N ILE D 50 4.93 2.47 40.05
CA ILE D 50 5.20 2.76 38.65
C ILE D 50 6.25 3.87 38.59
N ARG D 51 7.28 3.67 37.77
CA ARG D 51 8.29 4.69 37.51
C ARG D 51 8.26 5.05 36.04
N LEU D 52 8.13 6.34 35.75
CA LEU D 52 8.11 6.84 34.38
C LEU D 52 9.40 7.58 34.10
N VAL D 53 10.08 7.21 33.02
CA VAL D 53 11.32 7.84 32.59
C VAL D 53 11.19 8.20 31.12
N THR D 54 11.54 9.44 30.79
CA THR D 54 11.51 9.95 29.43
C THR D 54 12.89 10.46 29.07
N ARG D 55 13.43 10.00 27.94
CA ARG D 55 14.81 10.28 27.56
C ARG D 55 14.85 10.98 26.20
N TYR D 56 15.64 12.04 26.12
CA TYR D 56 15.92 12.72 24.85
C TYR D 56 17.40 12.52 24.54
N ILE D 57 17.69 11.95 23.37
CA ILE D 57 19.03 11.52 23.01
C ILE D 57 19.41 12.14 21.67
N TYR D 58 20.62 12.68 21.59
CA TYR D 58 21.22 13.13 20.35
C TYR D 58 22.38 12.19 20.04
N ASN D 59 22.27 11.50 18.90
CA ASN D 59 23.18 10.41 18.55
C ASN D 59 23.06 9.33 19.63
N ARG D 60 24.03 9.26 20.53
CA ARG D 60 23.99 8.30 21.63
C ARG D 60 24.17 8.98 22.98
N GLU D 61 23.97 10.30 23.04
CA GLU D 61 24.13 11.07 24.26
C GLU D 61 22.77 11.54 24.76
N GLU D 62 22.31 10.95 25.87
CA GLU D 62 21.10 11.42 26.53
C GLU D 62 21.39 12.74 27.22
N TYR D 63 20.74 13.82 26.78
CA TYR D 63 20.97 15.14 27.33
C TYR D 63 19.87 15.64 28.25
N LEU D 64 18.65 15.14 28.12
CA LEU D 64 17.52 15.60 28.91
C LEU D 64 16.67 14.41 29.30
N ARG D 65 16.27 14.35 30.57
CA ARG D 65 15.52 13.22 31.08
C ARG D 65 14.47 13.69 32.09
N PHE D 66 13.26 13.16 31.96
CA PHE D 66 12.25 13.26 33.01
C PHE D 66 12.22 11.94 33.77
N ASP D 67 12.24 12.02 35.09
CA ASP D 67 12.17 10.84 35.95
C ASP D 67 11.12 11.10 37.02
N SER D 68 10.09 10.25 37.05
CA SER D 68 9.01 10.43 38.02
C SER D 68 9.52 10.34 39.44
N ASP D 69 10.61 9.61 39.68
CA ASP D 69 11.23 9.61 41.00
C ASP D 69 11.80 10.98 41.34
N VAL D 70 12.48 11.61 40.38
CA VAL D 70 12.95 12.98 40.59
C VAL D 70 11.78 13.96 40.61
N GLY D 71 10.79 13.73 39.74
CA GLY D 71 9.60 14.55 39.70
C GLY D 71 9.65 15.73 38.76
N GLU D 72 10.79 15.97 38.11
CA GLU D 72 10.91 17.10 37.20
C GLU D 72 11.93 16.77 36.12
N TYR D 73 11.90 17.55 35.04
CA TYR D 73 12.90 17.40 33.99
C TYR D 73 14.26 17.82 34.51
N ARG D 74 15.30 17.13 34.06
CA ARG D 74 16.67 17.43 34.46
C ARG D 74 17.60 17.31 33.26
N ALA D 75 18.54 18.23 33.15
CA ALA D 75 19.59 18.11 32.14
C ALA D 75 20.54 16.99 32.53
N VAL D 76 20.81 16.09 31.59
CA VAL D 76 21.73 14.99 31.84
C VAL D 76 23.16 15.38 31.48
N THR D 77 23.35 16.03 30.34
CA THR D 77 24.65 16.56 29.94
C THR D 77 24.51 18.06 29.69
N GLU D 78 25.61 18.68 29.26
CA GLU D 78 25.59 20.10 28.92
C GLU D 78 24.56 20.39 27.83
N LEU D 79 24.36 19.47 26.89
CA LEU D 79 23.49 19.70 25.75
C LEU D 79 22.05 19.97 26.16
N GLY D 80 21.65 19.56 27.37
CA GLY D 80 20.29 19.72 27.83
C GLY D 80 20.09 20.85 28.81
N ARG D 81 21.14 21.63 29.11
CA ARG D 81 20.99 22.74 30.05
C ARG D 81 20.08 23.83 29.47
N HIS D 82 20.16 24.07 28.17
CA HIS D 82 19.34 25.09 27.53
C HIS D 82 17.87 24.70 27.44
N SER D 83 17.52 23.45 27.73
CA SER D 83 16.16 22.97 27.55
C SER D 83 15.49 22.46 28.83
N ALA D 84 16.26 22.20 29.90
CA ALA D 84 15.69 21.58 31.09
C ALA D 84 14.62 22.46 31.72
N GLU D 85 14.91 23.76 31.87
CA GLU D 85 13.95 24.66 32.48
C GLU D 85 12.73 24.86 31.59
N TYR D 86 12.94 24.91 30.28
CA TYR D 86 11.82 25.09 29.35
C TYR D 86 10.84 23.92 29.45
N TYR D 87 11.36 22.70 29.46
CA TYR D 87 10.49 21.53 29.57
C TYR D 87 9.74 21.52 30.90
N ASN D 88 10.41 21.96 31.97
CA ASN D 88 9.75 22.01 33.27
C ASN D 88 8.70 23.12 33.33
N LYS D 89 8.90 24.20 32.57
CA LYS D 89 7.93 25.29 32.58
C LYS D 89 6.77 25.07 31.63
N GLN D 90 6.89 24.12 30.68
CA GLN D 90 5.86 23.92 29.67
C GLN D 90 5.19 22.56 29.75
N TYR D 91 5.92 21.50 30.08
CA TYR D 91 5.40 20.14 29.99
C TYR D 91 5.38 19.37 31.31
N LEU D 92 5.80 19.99 32.42
CA LEU D 92 6.03 19.23 33.65
C LEU D 92 4.74 18.60 34.16
N GLU D 93 3.68 19.40 34.33
CA GLU D 93 2.45 18.89 34.92
C GLU D 93 1.82 17.82 34.03
N ARG D 94 1.84 18.03 32.72
CA ARG D 94 1.33 17.02 31.80
C ARG D 94 2.17 15.75 31.84
N THR D 95 3.50 15.90 31.88
CA THR D 95 4.38 14.74 31.89
C THR D 95 4.20 13.92 33.15
N ARG D 96 4.01 14.59 34.29
CA ARG D 96 3.77 13.85 35.54
C ARG D 96 2.50 13.03 35.45
N ALA D 97 1.46 13.59 34.83
CA ALA D 97 0.19 12.87 34.66
C ALA D 97 0.34 11.65 33.76
N GLU D 98 1.37 11.61 32.91
CA GLU D 98 1.56 10.48 32.01
C GLU D 98 1.85 9.19 32.75
N LEU D 99 2.24 9.27 34.02
CA LEU D 99 2.42 8.05 34.81
C LEU D 99 1.11 7.28 34.93
N ASP D 100 0.01 7.99 35.16
CA ASP D 100 -1.31 7.35 35.24
C ASP D 100 -1.96 7.21 33.86
N THR D 101 -1.98 8.29 33.08
CA THR D 101 -2.71 8.27 31.82
C THR D 101 -2.11 7.31 30.81
N ALA D 102 -0.78 7.14 30.81
CA ALA D 102 -0.11 6.30 29.82
C ALA D 102 0.46 5.02 30.42
N CYS D 103 1.33 5.12 31.43
CA CYS D 103 1.99 3.92 31.94
C CYS D 103 1.01 2.98 32.62
N ARG D 104 0.20 3.51 33.55
CA ARG D 104 -0.78 2.67 34.22
C ARG D 104 -1.84 2.15 33.24
N HIS D 105 -2.29 3.01 32.32
CA HIS D 105 -3.31 2.60 31.37
C HIS D 105 -2.81 1.47 30.47
N ASN D 106 -1.61 1.62 29.92
CA ASN D 106 -1.09 0.60 29.01
C ASN D 106 -0.92 -0.74 29.71
N TYR D 107 -0.39 -0.74 30.93
CA TYR D 107 -0.19 -1.99 31.66
C TYR D 107 -1.52 -2.67 31.97
N GLU D 108 -2.45 -1.93 32.58
CA GLU D 108 -3.68 -2.55 33.06
C GLU D 108 -4.59 -2.94 31.91
N GLU D 109 -4.62 -2.15 30.84
CA GLU D 109 -5.58 -2.35 29.77
C GLU D 109 -5.06 -3.19 28.62
N THR D 110 -3.77 -3.13 28.32
CA THR D 110 -3.24 -3.79 27.13
C THR D 110 -2.21 -4.87 27.43
N GLU D 111 -1.33 -4.65 28.41
CA GLU D 111 -0.29 -5.63 28.68
C GLU D 111 -0.82 -6.82 29.46
N VAL D 112 -1.74 -6.58 30.40
CA VAL D 112 -2.29 -7.69 31.19
C VAL D 112 -2.97 -8.74 30.33
N PRO D 113 -3.77 -8.40 29.32
CA PRO D 113 -4.38 -9.45 28.50
C PRO D 113 -3.51 -9.98 27.36
N THR D 114 -2.37 -9.37 27.07
CA THR D 114 -1.53 -9.85 25.97
C THR D 114 -0.17 -10.36 26.43
N SER D 115 0.65 -9.52 27.07
CA SER D 115 2.02 -9.91 27.35
C SER D 115 2.14 -10.72 28.64
N LEU D 116 1.45 -10.30 29.70
CA LEU D 116 1.56 -10.95 30.98
C LEU D 116 0.79 -12.27 31.07
N ARG D 117 -0.03 -12.59 30.07
CA ARG D 117 -0.73 -13.87 30.04
C ARG D 117 -0.16 -14.85 29.03
N ARG D 118 0.88 -14.45 28.28
CA ARG D 118 1.46 -15.32 27.27
C ARG D 118 2.22 -16.47 27.94
N LEU D 119 1.94 -17.70 27.50
CA LEU D 119 2.59 -18.89 28.04
C LEU D 119 2.93 -19.83 26.89
N GLU D 120 4.22 -20.08 26.68
CA GLU D 120 4.70 -21.01 25.66
C GLU D 120 5.43 -22.16 26.35
N GLN D 121 5.00 -23.38 26.07
CA GLN D 121 5.57 -24.54 26.73
C GLN D 121 6.97 -24.83 26.17
N PRO D 122 7.96 -25.09 27.03
CA PRO D 122 9.30 -25.39 26.54
C PRO D 122 9.38 -26.75 25.87
N ASN D 123 10.30 -26.85 24.91
CA ASN D 123 10.64 -28.10 24.24
C ASN D 123 12.03 -28.53 24.64
N VAL D 124 12.16 -29.75 25.16
CA VAL D 124 13.40 -30.24 25.76
C VAL D 124 13.94 -31.39 24.91
N ALA D 125 15.25 -31.34 24.65
CA ALA D 125 15.93 -32.39 23.90
C ALA D 125 17.36 -32.48 24.39
N ILE D 126 17.92 -33.69 24.34
CA ILE D 126 19.26 -33.97 24.82
C ILE D 126 20.13 -34.47 23.68
N SER D 127 21.39 -34.08 23.69
CA SER D 127 22.39 -34.62 22.77
C SER D 127 23.74 -34.56 23.44
N LEU D 128 24.63 -35.48 23.04
CA LEU D 128 26.00 -35.52 23.54
C LEU D 128 26.94 -34.90 22.52
N SER D 129 27.90 -34.13 23.03
CA SER D 129 28.91 -33.52 22.17
C SER D 129 30.07 -34.48 21.96
N ASN D 138 32.99 -36.37 27.79
CA ASN D 138 31.95 -35.82 26.93
C ASN D 138 31.01 -34.92 27.73
N THR D 139 30.13 -34.20 27.03
CA THR D 139 29.22 -33.26 27.66
C THR D 139 27.83 -33.41 27.09
N LEU D 140 26.84 -33.56 27.97
CA LEU D 140 25.45 -33.59 27.56
C LEU D 140 24.90 -32.18 27.44
N VAL D 141 24.27 -31.87 26.31
CA VAL D 141 23.69 -30.56 26.07
C VAL D 141 22.17 -30.72 26.08
N CYS D 142 21.53 -30.23 27.13
CA CYS D 142 20.08 -30.23 27.23
C CYS D 142 19.56 -28.92 26.64
N SER D 143 18.81 -29.02 25.54
CA SER D 143 18.32 -27.86 24.81
C SER D 143 16.87 -27.62 25.16
N VAL D 144 16.61 -26.55 25.91
CA VAL D 144 15.27 -26.11 26.27
C VAL D 144 14.96 -24.88 25.43
N THR D 145 13.95 -24.98 24.56
CA THR D 145 13.73 -23.99 23.51
C THR D 145 12.26 -23.61 23.43
N ASP D 146 12.03 -22.42 22.84
CA ASP D 146 10.71 -21.96 22.42
C ASP D 146 9.76 -21.72 23.59
N PHE D 147 10.27 -21.33 24.75
CA PHE D 147 9.43 -21.11 25.91
C PHE D 147 9.29 -19.61 26.19
N TYR D 148 8.20 -19.27 26.90
CA TYR D 148 7.90 -17.91 27.34
C TYR D 148 6.93 -18.03 28.51
N PRO D 149 7.11 -17.26 29.58
CA PRO D 149 8.10 -16.18 29.78
C PRO D 149 9.49 -16.68 30.13
N ALA D 150 10.32 -15.79 30.70
CA ALA D 150 11.72 -16.09 30.90
C ALA D 150 11.97 -17.03 32.07
N LYS D 151 11.09 -17.01 33.08
CA LYS D 151 11.30 -17.80 34.29
C LYS D 151 11.30 -19.29 33.96
N ILE D 152 12.45 -19.94 34.18
CA ILE D 152 12.59 -21.37 33.92
C ILE D 152 13.63 -21.92 34.88
N LYS D 153 13.42 -23.17 35.31
CA LYS D 153 14.38 -23.90 36.13
C LYS D 153 14.62 -25.25 35.48
N VAL D 154 15.86 -25.53 35.13
CA VAL D 154 16.24 -26.80 34.51
C VAL D 154 17.44 -27.37 35.26
N ARG D 155 17.33 -28.63 35.67
CA ARG D 155 18.31 -29.27 36.52
C ARG D 155 18.75 -30.61 35.93
N TRP D 156 19.92 -31.06 36.35
CA TRP D 156 20.53 -32.30 35.89
C TRP D 156 20.47 -33.33 36.99
N PHE D 157 20.03 -34.55 36.64
CA PHE D 157 19.95 -35.66 37.57
C PHE D 157 20.74 -36.85 37.03
N ARG D 158 21.50 -37.49 37.92
CA ARG D 158 22.26 -38.69 37.59
C ARG D 158 21.80 -39.82 38.49
N ASN D 159 21.12 -40.81 37.90
CA ASN D 159 20.63 -41.99 38.62
C ASN D 159 19.75 -41.58 39.80
N GLY D 160 18.99 -40.49 39.63
CA GLY D 160 18.06 -40.05 40.63
C GLY D 160 18.59 -39.02 41.60
N GLN D 161 19.89 -38.70 41.54
CA GLN D 161 20.51 -37.73 42.43
C GLN D 161 20.85 -36.47 41.66
N GLU D 162 20.52 -35.32 42.23
CA GLU D 162 20.75 -34.05 41.56
C GLU D 162 22.25 -33.78 41.43
N GLU D 163 22.67 -33.39 40.24
CA GLU D 163 24.05 -33.03 39.97
C GLU D 163 24.19 -31.51 39.93
N THR D 164 25.17 -31.00 40.67
CA THR D 164 25.48 -29.59 40.66
C THR D 164 26.93 -29.32 40.28
N VAL D 165 27.85 -30.17 40.74
CA VAL D 165 29.24 -30.06 40.34
C VAL D 165 29.36 -30.53 38.89
N GLY D 166 29.80 -29.63 38.01
CA GLY D 166 29.92 -29.95 36.61
C GLY D 166 28.81 -29.43 35.72
N VAL D 167 27.80 -28.79 36.29
CA VAL D 167 26.70 -28.25 35.51
C VAL D 167 27.06 -26.83 35.09
N SER D 168 26.89 -26.53 33.80
CA SER D 168 27.13 -25.19 33.27
C SER D 168 25.98 -24.81 32.36
N SER D 169 25.42 -23.62 32.57
CA SER D 169 24.31 -23.12 31.79
C SER D 169 24.73 -21.90 30.99
N THR D 170 24.22 -21.79 29.76
CA THR D 170 24.36 -20.57 29.01
C THR D 170 23.46 -19.48 29.59
N GLN D 171 23.73 -18.24 29.19
CA GLN D 171 22.80 -17.17 29.50
C GLN D 171 21.50 -17.40 28.73
N LEU D 172 20.41 -16.90 29.30
CA LEU D 172 19.11 -16.98 28.62
C LEU D 172 19.20 -16.33 27.24
N ILE D 173 18.76 -17.05 26.22
CA ILE D 173 18.87 -16.61 24.84
C ILE D 173 17.51 -16.13 24.38
N ARG D 174 17.42 -14.86 24.01
CA ARG D 174 16.18 -14.26 23.52
C ARG D 174 16.16 -14.36 21.99
N ASN D 175 15.20 -15.12 21.47
CA ASN D 175 15.11 -15.34 20.02
C ASN D 175 14.57 -14.13 19.27
N GLY D 176 13.96 -13.18 19.96
CA GLY D 176 13.36 -12.03 19.31
C GLY D 176 11.96 -12.27 18.80
N ASP D 177 11.43 -13.48 18.93
CA ASP D 177 10.08 -13.82 18.52
C ASP D 177 9.19 -14.13 19.71
N TRP D 178 9.46 -13.49 20.85
CA TRP D 178 8.73 -13.71 22.10
C TRP D 178 8.88 -15.14 22.60
N THR D 179 10.01 -15.77 22.29
CA THR D 179 10.38 -17.06 22.85
C THR D 179 11.83 -17.03 23.30
N PHE D 180 12.13 -17.81 24.34
CA PHE D 180 13.48 -17.96 24.84
C PHE D 180 13.99 -19.37 24.61
N GLN D 181 15.31 -19.53 24.69
CA GLN D 181 15.93 -20.85 24.68
C GLN D 181 17.15 -20.83 25.59
N VAL D 182 17.50 -22.01 26.11
CA VAL D 182 18.64 -22.14 27.02
C VAL D 182 19.24 -23.53 26.85
N LEU D 183 20.56 -23.60 26.91
CA LEU D 183 21.31 -24.85 26.78
C LEU D 183 22.01 -25.14 28.10
N VAL D 184 21.86 -26.37 28.60
CA VAL D 184 22.43 -26.79 29.88
C VAL D 184 23.41 -27.93 29.63
N MET D 185 24.65 -27.74 30.08
CA MET D 185 25.71 -28.73 29.87
C MET D 185 25.97 -29.51 31.15
N LEU D 186 26.27 -30.81 30.99
CA LEU D 186 26.73 -31.65 32.09
C LEU D 186 27.97 -32.39 31.65
N GLU D 187 29.08 -32.18 32.34
CA GLU D 187 30.32 -32.89 32.08
C GLU D 187 30.30 -34.23 32.81
N MET D 188 30.46 -35.31 32.07
CA MET D 188 30.32 -36.64 32.65
C MET D 188 31.27 -37.61 31.96
N THR D 189 31.32 -38.83 32.50
CA THR D 189 32.07 -39.94 31.90
C THR D 189 31.11 -41.08 31.63
N PRO D 190 30.95 -41.51 30.37
CA PRO D 190 29.96 -42.55 30.01
C PRO D 190 30.35 -43.93 30.55
N GLY D 193 25.35 -48.22 31.44
CA GLY D 193 23.98 -48.38 31.89
C GLY D 193 23.47 -47.21 32.71
N GLU D 194 24.25 -46.14 32.75
CA GLU D 194 23.89 -44.96 33.53
C GLU D 194 22.70 -44.24 32.91
N VAL D 195 21.90 -43.62 33.78
CA VAL D 195 20.73 -42.84 33.35
C VAL D 195 20.95 -41.40 33.77
N TYR D 196 20.91 -40.49 32.78
CA TYR D 196 20.95 -39.06 33.01
C TYR D 196 19.63 -38.45 32.53
N THR D 197 19.00 -37.65 33.39
CA THR D 197 17.70 -37.07 33.12
C THR D 197 17.77 -35.56 33.24
N CYS D 198 17.22 -34.84 32.26
CA CYS D 198 17.14 -33.39 32.30
C CYS D 198 15.75 -32.99 32.80
N HIS D 199 15.72 -32.21 33.87
CA HIS D 199 14.48 -31.87 34.57
C HIS D 199 14.24 -30.37 34.44
N VAL D 200 13.09 -29.99 33.88
CA VAL D 200 12.78 -28.60 33.57
C VAL D 200 11.42 -28.24 34.17
N GLU D 201 11.36 -27.09 34.84
CA GLU D 201 10.12 -26.54 35.37
C GLU D 201 9.87 -25.17 34.77
N HIS D 202 8.61 -24.88 34.45
CA HIS D 202 8.23 -23.64 33.79
C HIS D 202 6.82 -23.27 34.24
N PRO D 203 6.48 -21.97 34.29
CA PRO D 203 5.10 -21.59 34.64
C PRO D 203 4.05 -22.15 33.70
N SER D 204 4.40 -22.49 32.47
CA SER D 204 3.44 -23.04 31.52
C SER D 204 3.23 -24.53 31.68
N LEU D 205 3.85 -25.16 32.69
CA LEU D 205 3.75 -26.60 32.90
C LEU D 205 3.00 -26.88 34.20
N LYS D 206 1.93 -27.68 34.09
CA LYS D 206 1.30 -28.21 35.29
C LYS D 206 2.24 -29.17 36.02
N SER D 207 2.96 -29.99 35.28
CA SER D 207 3.95 -30.92 35.81
C SER D 207 5.25 -30.78 35.03
N PRO D 208 6.38 -31.04 35.68
CA PRO D 208 7.67 -30.89 34.99
C PRO D 208 7.86 -31.89 33.87
N ILE D 209 8.68 -31.50 32.89
CA ILE D 209 9.07 -32.38 31.79
C ILE D 209 10.37 -33.07 32.16
N THR D 210 10.45 -34.37 31.88
CA THR D 210 11.64 -35.15 32.13
C THR D 210 12.04 -35.87 30.85
N VAL D 211 13.32 -35.77 30.50
CA VAL D 211 13.87 -36.47 29.35
C VAL D 211 15.15 -37.18 29.81
N GLU D 212 15.19 -38.50 29.61
CA GLU D 212 16.32 -39.32 30.03
C GLU D 212 17.25 -39.59 28.86
N TRP D 213 18.52 -39.85 29.19
CA TRP D 213 19.51 -40.20 28.19
C TRP D 213 20.33 -41.40 28.64
N MET E 1 -1.40 -16.64 -38.33
CA MET E 1 -1.39 -15.24 -38.71
C MET E 1 -0.03 -14.61 -38.44
N GLY E 2 -0.02 -13.46 -37.79
CA GLY E 2 1.23 -12.80 -37.47
C GLY E 2 1.11 -11.56 -36.62
N VAL E 3 1.99 -11.42 -35.64
CA VAL E 3 2.03 -10.23 -34.80
C VAL E 3 2.65 -9.08 -35.59
N ILE E 4 2.00 -7.92 -35.59
CA ILE E 4 2.44 -6.76 -36.35
C ILE E 4 2.99 -5.73 -35.36
N GLN E 5 4.24 -5.34 -35.56
CA GLN E 5 4.89 -4.32 -34.73
C GLN E 5 5.24 -3.11 -35.59
N THR E 6 5.04 -1.93 -35.03
CA THR E 6 5.28 -0.68 -35.73
C THR E 6 5.91 0.32 -34.77
N PRO E 7 6.93 1.07 -35.22
CA PRO E 7 7.57 1.03 -36.54
C PRO E 7 8.59 -0.09 -36.63
N ARG E 8 8.97 -0.50 -37.86
CA ARG E 8 10.04 -1.47 -38.00
C ARG E 8 11.36 -0.95 -37.46
N HIS E 9 11.66 0.32 -37.72
CA HIS E 9 12.87 0.96 -37.25
C HIS E 9 12.53 2.30 -36.60
N LYS E 10 13.34 2.68 -35.62
CA LYS E 10 13.20 3.98 -34.96
C LYS E 10 14.58 4.50 -34.61
N VAL E 11 14.96 5.63 -35.21
CA VAL E 11 16.20 6.31 -34.90
C VAL E 11 15.84 7.64 -34.26
N THR E 12 16.31 7.87 -33.04
CA THR E 12 15.98 9.07 -32.29
C THR E 12 17.21 9.56 -31.54
N GLY E 13 17.16 10.82 -31.12
CA GLY E 13 18.22 11.41 -30.34
C GLY E 13 17.93 11.33 -28.84
N LYS E 14 18.96 11.68 -28.07
CA LYS E 14 18.84 11.68 -26.62
C LYS E 14 17.75 12.65 -26.16
N GLY E 15 16.94 12.20 -25.19
CA GLY E 15 15.95 13.04 -24.56
C GLY E 15 14.57 13.01 -25.20
N GLN E 16 14.40 12.34 -26.33
CA GLN E 16 13.09 12.26 -26.97
C GLN E 16 12.28 11.12 -26.35
N GLU E 17 10.98 11.15 -26.60
CA GLU E 17 10.05 10.14 -26.10
C GLU E 17 9.63 9.25 -27.28
N ALA E 18 9.93 7.96 -27.17
CA ALA E 18 9.57 6.98 -28.18
C ALA E 18 8.51 6.03 -27.64
N THR E 19 7.51 5.74 -28.48
CA THR E 19 6.45 4.79 -28.14
C THR E 19 6.44 3.70 -29.20
N LEU E 20 6.41 2.44 -28.74
CA LEU E 20 6.47 1.29 -29.62
C LEU E 20 5.13 0.57 -29.60
N TRP E 21 4.64 0.20 -30.79
CA TRP E 21 3.31 -0.38 -30.95
C TRP E 21 3.41 -1.85 -31.32
N CYS E 22 2.51 -2.65 -30.74
CA CYS E 22 2.43 -4.08 -31.04
C CYS E 22 0.97 -4.48 -31.20
N GLU E 23 0.66 -5.15 -32.30
CA GLU E 23 -0.68 -5.68 -32.52
C GLU E 23 -0.65 -7.20 -32.37
N PRO E 24 -1.18 -7.75 -31.28
CA PRO E 24 -1.22 -9.21 -31.14
C PRO E 24 -2.13 -9.85 -32.16
N ILE E 25 -1.96 -11.17 -32.31
CA ILE E 25 -2.85 -11.95 -33.16
C ILE E 25 -4.26 -11.93 -32.57
N SER E 26 -5.25 -11.75 -33.44
CA SER E 26 -6.64 -11.66 -32.98
C SER E 26 -7.02 -12.91 -32.21
N GLY E 27 -7.57 -12.71 -31.01
CA GLY E 27 -7.93 -13.80 -30.13
C GLY E 27 -6.88 -14.13 -29.07
N HIS E 28 -5.68 -13.57 -29.16
CA HIS E 28 -4.61 -13.85 -28.22
C HIS E 28 -4.71 -12.88 -27.04
N SER E 29 -4.93 -13.42 -25.84
CA SER E 29 -5.04 -12.60 -24.65
C SER E 29 -3.71 -12.33 -23.98
N ALA E 30 -2.71 -13.19 -24.16
CA ALA E 30 -1.41 -13.04 -23.53
C ALA E 30 -0.48 -12.25 -24.45
N VAL E 31 0.14 -11.20 -23.91
CA VAL E 31 1.01 -10.32 -24.66
C VAL E 31 2.34 -10.19 -23.91
N PHE E 32 3.44 -10.41 -24.61
CA PHE E 32 4.77 -10.36 -24.04
C PHE E 32 5.58 -9.25 -24.70
N TRP E 33 6.43 -8.60 -23.93
CA TRP E 33 7.42 -7.66 -24.44
C TRP E 33 8.81 -8.19 -24.09
N TYR E 34 9.71 -8.19 -25.06
CA TYR E 34 11.07 -8.67 -24.87
C TYR E 34 12.06 -7.69 -25.47
N ARG E 35 13.20 -7.53 -24.80
CA ARG E 35 14.33 -6.80 -25.34
C ARG E 35 15.30 -7.81 -25.94
N GLN E 36 15.75 -7.54 -27.16
CA GLN E 36 16.70 -8.41 -27.85
C GLN E 36 17.98 -7.62 -28.10
N THR E 37 19.10 -8.17 -27.63
CA THR E 37 20.42 -7.64 -27.91
C THR E 37 21.33 -8.79 -28.33
N ILE E 38 22.42 -8.45 -29.00
CA ILE E 38 23.33 -9.49 -29.48
C ILE E 38 24.00 -10.20 -28.32
N VAL E 39 24.30 -9.48 -27.23
CA VAL E 39 25.04 -10.07 -26.12
C VAL E 39 24.12 -10.90 -25.24
N GLN E 40 23.02 -10.32 -24.77
CA GLN E 40 22.15 -10.96 -23.79
C GLN E 40 20.98 -11.71 -24.41
N GLY E 41 20.83 -11.67 -25.74
CA GLY E 41 19.72 -12.38 -26.36
C GLY E 41 18.38 -11.77 -25.97
N LEU E 42 17.40 -12.65 -25.77
CA LEU E 42 16.05 -12.23 -25.40
C LEU E 42 15.96 -12.06 -23.89
N GLU E 43 15.45 -10.90 -23.45
CA GLU E 43 15.26 -10.61 -22.04
C GLU E 43 13.81 -10.21 -21.80
N PHE E 44 13.17 -10.88 -20.85
CA PHE E 44 11.79 -10.58 -20.51
C PHE E 44 11.65 -9.16 -19.99
N LEU E 45 10.61 -8.46 -20.44
CA LEU E 45 10.32 -7.12 -19.95
C LEU E 45 8.99 -7.06 -19.19
N THR E 46 7.89 -7.44 -19.85
CA THR E 46 6.57 -7.34 -19.23
C THR E 46 5.63 -8.34 -19.87
N TYR E 47 4.56 -8.67 -19.15
CA TYR E 47 3.56 -9.61 -19.62
C TYR E 47 2.16 -9.08 -19.33
N PHE E 48 1.27 -9.22 -20.31
CA PHE E 48 -0.13 -8.84 -20.19
C PHE E 48 -1.02 -10.03 -20.49
N ARG E 49 -2.17 -10.09 -19.81
CA ARG E 49 -3.24 -11.02 -20.17
C ARG E 49 -4.57 -10.29 -20.01
N ASN E 50 -5.34 -10.23 -21.09
CA ASN E 50 -6.64 -9.57 -21.10
C ASN E 50 -6.51 -8.12 -20.63
N GLN E 51 -5.52 -7.42 -21.19
CA GLN E 51 -5.23 -6.01 -20.97
C GLN E 51 -4.71 -5.71 -19.57
N ALA E 52 -4.56 -6.72 -18.70
CA ALA E 52 -4.15 -6.47 -17.33
C ALA E 52 -2.65 -6.68 -17.19
N PRO E 53 -1.91 -5.71 -16.65
CA PRO E 53 -0.49 -5.93 -16.36
C PRO E 53 -0.34 -6.91 -15.20
N ILE E 54 0.47 -7.95 -15.43
CA ILE E 54 0.62 -9.04 -14.48
C ILE E 54 2.05 -9.15 -13.96
N ASP E 55 3.03 -9.13 -14.87
CA ASP E 55 4.44 -9.26 -14.49
C ASP E 55 5.26 -8.26 -15.28
N ASP E 56 5.91 -7.34 -14.58
CA ASP E 56 6.81 -6.36 -15.19
C ASP E 56 8.20 -6.43 -14.57
N SER E 57 8.61 -7.63 -14.14
CA SER E 57 9.87 -7.79 -13.42
C SER E 57 11.08 -7.44 -14.27
N GLY E 58 10.97 -7.52 -15.60
CA GLY E 58 12.08 -7.22 -16.47
C GLY E 58 12.14 -5.80 -16.97
N MET E 59 11.19 -4.96 -16.54
CA MET E 59 11.18 -3.57 -16.97
C MET E 59 12.27 -2.79 -16.27
N PRO E 60 12.93 -1.85 -16.97
CA PRO E 60 13.79 -0.90 -16.26
C PRO E 60 12.98 -0.11 -15.26
N LYS E 61 13.60 0.21 -14.12
CA LYS E 61 12.87 0.84 -13.04
C LYS E 61 12.61 2.33 -13.26
N GLU E 62 13.17 2.92 -14.32
CA GLU E 62 12.84 4.29 -14.69
C GLU E 62 12.71 4.41 -16.20
N ARG E 63 11.88 5.36 -16.62
CA ARG E 63 11.70 5.78 -18.02
C ARG E 63 10.95 4.78 -18.87
N PHE E 64 10.66 3.59 -18.36
CA PHE E 64 10.01 2.55 -19.15
C PHE E 64 8.62 2.25 -18.61
N SER E 65 7.68 2.03 -19.52
CA SER E 65 6.30 1.71 -19.16
C SER E 65 5.64 1.00 -20.34
N ALA E 66 4.59 0.24 -20.04
CA ALA E 66 3.85 -0.50 -21.05
C ALA E 66 2.36 -0.42 -20.72
N GLN E 67 1.53 -0.33 -21.77
CA GLN E 67 0.10 -0.15 -21.61
C GLN E 67 -0.64 -0.96 -22.65
N MET E 68 -1.91 -1.25 -22.34
CA MET E 68 -2.83 -1.90 -23.28
C MET E 68 -4.16 -1.18 -23.25
N PRO E 69 -4.32 -0.10 -24.02
CA PRO E 69 -5.59 0.65 -23.99
C PRO E 69 -6.78 -0.19 -24.42
N ASN E 70 -6.69 -0.89 -25.54
CA ASN E 70 -7.72 -1.82 -25.97
C ASN E 70 -7.16 -3.24 -25.97
N GLN E 71 -7.99 -4.18 -26.43
CA GLN E 71 -7.62 -5.59 -26.44
C GLN E 71 -6.75 -5.99 -27.64
N SER E 72 -6.49 -5.08 -28.59
CA SER E 72 -5.80 -5.44 -29.81
C SER E 72 -4.49 -4.70 -30.04
N HIS E 73 -4.14 -3.71 -29.22
CA HIS E 73 -2.87 -3.02 -29.38
C HIS E 73 -2.23 -2.80 -28.02
N SER E 74 -0.91 -2.98 -27.96
CA SER E 74 -0.11 -2.73 -26.77
C SER E 74 1.02 -1.77 -27.11
N THR E 75 1.29 -0.84 -26.20
CA THR E 75 2.30 0.20 -26.42
C THR E 75 3.43 0.05 -25.41
N LEU E 76 4.66 0.27 -25.91
CA LEU E 76 5.85 0.33 -25.08
C LEU E 76 6.43 1.73 -25.20
N LYS E 77 6.39 2.48 -24.10
CA LYS E 77 6.79 3.88 -24.10
C LYS E 77 8.11 4.06 -23.36
N ILE E 78 9.08 4.67 -24.03
CA ILE E 78 10.36 5.04 -23.44
C ILE E 78 10.43 6.55 -23.36
N GLN E 79 10.69 7.07 -22.17
CA GLN E 79 10.79 8.50 -21.94
C GLN E 79 12.25 8.90 -21.81
N SER E 80 12.59 10.06 -22.39
CA SER E 80 13.96 10.59 -22.35
C SER E 80 14.96 9.55 -22.84
N THR E 81 14.83 9.23 -24.13
CA THR E 81 15.62 8.16 -24.73
C THR E 81 17.11 8.38 -24.51
N GLN E 82 17.81 7.29 -24.20
CA GLN E 82 19.24 7.30 -23.93
C GLN E 82 19.92 6.22 -24.76
N PRO E 83 21.21 6.38 -25.06
CA PRO E 83 21.87 5.45 -25.99
C PRO E 83 21.83 3.99 -25.57
N GLN E 84 21.88 3.69 -24.28
CA GLN E 84 21.84 2.29 -23.86
C GLN E 84 20.47 1.64 -24.08
N ASP E 85 19.44 2.43 -24.36
CA ASP E 85 18.14 1.87 -24.72
C ASP E 85 18.13 1.22 -26.10
N SER E 86 19.20 1.41 -26.88
CA SER E 86 19.24 0.88 -28.23
C SER E 86 19.22 -0.64 -28.21
N ALA E 87 18.19 -1.23 -28.80
CA ALA E 87 18.03 -2.67 -28.89
C ALA E 87 16.84 -2.96 -29.81
N VAL E 88 16.66 -4.24 -30.10
CA VAL E 88 15.46 -4.70 -30.80
C VAL E 88 14.44 -5.10 -29.75
N TYR E 89 13.25 -4.49 -29.81
CA TYR E 89 12.20 -4.74 -28.84
C TYR E 89 11.14 -5.64 -29.50
N LEU E 90 11.15 -6.91 -29.15
CA LEU E 90 10.22 -7.88 -29.69
C LEU E 90 8.94 -7.93 -28.87
N CYS E 91 7.83 -8.21 -29.55
CA CYS E 91 6.54 -8.40 -28.92
C CYS E 91 6.00 -9.77 -29.30
N ALA E 92 5.41 -10.47 -28.33
CA ALA E 92 4.93 -11.82 -28.56
C ALA E 92 3.53 -11.98 -27.97
N SER E 93 2.68 -12.68 -28.69
CA SER E 93 1.33 -13.00 -28.25
C SER E 93 1.14 -14.51 -28.21
N SER E 94 0.25 -14.96 -27.33
CA SER E 94 -0.06 -16.37 -27.22
C SER E 94 -1.51 -16.55 -26.77
N ARG E 95 -2.05 -17.74 -27.02
CA ARG E 95 -3.42 -18.06 -26.67
C ARG E 95 -3.54 -19.32 -25.82
N GLN E 96 -2.43 -19.95 -25.46
CA GLN E 96 -2.43 -21.15 -24.63
C GLN E 96 -1.45 -20.97 -23.48
N GLY E 97 -1.79 -21.56 -22.34
CA GLY E 97 -0.90 -21.53 -21.19
C GLY E 97 0.34 -22.36 -21.44
N GLN E 98 1.52 -21.76 -21.31
CA GLN E 98 2.81 -22.45 -21.46
C GLN E 98 2.88 -23.22 -22.78
N ASN E 99 2.63 -22.50 -23.87
CA ASN E 99 2.68 -23.08 -25.21
C ASN E 99 3.25 -22.03 -26.15
N THR E 100 3.05 -22.25 -27.46
CA THR E 100 3.68 -21.45 -28.51
C THR E 100 3.52 -19.96 -28.27
N LEU E 101 4.63 -19.24 -28.34
CA LEU E 101 4.63 -17.78 -28.38
C LEU E 101 4.83 -17.34 -29.83
N TYR E 102 3.95 -16.45 -30.29
CA TYR E 102 4.03 -15.92 -31.65
C TYR E 102 4.69 -14.56 -31.60
N PHE E 103 5.92 -14.47 -32.11
CA PHE E 103 6.72 -13.26 -32.03
C PHE E 103 6.47 -12.36 -33.24
N GLY E 104 6.51 -11.06 -32.99
CA GLY E 104 6.54 -10.10 -34.07
C GLY E 104 7.94 -9.94 -34.61
N ALA E 105 8.06 -9.09 -35.62
CA ALA E 105 9.36 -8.82 -36.22
C ALA E 105 10.21 -7.85 -35.39
N GLY E 106 9.62 -7.18 -34.41
CA GLY E 106 10.35 -6.31 -33.52
C GLY E 106 10.53 -4.91 -34.08
N THR E 107 10.83 -3.98 -33.16
CA THR E 107 11.15 -2.60 -33.50
C THR E 107 12.61 -2.36 -33.16
N ARG E 108 13.44 -2.15 -34.17
CA ARG E 108 14.85 -1.83 -33.97
C ARG E 108 14.97 -0.35 -33.60
N LEU E 109 15.29 -0.08 -32.34
CA LEU E 109 15.41 1.28 -31.84
C LEU E 109 16.88 1.63 -31.63
N SER E 110 17.31 2.76 -32.17
CA SER E 110 18.66 3.27 -31.98
C SER E 110 18.58 4.68 -31.42
N VAL E 111 19.21 4.91 -30.28
CA VAL E 111 19.31 6.23 -29.68
C VAL E 111 20.74 6.71 -29.81
N LEU E 112 20.92 7.79 -30.56
CA LEU E 112 22.25 8.33 -30.84
C LEU E 112 22.54 9.53 -29.96
N GLU E 113 23.82 9.71 -29.65
CA GLU E 113 24.25 10.87 -28.88
C GLU E 113 23.97 12.16 -29.64
N ASP E 114 24.53 12.29 -30.83
CA ASP E 114 24.36 13.47 -31.66
C ASP E 114 23.72 13.06 -32.98
N LEU E 115 22.58 13.67 -33.30
CA LEU E 115 21.93 13.44 -34.58
C LEU E 115 22.65 14.12 -35.74
N LYS E 116 23.76 14.83 -35.48
CA LYS E 116 24.54 15.40 -36.57
C LYS E 116 25.34 14.35 -37.33
N ASN E 117 25.51 13.16 -36.77
CA ASN E 117 26.36 12.14 -37.39
C ASN E 117 25.57 11.11 -38.21
N VAL E 118 24.27 11.25 -38.35
CA VAL E 118 23.50 10.33 -39.18
C VAL E 118 23.63 10.75 -40.63
N PHE E 119 24.05 9.81 -41.48
CA PHE E 119 24.22 10.06 -42.90
C PHE E 119 23.61 8.91 -43.69
N PRO E 120 23.06 9.18 -44.87
CA PRO E 120 22.53 8.11 -45.72
C PRO E 120 23.64 7.41 -46.49
N PRO E 121 23.41 6.20 -46.97
CA PRO E 121 24.45 5.47 -47.69
C PRO E 121 24.61 5.92 -49.13
N GLU E 122 25.84 5.77 -49.62
CA GLU E 122 26.14 5.89 -51.03
C GLU E 122 26.19 4.49 -51.63
N VAL E 123 25.35 4.25 -52.64
CA VAL E 123 25.15 2.91 -53.20
C VAL E 123 25.70 2.89 -54.63
N ALA E 124 26.55 1.90 -54.91
CA ALA E 124 27.10 1.70 -56.24
C ALA E 124 27.08 0.21 -56.56
N VAL E 125 26.90 -0.11 -57.84
CA VAL E 125 26.91 -1.48 -58.33
C VAL E 125 28.08 -1.62 -59.30
N PHE E 126 28.81 -2.73 -59.17
CA PHE E 126 29.97 -3.00 -60.00
C PHE E 126 29.70 -4.21 -60.88
N GLU E 127 29.98 -4.06 -62.18
CA GLU E 127 29.62 -5.07 -63.16
C GLU E 127 30.60 -6.24 -63.13
N PRO E 128 30.15 -7.44 -63.53
CA PRO E 128 30.95 -8.65 -63.33
C PRO E 128 32.29 -8.62 -64.07
N SER E 129 33.27 -9.27 -63.47
CA SER E 129 34.59 -9.43 -64.08
C SER E 129 34.50 -10.30 -65.32
N GLU E 130 35.20 -9.88 -66.38
CA GLU E 130 35.23 -10.68 -67.61
C GLU E 130 35.98 -12.00 -67.42
N ALA E 131 37.03 -11.99 -66.60
CA ALA E 131 37.76 -13.23 -66.31
C ALA E 131 36.86 -14.24 -65.61
N GLU E 132 36.03 -13.77 -64.67
CA GLU E 132 35.11 -14.68 -63.98
C GLU E 132 34.12 -15.29 -64.97
N ILE E 133 33.60 -14.49 -65.90
CA ILE E 133 32.69 -15.02 -66.91
C ILE E 133 33.39 -16.05 -67.79
N SER E 134 34.64 -15.76 -68.16
CA SER E 134 35.38 -16.67 -69.05
C SER E 134 35.63 -18.01 -68.38
N HIS E 135 35.98 -18.02 -67.11
CA HIS E 135 36.39 -19.25 -66.43
C HIS E 135 35.22 -20.03 -65.84
N THR E 136 34.19 -19.34 -65.35
CA THR E 136 33.09 -20.00 -64.65
C THR E 136 31.78 -20.00 -65.42
N GLN E 137 31.67 -19.25 -66.51
CA GLN E 137 30.41 -19.05 -67.23
C GLN E 137 29.32 -18.48 -66.32
N LYS E 138 29.75 -17.74 -65.29
CA LYS E 138 28.85 -17.11 -64.34
C LYS E 138 29.33 -15.68 -64.11
N ALA E 139 28.39 -14.82 -63.70
CA ALA E 139 28.66 -13.40 -63.56
C ALA E 139 28.23 -12.96 -62.17
N THR E 140 29.17 -12.37 -61.42
CA THR E 140 28.92 -11.92 -60.06
C THR E 140 28.89 -10.39 -60.03
N LEU E 141 27.73 -9.84 -59.71
CA LEU E 141 27.61 -8.41 -59.43
C LEU E 141 27.86 -8.17 -57.95
N VAL E 142 28.43 -7.01 -57.64
CA VAL E 142 28.72 -6.62 -56.27
C VAL E 142 28.15 -5.22 -56.04
N CYS E 143 27.40 -5.07 -54.95
CA CYS E 143 26.81 -3.80 -54.56
C CYS E 143 27.46 -3.32 -53.28
N LEU E 144 27.81 -2.04 -53.24
CA LEU E 144 28.50 -1.44 -52.10
C LEU E 144 27.68 -0.27 -51.59
N ALA E 145 27.19 -0.38 -50.36
CA ALA E 145 26.59 0.74 -49.64
C ALA E 145 27.59 1.21 -48.60
N THR E 146 28.00 2.48 -48.69
CA THR E 146 29.12 2.99 -47.89
C THR E 146 28.73 4.28 -47.20
N GLY E 147 29.41 4.55 -46.10
CA GLY E 147 29.30 5.84 -45.43
C GLY E 147 27.93 6.15 -44.85
N PHE E 148 27.27 5.16 -44.26
CA PHE E 148 25.97 5.38 -43.63
C PHE E 148 26.07 5.17 -42.13
N TYR E 149 25.26 5.96 -41.40
CA TYR E 149 25.18 5.88 -39.96
C TYR E 149 23.77 6.31 -39.61
N PRO E 150 23.08 5.56 -38.73
CA PRO E 150 23.51 4.30 -38.11
C PRO E 150 23.37 3.14 -39.08
N ASP E 151 23.43 1.89 -38.58
CA ASP E 151 23.47 0.71 -39.44
C ASP E 151 22.07 0.18 -39.76
N HIS E 152 21.06 1.04 -39.78
CA HIS E 152 19.68 0.62 -40.07
C HIS E 152 19.49 0.70 -41.58
N VAL E 153 19.88 -0.38 -42.26
CA VAL E 153 19.70 -0.51 -43.70
C VAL E 153 19.10 -1.88 -44.00
N GLU E 154 18.39 -1.95 -45.12
CA GLU E 154 17.84 -3.19 -45.65
C GLU E 154 18.14 -3.24 -47.13
N LEU E 155 18.93 -4.22 -47.54
CA LEU E 155 19.42 -4.32 -48.91
C LEU E 155 18.62 -5.38 -49.66
N SER E 156 18.14 -5.03 -50.85
CA SER E 156 17.40 -5.95 -51.70
C SER E 156 17.93 -5.85 -53.12
N TRP E 157 17.87 -6.97 -53.84
CA TRP E 157 18.23 -7.02 -55.25
C TRP E 157 16.96 -7.10 -56.07
N TRP E 158 16.86 -6.27 -57.10
CA TRP E 158 15.67 -6.18 -57.94
C TRP E 158 16.08 -6.41 -59.39
N VAL E 159 15.63 -7.53 -59.96
CA VAL E 159 15.91 -7.88 -61.35
C VAL E 159 14.62 -7.73 -62.13
N ASN E 160 14.65 -6.84 -63.13
CA ASN E 160 13.49 -6.59 -64.00
C ASN E 160 12.24 -6.22 -63.19
N GLY E 161 12.44 -5.40 -62.16
CA GLY E 161 11.34 -4.90 -61.36
C GLY E 161 10.80 -5.83 -60.32
N LYS E 162 11.36 -7.03 -60.17
CA LYS E 162 10.92 -7.99 -59.16
C LYS E 162 12.09 -8.30 -58.24
N GLU E 163 11.83 -8.28 -56.93
CA GLU E 163 12.88 -8.61 -55.97
C GLU E 163 13.30 -10.07 -56.12
N VAL E 164 14.60 -10.31 -56.04
CA VAL E 164 15.16 -11.64 -56.18
C VAL E 164 15.93 -12.00 -54.92
N HIS E 165 15.90 -13.28 -54.57
CA HIS E 165 16.64 -13.79 -53.43
C HIS E 165 17.64 -14.88 -53.81
N SER E 166 17.35 -15.65 -54.86
CA SER E 166 18.29 -16.66 -55.32
C SER E 166 19.55 -16.02 -55.90
N GLY E 167 20.70 -16.61 -55.58
CA GLY E 167 21.97 -16.09 -56.05
C GLY E 167 22.48 -14.88 -55.31
N VAL E 168 21.84 -14.51 -54.20
CA VAL E 168 22.18 -13.30 -53.46
C VAL E 168 22.93 -13.69 -52.20
N CYS E 169 23.89 -12.84 -51.81
CA CYS E 169 24.61 -13.00 -50.55
C CYS E 169 24.95 -11.62 -50.03
N THR E 170 24.33 -11.22 -48.94
CA THR E 170 24.62 -9.96 -48.27
C THR E 170 25.42 -10.22 -47.01
N ASP E 171 26.32 -9.30 -46.68
CA ASP E 171 27.13 -9.44 -45.48
C ASP E 171 26.23 -9.56 -44.25
N PRO E 172 26.46 -10.55 -43.38
CA PRO E 172 25.60 -10.68 -42.20
C PRO E 172 25.60 -9.44 -41.31
N GLN E 173 26.74 -8.78 -41.18
CA GLN E 173 26.85 -7.55 -40.42
C GLN E 173 27.70 -6.56 -41.19
N PRO E 174 27.38 -5.27 -41.13
CA PRO E 174 28.22 -4.27 -41.79
C PRO E 174 29.54 -4.07 -41.06
N LEU E 175 30.51 -3.55 -41.79
CA LEU E 175 31.83 -3.25 -41.24
C LEU E 175 31.98 -1.75 -41.02
N LYS E 176 32.79 -1.40 -40.03
CA LYS E 176 33.02 0.00 -39.69
C LYS E 176 34.09 0.59 -40.62
N GLU E 177 33.77 1.74 -41.21
CA GLU E 177 34.73 2.39 -42.10
C GLU E 177 35.97 2.85 -41.33
N GLN E 178 35.78 3.43 -40.15
CA GLN E 178 36.87 3.81 -39.25
C GLN E 178 36.63 3.14 -37.91
N PRO E 179 37.09 1.90 -37.73
CA PRO E 179 36.75 1.15 -36.50
C PRO E 179 37.21 1.81 -35.22
N ALA E 180 38.15 2.77 -35.29
CA ALA E 180 38.58 3.46 -34.07
C ALA E 180 37.44 4.25 -33.45
N LEU E 181 36.74 5.05 -34.27
CA LEU E 181 35.65 5.87 -33.77
C LEU E 181 34.42 5.01 -33.51
N ASN E 182 33.71 5.30 -32.42
CA ASN E 182 32.49 4.57 -32.09
C ASN E 182 31.27 5.12 -32.80
N ASP E 183 31.35 6.33 -33.33
CA ASP E 183 30.31 6.90 -34.19
C ASP E 183 30.66 6.73 -35.66
N SER E 184 31.47 5.74 -35.98
CA SER E 184 31.96 5.55 -37.35
C SER E 184 30.83 5.19 -38.30
N ARG E 185 30.95 5.66 -39.54
CA ARG E 185 30.03 5.24 -40.58
C ARG E 185 30.28 3.78 -40.93
N TYR E 186 29.30 3.18 -41.61
CA TYR E 186 29.33 1.76 -41.91
C TYR E 186 29.36 1.52 -43.41
N ALA E 187 29.78 0.32 -43.78
CA ALA E 187 29.78 -0.13 -45.17
C ALA E 187 29.17 -1.53 -45.22
N LEU E 188 28.43 -1.80 -46.29
CA LEU E 188 27.78 -3.09 -46.47
C LEU E 188 27.98 -3.54 -47.92
N SER E 189 28.27 -4.82 -48.09
CA SER E 189 28.51 -5.40 -49.40
C SER E 189 27.55 -6.55 -49.65
N SER E 190 27.16 -6.71 -50.90
CA SER E 190 26.28 -7.80 -51.32
C SER E 190 26.72 -8.28 -52.70
N ARG E 191 26.38 -9.53 -52.99
CA ARG E 191 26.72 -10.14 -54.26
C ARG E 191 25.48 -10.75 -54.90
N LEU E 192 25.37 -10.62 -56.21
CA LEU E 192 24.34 -11.29 -57.00
C LEU E 192 25.05 -12.02 -58.13
N ARG E 193 24.94 -13.34 -58.14
CA ARG E 193 25.55 -14.16 -59.18
C ARG E 193 24.46 -14.69 -60.10
N VAL E 194 24.64 -14.47 -61.40
CA VAL E 194 23.72 -14.96 -62.42
C VAL E 194 24.53 -15.68 -63.48
N SER E 195 23.83 -16.38 -64.36
CA SER E 195 24.49 -17.05 -65.47
C SER E 195 25.12 -16.03 -66.41
N ALA E 196 26.15 -16.48 -67.14
CA ALA E 196 26.79 -15.61 -68.11
C ALA E 196 25.80 -15.11 -69.14
N THR E 197 24.91 -15.98 -69.60
CA THR E 197 23.91 -15.59 -70.59
C THR E 197 22.97 -14.53 -70.04
N PHE E 198 22.57 -14.66 -68.77
CA PHE E 198 21.64 -13.69 -68.19
C PHE E 198 22.26 -12.30 -68.09
N TRP E 199 23.55 -12.23 -67.77
CA TRP E 199 24.21 -10.93 -67.72
C TRP E 199 24.44 -10.37 -69.12
N GLN E 200 24.71 -11.24 -70.10
CA GLN E 200 24.96 -10.79 -71.47
C GLN E 200 23.71 -10.28 -72.16
N ASN E 201 22.53 -10.43 -71.54
CA ASN E 201 21.29 -9.95 -72.12
C ASN E 201 21.12 -8.48 -71.75
N PRO E 202 21.15 -7.55 -72.72
CA PRO E 202 21.06 -6.12 -72.38
C PRO E 202 19.69 -5.64 -71.94
N ARG E 203 18.63 -6.46 -72.08
CA ARG E 203 17.32 -6.09 -71.60
C ARG E 203 17.12 -6.41 -70.12
N ASN E 204 18.05 -7.11 -69.49
CA ASN E 204 17.93 -7.43 -68.08
C ASN E 204 18.38 -6.25 -67.24
N HIS E 205 17.56 -5.86 -66.28
CA HIS E 205 17.83 -4.71 -65.42
C HIS E 205 18.19 -5.20 -64.02
N PHE E 206 19.35 -4.75 -63.53
CA PHE E 206 19.81 -5.08 -62.19
C PHE E 206 19.83 -3.81 -61.36
N ARG E 207 19.11 -3.82 -60.25
CA ARG E 207 19.05 -2.68 -59.34
C ARG E 207 19.32 -3.15 -57.93
N CYS E 208 20.23 -2.46 -57.24
CA CYS E 208 20.53 -2.72 -55.84
C CYS E 208 19.84 -1.64 -55.00
N GLN E 209 18.92 -2.06 -54.14
CA GLN E 209 18.12 -1.14 -53.35
C GLN E 209 18.52 -1.25 -51.89
N VAL E 210 18.83 -0.10 -51.28
CA VAL E 210 19.25 -0.04 -49.88
C VAL E 210 18.30 0.92 -49.19
N GLN E 211 17.34 0.38 -48.44
CA GLN E 211 16.45 1.19 -47.64
C GLN E 211 17.18 1.64 -46.38
N PHE E 212 17.31 2.95 -46.20
CA PHE E 212 17.99 3.53 -45.06
C PHE E 212 16.97 4.16 -44.13
N TYR E 213 17.20 4.02 -42.82
CA TYR E 213 16.30 4.56 -41.80
C TYR E 213 17.05 5.63 -41.01
N GLY E 214 16.51 6.85 -41.03
CA GLY E 214 17.11 7.96 -40.32
C GLY E 214 16.08 8.84 -39.65
N LEU E 215 16.19 10.15 -39.87
CA LEU E 215 15.23 11.08 -39.29
C LEU E 215 13.88 11.01 -39.99
N SER E 216 12.87 11.53 -39.32
CA SER E 216 11.51 11.61 -39.84
C SER E 216 11.19 13.07 -40.17
N GLU E 217 9.95 13.30 -40.61
CA GLU E 217 9.51 14.65 -40.92
C GLU E 217 9.50 15.53 -39.68
N ASN E 218 9.13 14.96 -38.53
CA ASN E 218 9.02 15.72 -37.29
C ASN E 218 10.37 16.05 -36.67
N ASP E 219 11.49 15.71 -37.31
CA ASP E 219 12.81 15.95 -36.76
C ASP E 219 13.39 17.26 -37.30
N GLU E 220 13.92 18.08 -36.40
CA GLU E 220 14.55 19.34 -36.79
C GLU E 220 15.97 19.08 -37.31
N TRP E 221 16.37 19.91 -38.27
CA TRP E 221 17.69 19.79 -38.89
C TRP E 221 18.26 21.18 -39.11
N THR E 222 19.39 21.47 -38.45
CA THR E 222 19.98 22.80 -38.53
C THR E 222 21.22 22.88 -39.41
N GLN E 223 21.82 21.75 -39.77
CA GLN E 223 23.00 21.79 -40.61
C GLN E 223 22.62 22.10 -42.06
N ASP E 224 23.59 22.64 -42.80
CA ASP E 224 23.31 23.08 -44.17
C ASP E 224 23.10 21.91 -45.13
N ARG E 225 23.79 20.80 -44.90
CA ARG E 225 23.67 19.65 -45.79
C ARG E 225 22.24 19.10 -45.78
N ALA E 226 21.92 18.34 -46.82
CA ALA E 226 20.58 17.78 -46.94
C ALA E 226 20.27 16.88 -45.74
N LYS E 227 19.10 17.08 -45.15
CA LYS E 227 18.73 16.33 -43.97
C LYS E 227 18.55 14.86 -44.34
N PRO E 228 19.15 13.93 -43.61
CA PRO E 228 19.14 12.49 -43.96
C PRO E 228 17.90 11.76 -43.45
N VAL E 229 16.77 11.99 -44.12
CA VAL E 229 15.52 11.32 -43.78
C VAL E 229 15.63 9.84 -44.11
N THR E 230 14.69 9.04 -43.59
CA THR E 230 14.51 7.68 -44.07
C THR E 230 14.25 7.71 -45.57
N GLN E 231 15.08 7.01 -46.33
CA GLN E 231 15.02 7.12 -47.78
C GLN E 231 15.57 5.84 -48.41
N ILE E 232 15.23 5.66 -49.67
CA ILE E 232 15.76 4.56 -50.49
C ILE E 232 16.84 5.13 -51.39
N VAL E 233 18.02 4.52 -51.35
CA VAL E 233 19.13 4.89 -52.22
C VAL E 233 19.46 3.66 -53.06
N SER E 234 19.48 3.84 -54.38
CA SER E 234 19.60 2.73 -55.31
C SER E 234 20.74 2.99 -56.29
N ALA E 235 21.24 1.89 -56.85
CA ALA E 235 22.15 1.92 -57.98
C ALA E 235 21.71 0.86 -58.96
N GLU E 236 21.81 1.17 -60.25
CA GLU E 236 21.26 0.29 -61.28
C GLU E 236 22.33 -0.05 -62.32
N ALA E 237 22.07 -1.12 -63.04
CA ALA E 237 22.92 -1.55 -64.14
C ALA E 237 22.08 -2.37 -65.11
N TRP E 238 22.52 -2.42 -66.35
CA TRP E 238 21.86 -3.17 -67.39
C TRP E 238 22.79 -4.27 -67.88
N GLY E 239 22.20 -5.31 -68.48
CA GLY E 239 23.01 -6.36 -69.06
C GLY E 239 23.90 -5.81 -70.15
N ARG E 240 25.03 -6.49 -70.38
CA ARG E 240 26.04 -6.02 -71.30
C ARG E 240 26.42 -7.12 -72.27
N ALA E 241 26.28 -6.85 -73.56
CA ALA E 241 26.72 -7.74 -74.62
C ALA E 241 28.12 -7.40 -75.10
N ASP E 242 28.83 -6.54 -74.36
CA ASP E 242 30.15 -5.96 -74.66
C ASP E 242 30.03 -4.73 -75.54
N MET F 1 1.25 35.79 21.11
CA MET F 1 0.85 36.33 19.82
C MET F 1 -0.62 36.05 19.53
N GLY F 2 -0.90 35.53 18.35
CA GLY F 2 -2.25 35.19 17.96
C GLY F 2 -2.32 34.52 16.61
N VAL F 3 -3.16 33.49 16.47
CA VAL F 3 -3.32 32.81 15.20
C VAL F 3 -4.10 33.71 14.25
N ILE F 4 -3.56 33.92 13.05
CA ILE F 4 -4.15 34.79 12.05
C ILE F 4 -4.71 33.93 10.92
N GLN F 5 -5.99 34.10 10.63
CA GLN F 5 -6.66 33.39 9.54
C GLN F 5 -7.10 34.38 8.48
N THR F 6 -6.96 33.98 7.21
CA THR F 6 -7.28 34.83 6.08
C THR F 6 -7.97 34.00 5.01
N PRO F 7 -9.05 34.52 4.42
CA PRO F 7 -9.74 35.78 4.73
C PRO F 7 -10.68 35.62 5.92
N ARG F 8 -11.09 36.72 6.56
CA ARG F 8 -12.09 36.62 7.61
C ARG F 8 -13.42 36.11 7.06
N HIS F 9 -13.78 36.56 5.86
CA HIS F 9 -15.00 36.14 5.20
C HIS F 9 -14.68 35.74 3.77
N LYS F 10 -15.45 34.77 3.26
CA LYS F 10 -15.31 34.34 1.87
C LYS F 10 -16.68 33.96 1.33
N VAL F 11 -17.13 34.68 0.31
CA VAL F 11 -18.39 34.40 -0.36
C VAL F 11 -18.06 33.96 -1.78
N THR F 12 -18.51 32.76 -2.15
CA THR F 12 -18.23 32.19 -3.46
C THR F 12 -19.47 31.47 -3.97
N GLY F 13 -19.48 31.23 -5.28
CA GLY F 13 -20.56 30.51 -5.92
C GLY F 13 -20.26 29.02 -6.07
N LYS F 14 -21.29 28.29 -6.50
CA LYS F 14 -21.15 26.86 -6.72
C LYS F 14 -20.07 26.58 -7.76
N GLY F 15 -19.23 25.59 -7.46
CA GLY F 15 -18.24 25.11 -8.42
C GLY F 15 -16.90 25.81 -8.35
N GLN F 16 -16.77 26.87 -7.57
CA GLN F 16 -15.50 27.58 -7.46
C GLN F 16 -14.58 26.90 -6.46
N GLU F 17 -13.30 27.26 -6.51
CA GLU F 17 -12.28 26.73 -5.62
C GLU F 17 -11.91 27.78 -4.59
N ALA F 18 -12.12 27.47 -3.31
CA ALA F 18 -11.77 28.36 -2.21
C ALA F 18 -10.60 27.77 -1.44
N THR F 19 -9.64 28.63 -1.09
CA THR F 19 -8.48 28.24 -0.28
C THR F 19 -8.45 29.12 0.95
N LEU F 20 -8.31 28.51 2.12
CA LEU F 20 -8.31 29.21 3.39
C LEU F 20 -6.92 29.15 4.00
N TRP F 21 -6.44 30.29 4.50
CA TRP F 21 -5.08 30.43 5.00
C TRP F 21 -5.09 30.57 6.51
N CYS F 22 -4.11 29.93 7.16
CA CYS F 22 -3.96 30.02 8.61
C CYS F 22 -2.50 30.21 8.95
N GLU F 23 -2.20 31.22 9.77
CA GLU F 23 -0.85 31.45 10.26
C GLU F 23 -0.80 31.08 11.73
N PRO F 24 -0.17 29.96 12.09
CA PRO F 24 -0.06 29.60 13.51
C PRO F 24 0.84 30.58 14.26
N ILE F 25 0.73 30.51 15.59
CA ILE F 25 1.62 31.29 16.45
C ILE F 25 3.05 30.79 16.26
N SER F 26 3.99 31.73 16.14
CA SER F 26 5.38 31.36 15.90
C SER F 26 5.89 30.44 17.00
N GLY F 27 6.48 29.32 16.58
CA GLY F 27 6.95 28.30 17.49
C GLY F 27 6.00 27.14 17.71
N HIS F 28 4.76 27.25 17.23
CA HIS F 28 3.77 26.19 17.41
C HIS F 28 3.88 25.19 16.26
N SER F 29 4.23 23.95 16.60
CA SER F 29 4.37 22.91 15.59
C SER F 29 3.07 22.18 15.30
N ALA F 30 2.12 22.20 16.24
CA ALA F 30 0.85 21.50 16.08
C ALA F 30 -0.18 22.47 15.51
N VAL F 31 -0.84 22.07 14.43
CA VAL F 31 -1.83 22.89 13.74
C VAL F 31 -3.09 22.08 13.56
N PHE F 32 -4.22 22.66 13.97
CA PHE F 32 -5.53 22.01 13.89
C PHE F 32 -6.45 22.77 12.95
N TRP F 33 -7.30 22.02 12.25
CA TRP F 33 -8.39 22.59 11.46
C TRP F 33 -9.71 22.06 12.00
N TYR F 34 -10.67 22.96 12.20
CA TYR F 34 -11.99 22.60 12.70
C TYR F 34 -13.08 23.27 11.89
N ARG F 35 -14.18 22.56 11.69
CA ARG F 35 -15.40 23.13 11.12
C ARG F 35 -16.33 23.53 12.24
N GLN F 36 -16.87 24.75 12.17
CA GLN F 36 -17.79 25.26 13.18
C GLN F 36 -19.15 25.51 12.54
N THR F 37 -20.18 24.89 13.12
CA THR F 37 -21.56 25.12 12.73
C THR F 37 -22.39 25.28 14.00
N ILE F 38 -23.57 25.89 13.84
CA ILE F 38 -24.43 26.13 15.00
C ILE F 38 -24.96 24.81 15.56
N VAL F 39 -25.24 23.84 14.68
CA VAL F 39 -25.86 22.59 15.13
C VAL F 39 -24.81 21.65 15.71
N GLN F 40 -23.73 21.39 14.97
CA GLN F 40 -22.75 20.39 15.37
C GLN F 40 -21.56 20.98 16.11
N GLY F 41 -21.49 22.29 16.30
CA GLY F 41 -20.38 22.89 17.02
C GLY F 41 -19.06 22.70 16.29
N LEU F 42 -18.01 22.45 17.06
CA LEU F 42 -16.68 22.25 16.51
C LEU F 42 -16.50 20.79 16.10
N GLU F 43 -16.03 20.57 14.87
CA GLU F 43 -15.79 19.24 14.34
C GLU F 43 -14.36 19.16 13.84
N PHE F 44 -13.63 18.15 14.31
CA PHE F 44 -12.24 17.96 13.90
C PHE F 44 -12.14 17.69 12.41
N LEU F 45 -11.17 18.33 11.76
CA LEU F 45 -10.90 18.10 10.34
C LEU F 45 -9.52 17.49 10.12
N THR F 46 -8.46 18.15 10.57
CA THR F 46 -7.11 17.70 10.29
C THR F 46 -6.17 18.15 11.40
N TYR F 47 -5.04 17.46 11.52
CA TYR F 47 -4.01 17.80 12.49
C TYR F 47 -2.65 17.69 11.82
N PHE F 48 -1.81 18.68 12.06
CA PHE F 48 -0.43 18.69 11.57
C PHE F 48 0.52 18.86 12.74
N ARG F 49 1.69 18.24 12.63
CA ARG F 49 2.80 18.50 13.54
C ARG F 49 4.07 18.55 12.70
N ASN F 50 4.77 19.68 12.77
CA ASN F 50 6.00 19.89 12.01
C ASN F 50 5.78 19.65 10.51
N GLN F 51 4.68 20.22 9.99
CA GLN F 51 4.27 20.20 8.59
C GLN F 51 3.83 18.84 8.10
N ALA F 52 3.81 17.81 8.97
CA ALA F 52 3.46 16.47 8.51
C ALA F 52 1.99 16.19 8.75
N PRO F 53 1.23 15.77 7.73
CA PRO F 53 -0.15 15.35 7.98
C PRO F 53 -0.18 14.05 8.76
N ILE F 54 -0.93 14.06 9.88
CA ILE F 54 -0.96 12.95 10.81
C ILE F 54 -2.35 12.35 10.94
N ASP F 55 -3.36 13.20 11.11
CA ASP F 55 -4.74 12.73 11.30
C ASP F 55 -5.66 13.58 10.45
N ASP F 56 -6.32 12.95 9.48
CA ASP F 56 -7.32 13.60 8.63
C ASP F 56 -8.66 12.88 8.70
N SER F 57 -8.96 12.28 9.86
CA SER F 57 -10.16 11.45 9.99
C SER F 57 -11.44 12.26 9.81
N GLY F 58 -11.40 13.56 10.04
CA GLY F 58 -12.57 14.40 9.91
C GLY F 58 -12.74 15.10 8.58
N MET F 59 -11.83 14.89 7.64
CA MET F 59 -11.94 15.55 6.34
C MET F 59 -13.02 14.90 5.50
N PRO F 60 -13.84 15.70 4.80
CA PRO F 60 -14.73 15.13 3.78
C PRO F 60 -13.94 14.48 2.65
N LYS F 61 -14.46 13.38 2.14
CA LYS F 61 -13.78 12.65 1.08
C LYS F 61 -14.02 13.28 -0.29
N GLU F 62 -12.98 13.23 -1.13
CA GLU F 62 -13.01 13.53 -2.56
C GLU F 62 -13.09 15.02 -2.92
N ARG F 63 -13.25 15.93 -1.97
CA ARG F 63 -13.21 17.35 -2.31
C ARG F 63 -12.40 18.24 -1.37
N PHE F 64 -11.95 17.74 -0.23
CA PHE F 64 -11.26 18.55 0.76
C PHE F 64 -9.81 18.13 0.89
N SER F 65 -8.93 19.10 1.12
CA SER F 65 -7.52 18.82 1.29
C SER F 65 -6.88 19.94 2.11
N ALA F 66 -5.79 19.61 2.79
CA ALA F 66 -5.07 20.55 3.63
C ALA F 66 -3.57 20.34 3.47
N GLN F 67 -2.82 21.43 3.50
CA GLN F 67 -1.39 21.39 3.23
C GLN F 67 -0.67 22.37 4.15
N MET F 68 0.63 22.14 4.32
CA MET F 68 1.51 23.04 5.06
C MET F 68 2.77 23.26 4.21
N PRO F 69 2.72 24.22 3.27
CA PRO F 69 3.89 24.44 2.40
C PRO F 69 5.14 24.82 3.16
N ASN F 70 5.05 25.80 4.04
CA ASN F 70 6.15 26.19 4.92
C ASN F 70 5.79 25.89 6.37
N GLN F 71 6.68 26.27 7.27
CA GLN F 71 6.47 26.03 8.70
C GLN F 71 5.57 27.07 9.34
N SER F 72 5.16 28.10 8.60
CA SER F 72 4.39 29.21 9.15
C SER F 72 3.02 29.39 8.52
N HIS F 73 2.68 28.65 7.47
CA HIS F 73 1.39 28.77 6.83
C HIS F 73 0.79 27.40 6.56
N SER F 74 -0.51 27.27 6.82
CA SER F 74 -1.27 26.07 6.49
C SER F 74 -2.49 26.48 5.68
N THR F 75 -2.80 25.71 4.64
CA THR F 75 -3.90 26.02 3.74
C THR F 75 -4.94 24.91 3.78
N LEU F 76 -6.21 25.31 3.74
CA LEU F 76 -7.33 24.38 3.60
C LEU F 76 -8.02 24.72 2.27
N LYS F 77 -7.96 23.80 1.33
CA LYS F 77 -8.45 24.02 -0.03
C LYS F 77 -9.74 23.26 -0.25
N ILE F 78 -10.77 23.97 -0.70
CA ILE F 78 -12.05 23.38 -1.07
C ILE F 78 -12.19 23.51 -2.59
N GLN F 79 -12.41 22.38 -3.26
CA GLN F 79 -12.59 22.36 -4.70
C GLN F 79 -14.06 22.15 -5.03
N SER F 80 -14.54 22.85 -6.06
CA SER F 80 -15.93 22.76 -6.51
C SER F 80 -16.89 23.02 -5.34
N THR F 81 -16.84 24.27 -4.86
CA THR F 81 -17.59 24.66 -3.68
C THR F 81 -19.07 24.35 -3.84
N GLN F 82 -19.67 23.85 -2.76
CA GLN F 82 -21.07 23.49 -2.71
C GLN F 82 -21.72 24.13 -1.50
N PRO F 83 -23.04 24.37 -1.54
CA PRO F 83 -23.69 25.10 -0.44
C PRO F 83 -23.52 24.44 0.93
N GLN F 84 -23.44 23.10 0.98
CA GLN F 84 -23.26 22.43 2.26
C GLN F 84 -21.88 22.65 2.86
N ASP F 85 -20.92 23.14 2.07
CA ASP F 85 -19.62 23.50 2.60
C ASP F 85 -19.66 24.77 3.46
N SER F 86 -20.78 25.49 3.45
CA SER F 86 -20.88 26.75 4.18
C SER F 86 -20.76 26.51 5.68
N ALA F 87 -19.72 27.07 6.28
CA ALA F 87 -19.48 26.98 7.72
C ALA F 87 -18.34 27.93 8.06
N VAL F 88 -18.08 28.06 9.36
CA VAL F 88 -16.90 28.78 9.84
C VAL F 88 -15.79 27.75 10.01
N TYR F 89 -14.66 27.99 9.37
CA TYR F 89 -13.53 27.07 9.42
C TYR F 89 -12.49 27.65 10.35
N LEU F 90 -12.40 27.08 11.56
CA LEU F 90 -11.47 27.53 12.58
C LEU F 90 -10.13 26.84 12.40
N CYS F 91 -9.06 27.55 12.75
CA CYS F 91 -7.72 27.01 12.77
C CYS F 91 -7.12 27.21 14.16
N ALA F 92 -6.41 26.20 14.64
CA ALA F 92 -5.85 26.21 15.98
C ALA F 92 -4.40 25.74 15.95
N SER F 93 -3.56 26.40 16.73
CA SER F 93 -2.16 26.01 16.89
C SER F 93 -1.88 25.72 18.35
N SER F 94 -0.90 24.86 18.59
CA SER F 94 -0.49 24.54 19.94
C SER F 94 0.99 24.17 19.95
N ARG F 95 1.59 24.28 21.13
CA ARG F 95 3.01 23.98 21.30
C ARG F 95 3.27 22.97 22.41
N GLN F 96 2.22 22.45 23.06
CA GLN F 96 2.36 21.48 24.12
C GLN F 96 1.43 20.31 23.85
N GLY F 97 1.87 19.12 24.24
CA GLY F 97 1.05 17.93 24.10
C GLY F 97 -0.14 17.99 25.03
N GLN F 98 -1.36 17.88 24.49
CA GLN F 98 -2.60 17.85 25.26
C GLN F 98 -2.70 19.04 26.21
N ASN F 99 -2.55 20.24 25.65
CA ASN F 99 -2.65 21.48 26.42
C ASN F 99 -3.34 22.51 25.55
N THR F 100 -3.22 23.78 25.94
CA THR F 100 -3.97 24.88 25.34
C THR F 100 -3.89 24.88 23.82
N LEU F 101 -5.05 24.97 23.18
CA LEU F 101 -5.15 25.21 21.75
C LEU F 101 -5.48 26.68 21.54
N TYR F 102 -4.70 27.35 20.70
CA TYR F 102 -4.89 28.77 20.40
C TYR F 102 -5.62 28.89 19.07
N PHE F 103 -6.89 29.32 19.13
CA PHE F 103 -7.74 29.39 17.97
C PHE F 103 -7.63 30.74 17.27
N GLY F 104 -7.74 30.72 15.95
CA GLY F 104 -7.91 31.93 15.18
C GLY F 104 -9.36 32.39 15.18
N ALA F 105 -9.60 33.50 14.49
CA ALA F 105 -10.95 34.03 14.39
C ALA F 105 -11.80 33.29 13.37
N GLY F 106 -11.19 32.46 12.53
CA GLY F 106 -11.93 31.64 11.60
C GLY F 106 -12.23 32.36 10.29
N THR F 107 -12.55 31.56 9.28
CA THR F 107 -12.98 32.04 7.98
C THR F 107 -14.44 31.63 7.80
N ARG F 108 -15.34 32.62 7.78
CA ARG F 108 -16.75 32.35 7.52
C ARG F 108 -16.93 32.22 6.01
N LEU F 109 -17.18 30.99 5.55
CA LEU F 109 -17.35 30.70 4.13
C LEU F 109 -18.81 30.44 3.84
N SER F 110 -19.34 31.11 2.82
CA SER F 110 -20.71 30.92 2.37
C SER F 110 -20.67 30.60 0.88
N VAL F 111 -21.26 29.48 0.50
CA VAL F 111 -21.37 29.08 -0.90
C VAL F 111 -22.84 29.24 -1.30
N LEU F 112 -23.08 30.15 -2.25
CA LEU F 112 -24.42 30.47 -2.70
C LEU F 112 -24.69 29.82 -4.05
N GLU F 113 -25.96 29.51 -4.29
CA GLU F 113 -26.36 28.95 -5.58
C GLU F 113 -26.04 29.92 -6.71
N ASP F 114 -26.63 31.11 -6.66
CA ASP F 114 -26.43 32.14 -7.68
C ASP F 114 -25.87 33.39 -7.01
N LEU F 115 -24.73 33.87 -7.52
CA LEU F 115 -24.17 35.13 -7.04
C LEU F 115 -24.96 36.35 -7.50
N LYS F 116 -26.02 36.16 -8.29
CA LYS F 116 -26.87 37.26 -8.70
C LYS F 116 -27.74 37.79 -7.56
N ASN F 117 -27.85 37.04 -6.46
CA ASN F 117 -28.71 37.39 -5.35
C ASN F 117 -27.97 38.15 -4.25
N VAL F 118 -26.71 38.50 -4.47
CA VAL F 118 -25.94 39.25 -3.49
C VAL F 118 -26.33 40.72 -3.56
N PHE F 119 -26.67 41.29 -2.41
CA PHE F 119 -27.03 42.69 -2.29
C PHE F 119 -26.33 43.31 -1.08
N PRO F 120 -25.94 44.57 -1.18
CA PRO F 120 -25.39 45.26 0.00
C PRO F 120 -26.50 45.78 0.88
N PRO F 121 -26.23 46.07 2.15
CA PRO F 121 -27.28 46.54 3.04
C PRO F 121 -27.60 48.01 2.82
N GLU F 122 -28.87 48.35 3.08
CA GLU F 122 -29.30 49.73 3.18
C GLU F 122 -29.35 50.09 4.66
N VAL F 123 -28.61 51.12 5.05
CA VAL F 123 -28.40 51.46 6.45
C VAL F 123 -29.07 52.81 6.73
N ALA F 124 -29.89 52.84 7.77
CA ALA F 124 -30.55 54.07 8.21
C ALA F 124 -30.48 54.15 9.73
N VAL F 125 -30.40 55.37 10.24
CA VAL F 125 -30.40 55.63 11.67
C VAL F 125 -31.65 56.45 12.00
N PHE F 126 -32.31 56.09 13.09
CA PHE F 126 -33.51 56.77 13.54
C PHE F 126 -33.23 57.45 14.87
N GLU F 127 -33.58 58.73 14.95
CA GLU F 127 -33.22 59.54 16.10
C GLU F 127 -34.15 59.24 17.29
N PRO F 128 -33.66 59.44 18.52
CA PRO F 128 -34.41 59.00 19.70
C PRO F 128 -35.77 59.67 19.82
N SER F 129 -36.71 58.93 20.39
CA SER F 129 -38.03 59.46 20.68
C SER F 129 -37.97 60.52 21.76
N GLU F 130 -38.70 61.62 21.56
CA GLU F 130 -38.74 62.67 22.57
C GLU F 130 -39.48 62.22 23.83
N ALA F 131 -40.51 61.38 23.67
CA ALA F 131 -41.22 60.86 24.84
C ALA F 131 -40.30 60.03 25.71
N GLU F 132 -39.43 59.22 25.08
CA GLU F 132 -38.44 58.45 25.83
C GLU F 132 -37.49 59.38 26.57
N ILE F 133 -37.06 60.46 25.93
CA ILE F 133 -36.19 61.43 26.58
C ILE F 133 -36.91 62.09 27.74
N SER F 134 -38.19 62.43 27.55
CA SER F 134 -38.94 63.12 28.60
C SER F 134 -39.12 62.25 29.84
N HIS F 135 -39.39 60.96 29.65
CA HIS F 135 -39.73 60.08 30.77
C HIS F 135 -38.52 59.46 31.43
N THR F 136 -37.46 59.15 30.68
CA THR F 136 -36.32 58.44 31.21
C THR F 136 -35.06 59.29 31.29
N GLN F 137 -35.05 60.48 30.70
CA GLN F 137 -33.85 61.31 30.59
C GLN F 137 -32.74 60.57 29.84
N LYS F 138 -33.12 59.65 28.96
CA LYS F 138 -32.17 58.89 28.17
C LYS F 138 -32.66 58.85 26.73
N ALA F 139 -31.72 58.65 25.81
CA ALA F 139 -32.01 58.72 24.38
C ALA F 139 -31.46 57.47 23.70
N THR F 140 -32.33 56.73 23.01
CA THR F 140 -31.96 55.50 22.32
C THR F 140 -32.02 55.74 20.81
N LEU F 141 -30.87 55.64 20.15
CA LEU F 141 -30.82 55.61 18.70
C LEU F 141 -30.92 54.16 18.21
N VAL F 142 -31.55 53.99 17.05
CA VAL F 142 -31.75 52.67 16.46
C VAL F 142 -31.24 52.71 15.03
N CYS F 143 -30.41 51.73 14.67
CA CYS F 143 -29.86 51.61 13.32
C CYS F 143 -30.41 50.36 12.66
N LEU F 144 -30.82 50.49 11.40
CA LEU F 144 -31.42 49.40 10.63
C LEU F 144 -30.61 49.15 9.36
N ALA F 145 -30.03 47.97 9.26
CA ALA F 145 -29.42 47.50 8.01
C ALA F 145 -30.36 46.48 7.40
N THR F 146 -30.84 46.75 6.18
CA THR F 146 -31.92 45.97 5.58
C THR F 146 -31.55 45.54 4.17
N GLY F 147 -32.16 44.44 3.74
CA GLY F 147 -32.07 44.00 2.35
C GLY F 147 -30.68 43.59 1.90
N PHE F 148 -29.93 42.91 2.76
CA PHE F 148 -28.61 42.43 2.40
C PHE F 148 -28.58 40.91 2.35
N TYR F 149 -27.77 40.38 1.43
CA TYR F 149 -27.57 38.97 1.25
C TYR F 149 -26.15 38.82 0.68
N PRO F 150 -25.33 37.91 1.21
CA PRO F 150 -25.56 36.99 2.34
C PRO F 150 -25.44 37.62 3.71
N ASP F 151 -25.25 36.79 4.75
CA ASP F 151 -25.31 37.20 6.15
C ASP F 151 -23.94 37.65 6.67
N HIS F 152 -23.07 38.15 5.80
CA HIS F 152 -21.73 38.61 6.21
C HIS F 152 -21.78 40.11 6.45
N VAL F 153 -22.17 40.52 7.65
CA VAL F 153 -22.16 41.92 8.05
C VAL F 153 -21.54 42.06 9.43
N GLU F 154 -20.94 43.23 9.67
CA GLU F 154 -20.40 43.59 10.97
C GLU F 154 -20.78 45.02 11.28
N LEU F 155 -21.58 45.22 12.33
CA LEU F 155 -22.13 46.52 12.67
C LEU F 155 -21.37 47.14 13.82
N SER F 156 -20.99 48.41 13.67
CA SER F 156 -20.29 49.15 14.72
C SER F 156 -20.91 50.52 14.88
N TRP F 157 -20.86 51.03 16.11
CA TRP F 157 -21.31 52.38 16.44
C TRP F 157 -20.10 53.28 16.65
N TRP F 158 -20.11 54.45 16.03
CA TRP F 158 -18.99 55.39 16.09
C TRP F 158 -19.52 56.73 16.58
N VAL F 159 -19.10 57.13 17.78
CA VAL F 159 -19.50 58.39 18.38
C VAL F 159 -18.29 59.33 18.37
N ASN F 160 -18.43 60.46 17.68
CA ASN F 160 -17.38 61.47 17.59
C ASN F 160 -16.06 60.87 17.08
N GLY F 161 -16.18 59.99 16.09
CA GLY F 161 -15.02 59.42 15.43
C GLY F 161 -14.36 58.27 16.16
N LYS F 162 -14.88 57.86 17.30
CA LYS F 162 -14.33 56.74 18.07
C LYS F 162 -15.39 55.67 18.22
N GLU F 163 -14.99 54.42 17.97
CA GLU F 163 -15.92 53.30 18.13
C GLU F 163 -16.30 53.17 19.59
N VAL F 164 -17.59 52.91 19.84
CA VAL F 164 -18.11 52.79 21.20
C VAL F 164 -18.72 51.42 21.38
N HIS F 165 -18.60 50.89 22.59
CA HIS F 165 -19.19 49.62 22.97
C HIS F 165 -20.18 49.72 24.12
N SER F 166 -19.97 50.66 25.03
CA SER F 166 -20.93 50.88 26.11
C SER F 166 -22.23 51.46 25.55
N GLY F 167 -23.35 50.94 26.05
CA GLY F 167 -24.66 51.39 25.60
C GLY F 167 -25.10 50.85 24.27
N VAL F 168 -24.38 49.90 23.69
CA VAL F 168 -24.66 49.36 22.36
C VAL F 168 -25.30 47.98 22.51
N CYS F 169 -26.25 47.68 21.64
CA CYS F 169 -26.84 46.33 21.60
C CYS F 169 -27.25 46.04 20.16
N THR F 170 -26.57 45.09 19.53
CA THR F 170 -26.90 44.62 18.20
C THR F 170 -27.56 43.25 18.29
N ASP F 171 -28.49 42.99 17.37
CA ASP F 171 -29.18 41.71 17.33
C ASP F 171 -28.15 40.59 17.18
N PRO F 172 -28.24 39.52 17.98
CA PRO F 172 -27.25 38.44 17.86
C PRO F 172 -27.23 37.80 16.49
N GLN F 173 -28.40 37.66 15.84
CA GLN F 173 -28.49 37.12 14.50
C GLN F 173 -29.49 37.96 13.71
N PRO F 174 -29.25 38.16 12.42
CA PRO F 174 -30.23 38.89 11.60
C PRO F 174 -31.47 38.05 11.33
N LEU F 175 -32.55 38.75 11.00
CA LEU F 175 -33.81 38.11 10.68
C LEU F 175 -34.04 38.10 9.18
N LYS F 176 -34.77 37.10 8.70
CA LYS F 176 -35.06 36.98 7.28
C LYS F 176 -36.23 37.87 6.92
N GLU F 177 -36.06 38.69 5.88
CA GLU F 177 -37.13 39.57 5.45
C GLU F 177 -38.32 38.77 4.91
N GLN F 178 -38.06 37.74 4.12
CA GLN F 178 -39.08 36.82 3.63
C GLN F 178 -38.66 35.41 4.03
N PRO F 179 -39.01 34.96 5.23
CA PRO F 179 -38.51 33.66 5.71
C PRO F 179 -38.94 32.48 4.85
N ALA F 180 -39.95 32.65 4.00
CA ALA F 180 -40.36 31.56 3.11
C ALA F 180 -39.27 31.22 2.11
N LEU F 181 -38.69 32.24 1.47
CA LEU F 181 -37.66 32.02 0.46
C LEU F 181 -36.34 31.64 1.12
N ASN F 182 -35.62 30.71 0.49
CA ASN F 182 -34.33 30.27 1.01
C ASN F 182 -33.18 31.18 0.60
N ASP F 183 -33.37 32.02 -0.42
CA ASP F 183 -32.41 33.05 -0.79
C ASP F 183 -32.80 34.41 -0.24
N SER F 184 -33.57 34.44 0.85
CA SER F 184 -34.11 35.68 1.37
C SER F 184 -33.01 36.62 1.86
N ARG F 185 -33.22 37.91 1.65
CA ARG F 185 -32.36 38.94 2.21
C ARG F 185 -32.59 39.04 3.72
N TYR F 186 -31.64 39.69 4.39
CA TYR F 186 -31.65 39.77 5.85
C TYR F 186 -31.76 41.21 6.30
N ALA F 187 -32.16 41.37 7.56
CA ALA F 187 -32.24 42.66 8.22
C ALA F 187 -31.57 42.57 9.59
N LEU F 188 -30.89 43.64 9.99
CA LEU F 188 -30.19 43.67 11.27
C LEU F 188 -30.44 45.01 11.95
N SER F 189 -30.69 44.97 13.25
CA SER F 189 -30.99 46.14 14.04
C SER F 189 -30.00 46.28 15.20
N SER F 190 -29.70 47.52 15.57
CA SER F 190 -28.83 47.81 16.69
C SER F 190 -29.34 49.05 17.41
N ARG F 191 -28.99 49.16 18.68
CA ARG F 191 -29.40 50.29 19.52
C ARG F 191 -28.20 50.87 20.24
N LEU F 192 -28.15 52.19 20.33
CA LEU F 192 -27.18 52.90 21.15
C LEU F 192 -27.94 53.88 22.03
N ARG F 193 -27.85 53.71 23.34
CA ARG F 193 -28.51 54.60 24.29
C ARG F 193 -27.48 55.48 24.98
N VAL F 194 -27.74 56.79 24.96
CA VAL F 194 -26.90 57.78 25.61
C VAL F 194 -27.80 58.66 26.48
N SER F 195 -27.16 59.48 27.32
CA SER F 195 -27.91 60.40 28.16
C SER F 195 -28.63 61.43 27.31
N ALA F 196 -29.71 61.98 27.87
CA ALA F 196 -30.47 63.02 27.17
C ALA F 196 -29.60 64.23 26.89
N THR F 197 -28.77 64.64 27.85
CA THR F 197 -27.89 65.79 27.65
C THR F 197 -26.90 65.53 26.53
N PHE F 198 -26.34 64.32 26.46
CA PHE F 198 -25.39 64.00 25.40
C PHE F 198 -26.05 64.02 24.04
N TRP F 199 -27.30 63.54 23.95
CA TRP F 199 -28.02 63.59 22.69
C TRP F 199 -28.46 65.01 22.34
N GLN F 200 -28.79 65.82 23.34
CA GLN F 200 -29.26 67.18 23.08
C GLN F 200 -28.16 68.09 22.54
N ASN F 201 -26.90 67.64 22.55
CA ASN F 201 -25.80 68.42 22.02
C ASN F 201 -25.64 68.15 20.53
N PRO F 202 -25.87 69.13 19.65
CA PRO F 202 -25.71 68.87 18.20
C PRO F 202 -24.26 68.76 17.75
N ARG F 203 -23.28 69.02 18.61
CA ARG F 203 -21.89 68.83 18.23
C ARG F 203 -21.44 67.39 18.34
N ASN F 204 -22.29 66.52 18.91
CA ASN F 204 -21.98 65.10 19.00
C ASN F 204 -22.38 64.41 17.70
N HIS F 205 -21.48 63.60 17.15
CA HIS F 205 -21.70 62.90 15.91
C HIS F 205 -21.92 61.42 16.17
N PHE F 206 -23.05 60.90 15.68
CA PHE F 206 -23.39 59.49 15.80
C PHE F 206 -23.41 58.86 14.42
N ARG F 207 -22.62 57.82 14.23
CA ARG F 207 -22.54 57.11 12.96
C ARG F 207 -22.70 55.61 13.19
N CYS F 208 -23.58 54.99 12.41
CA CYS F 208 -23.75 53.55 12.43
C CYS F 208 -23.06 52.97 11.21
N GLN F 209 -22.05 52.15 11.43
CA GLN F 209 -21.21 51.60 10.37
C GLN F 209 -21.47 50.10 10.25
N VAL F 210 -21.78 49.65 9.04
CA VAL F 210 -22.08 48.25 8.75
C VAL F 210 -21.12 47.80 7.65
N GLN F 211 -20.08 47.06 8.04
CA GLN F 211 -19.17 46.45 7.07
C GLN F 211 -19.83 45.23 6.45
N PHE F 212 -19.98 45.25 5.13
CA PHE F 212 -20.60 44.14 4.40
C PHE F 212 -19.55 43.40 3.59
N TYR F 213 -19.67 42.08 3.53
CA TYR F 213 -18.76 41.23 2.79
C TYR F 213 -19.53 40.57 1.66
N GLY F 214 -19.09 40.81 0.42
CA GLY F 214 -19.74 40.26 -0.74
C GLY F 214 -18.76 39.78 -1.79
N LEU F 215 -18.95 40.21 -3.04
CA LEU F 215 -18.07 39.81 -4.11
C LEU F 215 -16.70 40.48 -3.98
N SER F 216 -15.72 39.91 -4.66
CA SER F 216 -14.36 40.45 -4.70
C SER F 216 -14.08 41.02 -6.09
N GLU F 217 -12.85 41.50 -6.27
CA GLU F 217 -12.45 42.05 -7.56
C GLU F 217 -12.43 40.96 -8.63
N ASN F 218 -12.00 39.75 -8.27
CA ASN F 218 -11.89 38.65 -9.21
C ASN F 218 -13.22 38.04 -9.61
N ASP F 219 -14.33 38.59 -9.14
CA ASP F 219 -15.66 38.06 -9.44
C ASP F 219 -16.25 38.81 -10.63
N GLU F 220 -16.78 38.07 -11.58
CA GLU F 220 -17.42 38.69 -12.74
C GLU F 220 -18.83 39.18 -12.36
N TRP F 221 -19.22 40.29 -12.97
CA TRP F 221 -20.53 40.88 -12.72
C TRP F 221 -21.12 41.37 -14.03
N THR F 222 -22.24 40.78 -14.42
CA THR F 222 -22.89 41.09 -15.69
C THR F 222 -24.16 41.92 -15.53
N GLN F 223 -24.68 42.05 -14.32
CA GLN F 223 -25.92 42.77 -14.08
C GLN F 223 -25.72 44.29 -14.18
N ASP F 224 -26.82 44.98 -14.44
CA ASP F 224 -26.76 46.43 -14.65
C ASP F 224 -26.48 47.17 -13.35
N ARG F 225 -27.04 46.70 -12.24
CA ARG F 225 -26.85 47.36 -10.96
C ARG F 225 -25.40 47.29 -10.52
N ALA F 226 -25.03 48.17 -9.60
CA ALA F 226 -23.67 48.21 -9.07
C ALA F 226 -23.31 46.87 -8.46
N LYS F 227 -22.13 46.37 -8.79
CA LYS F 227 -21.71 45.05 -8.30
C LYS F 227 -21.56 45.09 -6.79
N PRO F 228 -22.11 44.11 -6.07
CA PRO F 228 -22.10 44.16 -4.59
C PRO F 228 -20.79 43.68 -3.99
N VAL F 229 -19.76 44.51 -4.14
CA VAL F 229 -18.47 44.20 -3.56
C VAL F 229 -18.53 44.34 -2.04
N THR F 230 -17.50 43.80 -1.38
CA THR F 230 -17.26 44.10 0.01
C THR F 230 -17.14 45.60 0.20
N GLN F 231 -17.98 46.17 1.06
CA GLN F 231 -18.06 47.62 1.18
C GLN F 231 -18.61 47.98 2.55
N ILE F 232 -18.37 49.24 2.93
CA ILE F 232 -18.91 49.82 4.15
C ILE F 232 -20.08 50.73 3.77
N VAL F 233 -21.22 50.50 4.40
CA VAL F 233 -22.40 51.35 4.23
C VAL F 233 -22.74 51.94 5.58
N SER F 234 -22.86 53.27 5.63
CA SER F 234 -23.00 53.99 6.89
C SER F 234 -24.21 54.92 6.85
N ALA F 235 -24.70 55.24 8.03
CA ALA F 235 -25.70 56.29 8.23
C ALA F 235 -25.29 57.10 9.46
N GLU F 236 -25.49 58.41 9.39
CA GLU F 236 -25.02 59.31 10.43
C GLU F 236 -26.15 60.20 10.91
N ALA F 237 -25.97 60.74 12.12
CA ALA F 237 -26.92 61.68 12.69
C ALA F 237 -26.20 62.58 13.69
N TRP F 238 -26.77 63.76 13.91
CA TRP F 238 -26.23 64.71 14.87
C TRP F 238 -27.26 64.96 15.97
N GLY F 239 -26.77 65.41 17.11
CA GLY F 239 -27.65 65.75 18.21
C GLY F 239 -28.61 66.88 17.86
N ARG F 240 -29.72 66.92 18.59
CA ARG F 240 -30.80 67.88 18.34
C ARG F 240 -31.11 68.60 19.64
N ALA F 241 -31.04 69.93 19.60
CA ALA F 241 -31.41 70.75 20.74
C ALA F 241 -32.87 71.20 20.64
N GLN G 4 -17.42 10.10 19.99
CA GLN G 4 -18.66 10.77 20.35
C GLN G 4 -18.53 11.55 21.66
N VAL G 5 -18.90 12.82 21.64
CA VAL G 5 -18.95 13.64 22.84
C VAL G 5 -20.31 14.32 22.86
N GLU G 6 -21.13 13.99 23.86
CA GLU G 6 -22.47 14.55 23.98
C GLU G 6 -22.47 15.64 25.04
N GLN G 7 -22.84 16.85 24.63
CA GLN G 7 -22.83 18.01 25.51
C GLN G 7 -24.27 18.47 25.75
N LEU G 8 -24.65 18.56 27.03
CA LEU G 8 -25.98 19.01 27.41
C LEU G 8 -25.86 20.05 28.51
N PRO G 9 -26.73 21.06 28.52
CA PRO G 9 -27.78 21.36 27.53
C PRO G 9 -27.25 22.14 26.34
N SER G 10 -28.01 22.20 25.24
CA SER G 10 -27.62 23.03 24.11
C SER G 10 -27.79 24.52 24.44
N ILE G 11 -28.86 24.87 25.15
CA ILE G 11 -29.14 26.24 25.56
C ILE G 11 -29.31 26.26 27.07
N LEU G 12 -28.69 27.25 27.71
CA LEU G 12 -28.73 27.39 29.17
C LEU G 12 -29.03 28.86 29.50
N ARG G 13 -30.26 29.14 29.90
CA ARG G 13 -30.63 30.46 30.40
C ARG G 13 -30.55 30.44 31.92
N VAL G 14 -29.74 31.33 32.49
CA VAL G 14 -29.57 31.42 33.94
C VAL G 14 -29.50 32.89 34.33
N GLN G 15 -29.96 33.18 35.54
CA GLN G 15 -29.98 34.56 36.04
C GLN G 15 -28.68 34.87 36.78
N GLU G 16 -28.34 36.16 36.78
CA GLU G 16 -27.13 36.64 37.46
C GLU G 16 -27.05 36.12 38.88
N GLY G 17 -25.85 35.72 39.29
CA GLY G 17 -25.60 35.23 40.62
C GLY G 17 -25.87 33.75 40.82
N SER G 18 -26.71 33.15 39.98
CA SER G 18 -27.03 31.74 40.10
C SER G 18 -25.92 30.89 39.46
N SER G 19 -25.97 29.59 39.72
CA SER G 19 -24.97 28.66 39.20
C SER G 19 -25.46 28.05 37.90
N ALA G 20 -24.50 27.76 37.02
CA ALA G 20 -24.75 27.08 35.76
C ALA G 20 -23.93 25.80 35.70
N SER G 21 -24.50 24.77 35.08
CA SER G 21 -23.85 23.46 35.00
C SER G 21 -24.01 22.90 33.59
N ILE G 22 -22.89 22.52 32.98
CA ILE G 22 -22.88 21.87 31.68
C ILE G 22 -22.32 20.47 31.88
N ASN G 23 -23.02 19.46 31.35
CA ASN G 23 -22.66 18.06 31.53
C ASN G 23 -22.31 17.45 30.18
N CYS G 24 -21.17 16.77 30.13
CA CYS G 24 -20.70 16.12 28.92
C CYS G 24 -20.40 14.65 29.20
N SER G 25 -20.65 13.81 28.19
CA SER G 25 -20.32 12.39 28.24
C SER G 25 -19.54 12.01 27.00
N TYR G 26 -18.73 10.95 27.11
CA TYR G 26 -17.88 10.52 26.03
C TYR G 26 -17.91 9.00 25.91
N GLU G 27 -17.67 8.50 24.71
CA GLU G 27 -17.72 7.08 24.42
C GLU G 27 -16.36 6.39 24.60
N ASP G 28 -15.28 7.06 24.23
CA ASP G 28 -13.95 6.44 24.22
C ASP G 28 -13.40 6.42 25.64
N SER G 29 -13.32 5.23 26.23
CA SER G 29 -12.82 5.10 27.60
C SER G 29 -11.34 5.43 27.72
N ALA G 30 -10.61 5.53 26.60
CA ALA G 30 -9.20 5.90 26.64
C ALA G 30 -8.99 7.40 26.77
N SER G 31 -10.06 8.20 26.67
CA SER G 31 -9.93 9.65 26.81
C SER G 31 -9.35 10.00 28.17
N ASN G 32 -8.39 10.93 28.18
CA ASN G 32 -7.70 11.29 29.40
C ASN G 32 -7.49 12.78 29.58
N TYR G 33 -7.87 13.62 28.62
CA TYR G 33 -7.73 15.06 28.72
C TYR G 33 -9.08 15.70 28.38
N PHE G 34 -9.53 16.61 29.23
CA PHE G 34 -10.88 17.18 29.13
C PHE G 34 -10.81 18.69 29.31
N PRO G 35 -10.54 19.43 28.24
CA PRO G 35 -10.53 20.89 28.31
C PRO G 35 -11.93 21.48 28.11
N TRP G 36 -12.05 22.75 28.49
CA TRP G 36 -13.27 23.52 28.29
C TRP G 36 -12.92 24.83 27.62
N TYR G 37 -13.70 25.20 26.59
CA TYR G 37 -13.41 26.36 25.77
C TYR G 37 -14.60 27.31 25.74
N LYS G 38 -14.32 28.59 25.94
CA LYS G 38 -15.32 29.65 25.94
C LYS G 38 -15.18 30.47 24.66
N GLN G 39 -16.28 30.67 23.96
CA GLN G 39 -16.28 31.43 22.71
C GLN G 39 -17.34 32.51 22.75
N GLU G 40 -16.91 33.76 22.75
CA GLU G 40 -17.79 34.90 22.56
C GLU G 40 -18.06 35.10 21.07
N PRO G 41 -19.18 35.73 20.70
CA PRO G 41 -19.63 35.65 19.30
C PRO G 41 -18.68 36.33 18.34
N GLY G 42 -18.30 35.61 17.29
CA GLY G 42 -17.35 36.11 16.30
C GLY G 42 -15.91 35.93 16.70
N GLU G 43 -15.63 36.04 18.00
CA GLU G 43 -14.28 35.89 18.51
C GLU G 43 -13.85 34.43 18.48
N ASN G 44 -12.65 34.16 19.00
CA ASN G 44 -12.11 32.82 18.99
C ASN G 44 -12.38 32.11 20.31
N PRO G 45 -12.50 30.78 20.27
CA PRO G 45 -12.57 30.01 21.52
C PRO G 45 -11.27 30.16 22.32
N LYS G 46 -11.41 30.25 23.64
CA LYS G 46 -10.27 30.35 24.54
C LYS G 46 -10.42 29.34 25.66
N LEU G 47 -9.35 28.59 25.93
CA LEU G 47 -9.34 27.66 27.04
C LEU G 47 -9.54 28.40 28.36
N ILE G 48 -10.45 27.90 29.19
CA ILE G 48 -10.72 28.54 30.48
C ILE G 48 -10.35 27.60 31.63
N ILE G 49 -10.50 26.29 31.41
CA ILE G 49 -10.21 25.29 32.43
C ILE G 49 -10.18 23.90 31.81
N ASP G 50 -9.43 22.98 32.42
CA ASP G 50 -9.33 21.62 31.93
C ASP G 50 -9.12 20.66 33.10
N ILE G 51 -9.04 19.37 32.79
CA ILE G 51 -8.81 18.34 33.80
C ILE G 51 -8.23 17.12 33.10
N ARG G 52 -7.50 16.30 33.85
CA ARG G 52 -6.89 15.09 33.33
C ARG G 52 -7.45 13.86 34.06
N SER G 53 -7.26 12.70 33.43
CA SER G 53 -7.92 11.47 33.89
C SER G 53 -7.54 11.12 35.32
N ASN G 54 -6.34 11.49 35.77
CA ASN G 54 -5.92 11.14 37.12
C ASN G 54 -6.64 11.96 38.19
N MET G 55 -7.33 13.02 37.81
CA MET G 55 -8.02 13.89 38.75
C MET G 55 -9.53 13.73 38.64
N GLU G 56 -10.23 14.18 39.67
CA GLU G 56 -11.69 14.14 39.71
C GLU G 56 -12.33 15.50 39.89
N ARG G 57 -11.66 16.45 40.54
CA ARG G 57 -12.24 17.76 40.82
C ARG G 57 -11.14 18.82 40.73
N LYS G 58 -11.53 20.01 40.27
CA LYS G 58 -10.58 21.12 40.12
C LYS G 58 -11.36 22.42 40.22
N GLN G 59 -10.98 23.26 41.19
CA GLN G 59 -11.60 24.56 41.40
C GLN G 59 -10.59 25.66 41.09
N THR G 60 -10.94 26.56 40.18
CA THR G 60 -10.09 27.71 39.84
C THR G 60 -10.98 28.94 39.70
N GLN G 61 -11.08 29.72 40.78
CA GLN G 61 -11.73 31.03 40.77
C GLN G 61 -13.17 30.93 40.28
N GLY G 62 -13.99 30.22 41.07
CA GLY G 62 -15.39 30.10 40.76
C GLY G 62 -15.72 29.23 39.58
N LEU G 63 -14.76 28.42 39.12
CA LEU G 63 -14.98 27.44 38.07
C LEU G 63 -14.64 26.06 38.62
N ILE G 64 -15.57 25.12 38.47
CA ILE G 64 -15.44 23.77 38.99
C ILE G 64 -15.62 22.79 37.84
N VAL G 65 -14.69 21.85 37.71
CA VAL G 65 -14.80 20.75 36.75
C VAL G 65 -14.74 19.44 37.51
N LEU G 66 -15.64 18.53 37.19
CA LEU G 66 -15.67 17.20 37.76
C LEU G 66 -15.42 16.18 36.67
N LEU G 67 -14.83 15.05 37.05
CA LEU G 67 -14.57 13.97 36.10
C LEU G 67 -14.94 12.65 36.76
N ASP G 68 -15.75 11.85 36.06
CA ASP G 68 -16.11 10.50 36.47
C ASP G 68 -15.63 9.56 35.38
N LYS G 69 -14.40 9.05 35.53
CA LYS G 69 -13.84 8.14 34.54
C LYS G 69 -14.70 6.89 34.39
N LYS G 70 -15.20 6.34 35.51
CA LYS G 70 -16.03 5.14 35.45
C LYS G 70 -17.32 5.41 34.68
N ALA G 71 -18.02 6.49 35.04
CA ALA G 71 -19.24 6.86 34.34
C ALA G 71 -18.97 7.50 32.98
N LYS G 72 -17.71 7.84 32.68
CA LYS G 72 -17.31 8.48 31.43
C LYS G 72 -18.05 9.80 31.23
N ARG G 73 -17.99 10.65 32.26
CA ARG G 73 -18.63 11.95 32.20
C ARG G 73 -17.82 13.00 32.92
N PHE G 74 -17.93 14.23 32.42
CA PHE G 74 -17.28 15.39 33.01
C PHE G 74 -18.20 16.59 32.87
N SER G 75 -18.12 17.49 33.84
CA SER G 75 -19.04 18.61 33.93
C SER G 75 -18.29 19.88 34.29
N LEU G 76 -18.78 21.00 33.78
CA LEU G 76 -18.30 22.33 34.16
C LEU G 76 -19.39 23.03 34.96
N HIS G 77 -18.98 23.70 36.04
CA HIS G 77 -19.90 24.39 36.92
C HIS G 77 -19.40 25.81 37.15
N ILE G 78 -20.19 26.79 36.72
CA ILE G 78 -19.88 28.20 36.92
C ILE G 78 -20.72 28.68 38.09
N THR G 79 -20.11 28.79 39.25
CA THR G 79 -20.77 29.37 40.41
C THR G 79 -20.75 30.89 40.32
N ASP G 80 -21.86 31.51 40.71
CA ASP G 80 -22.01 32.97 40.71
C ASP G 80 -21.79 33.54 39.30
N THR G 81 -22.72 33.17 38.42
CA THR G 81 -22.64 33.60 37.03
C THR G 81 -22.74 35.12 36.93
N GLN G 82 -22.02 35.66 35.95
CA GLN G 82 -21.96 37.09 35.66
C GLN G 82 -22.28 37.29 34.19
N PRO G 83 -22.73 38.49 33.80
CA PRO G 83 -23.03 38.73 32.38
C PRO G 83 -21.84 38.49 31.46
N GLY G 84 -20.62 38.68 31.96
CA GLY G 84 -19.43 38.36 31.18
C GLY G 84 -19.31 36.88 30.84
N ASP G 85 -20.01 36.02 31.58
CA ASP G 85 -19.99 34.58 31.31
C ASP G 85 -20.89 34.19 30.15
N SER G 86 -21.76 35.08 29.68
CA SER G 86 -22.61 34.79 28.53
C SER G 86 -21.76 34.54 27.29
N ALA G 87 -21.72 33.31 26.82
CA ALA G 87 -20.87 32.94 25.68
C ALA G 87 -21.26 31.55 25.23
N MET G 88 -20.53 31.06 24.23
CA MET G 88 -20.68 29.70 23.71
C MET G 88 -19.59 28.83 24.34
N TYR G 89 -20.00 27.75 24.99
CA TYR G 89 -19.08 26.88 25.72
C TYR G 89 -18.96 25.55 25.02
N PHE G 90 -17.72 25.09 24.84
CA PHE G 90 -17.43 23.81 24.18
C PHE G 90 -16.61 22.94 25.13
N CYS G 91 -17.03 21.69 25.29
CA CYS G 91 -16.28 20.69 26.03
C CYS G 91 -15.64 19.71 25.05
N ALA G 92 -14.49 19.17 25.43
CA ALA G 92 -13.73 18.30 24.54
C ALA G 92 -13.17 17.12 25.31
N ALA G 93 -12.92 16.03 24.58
CA ALA G 93 -12.30 14.84 25.12
C ALA G 93 -11.18 14.41 24.18
N SER G 94 -9.96 14.31 24.73
CA SER G 94 -8.79 13.95 23.95
C SER G 94 -8.17 12.67 24.50
N VAL G 95 -7.94 11.70 23.63
CA VAL G 95 -7.16 10.52 24.01
C VAL G 95 -5.68 10.84 23.94
N ARG G 96 -5.23 11.40 22.81
CA ARG G 96 -3.86 11.88 22.68
C ARG G 96 -3.88 13.28 22.06
N ASN G 97 -2.70 13.81 21.71
CA ASN G 97 -2.63 15.18 21.22
C ASN G 97 -3.11 15.34 19.79
N TYR G 98 -3.16 14.26 19.00
CA TYR G 98 -3.40 14.41 17.57
C TYR G 98 -4.87 14.53 17.19
N LYS G 99 -5.79 14.53 18.17
CA LYS G 99 -7.20 14.74 17.86
C LYS G 99 -7.95 15.14 19.13
N TYR G 100 -8.69 16.23 19.06
CA TYR G 100 -9.62 16.63 20.11
C TYR G 100 -11.04 16.45 19.58
N VAL G 101 -11.89 15.77 20.35
CA VAL G 101 -13.28 15.57 19.99
C VAL G 101 -14.11 16.54 20.81
N PHE G 102 -14.74 17.51 20.15
CA PHE G 102 -15.50 18.55 20.81
C PHE G 102 -16.99 18.19 20.82
N GLY G 103 -17.70 18.80 21.77
CA GLY G 103 -19.15 18.67 21.83
C GLY G 103 -19.83 19.62 20.86
N ALA G 104 -21.17 19.58 20.89
CA ALA G 104 -21.95 20.47 20.05
C ALA G 104 -21.99 21.90 20.58
N GLY G 105 -21.69 22.10 21.86
CA GLY G 105 -21.66 23.43 22.44
C GLY G 105 -22.88 23.71 23.31
N THR G 106 -22.70 24.68 24.21
CA THR G 106 -23.77 25.16 25.07
C THR G 106 -23.82 26.68 24.98
N ARG G 107 -24.93 27.21 24.49
CA ARG G 107 -25.15 28.65 24.43
C ARG G 107 -25.68 29.12 25.78
N LEU G 108 -24.81 29.70 26.60
CA LEU G 108 -25.17 30.14 27.94
C LEU G 108 -25.57 31.61 27.90
N LYS G 109 -26.83 31.88 28.26
CA LYS G 109 -27.35 33.24 28.35
C LYS G 109 -27.51 33.59 29.82
N VAL G 110 -26.72 34.55 30.30
CA VAL G 110 -26.84 35.06 31.65
C VAL G 110 -27.73 36.30 31.64
N ILE G 111 -28.84 36.25 32.37
CA ILE G 111 -29.83 37.31 32.33
C ILE G 111 -29.41 38.43 33.27
N ALA G 112 -29.61 39.68 32.82
CA ALA G 112 -29.02 40.86 33.45
C ALA G 112 -29.66 41.24 34.79
N ASP G 113 -30.82 40.68 35.14
CA ASP G 113 -31.49 40.97 36.41
C ASP G 113 -31.79 42.47 36.54
N ILE G 114 -32.73 42.91 35.71
CA ILE G 114 -33.15 44.32 35.70
C ILE G 114 -33.70 44.71 37.06
N GLN G 115 -33.17 45.81 37.61
CA GLN G 115 -33.53 46.24 38.96
C GLN G 115 -34.77 47.12 39.00
N ASN G 116 -34.90 48.06 38.07
CA ASN G 116 -35.99 49.04 38.07
C ASN G 116 -36.69 49.02 36.72
N PRO G 117 -37.53 48.01 36.47
CA PRO G 117 -38.20 47.91 35.17
C PRO G 117 -39.16 49.08 34.94
N ASP G 118 -39.19 49.55 33.70
CA ASP G 118 -40.05 50.67 33.30
C ASP G 118 -40.55 50.43 31.88
N PRO G 119 -41.35 49.39 31.67
CA PRO G 119 -41.75 49.02 30.31
C PRO G 119 -42.54 50.12 29.62
N ALA G 120 -42.15 50.44 28.39
CA ALA G 120 -42.81 51.47 27.61
C ALA G 120 -42.41 51.30 26.15
N VAL G 121 -43.36 51.61 25.25
CA VAL G 121 -43.15 51.56 23.81
C VAL G 121 -43.04 52.99 23.30
N TYR G 122 -42.04 53.24 22.46
CA TYR G 122 -41.77 54.56 21.92
C TYR G 122 -41.62 54.49 20.41
N GLN G 123 -41.97 55.59 19.75
CA GLN G 123 -41.81 55.72 18.30
C GLN G 123 -40.63 56.65 18.03
N LEU G 124 -39.65 56.15 17.28
CA LEU G 124 -38.48 56.95 16.95
C LEU G 124 -38.75 57.79 15.72
N ARG G 125 -38.09 58.95 15.64
CA ARG G 125 -38.25 59.82 14.49
C ARG G 125 -37.77 59.11 13.22
N ASP G 126 -38.44 59.42 12.12
CA ASP G 126 -38.07 58.84 10.84
C ASP G 126 -36.70 59.36 10.43
N SER G 127 -36.11 58.72 9.42
CA SER G 127 -34.75 59.00 9.02
C SER G 127 -34.65 59.98 7.85
N LYS G 128 -35.76 60.36 7.24
CA LYS G 128 -35.83 61.26 6.08
C LYS G 128 -35.18 60.62 4.87
N SER G 129 -34.59 59.43 5.03
CA SER G 129 -33.96 58.67 3.97
C SER G 129 -34.52 57.25 3.90
N SER G 130 -35.53 56.93 4.70
CA SER G 130 -36.08 55.59 4.78
C SER G 130 -37.60 55.64 4.81
N ASP G 131 -38.23 54.70 4.11
CA ASP G 131 -39.69 54.59 4.11
C ASP G 131 -40.16 53.59 5.16
N LYS G 132 -39.67 53.75 6.38
CA LYS G 132 -39.99 52.85 7.49
C LYS G 132 -40.25 53.66 8.74
N SER G 133 -41.26 53.23 9.51
CA SER G 133 -41.49 53.73 10.85
C SER G 133 -40.92 52.73 11.85
N VAL G 134 -40.23 53.22 12.87
CA VAL G 134 -39.50 52.38 13.81
C VAL G 134 -40.08 52.58 15.20
N CYS G 135 -40.50 51.47 15.83
CA CYS G 135 -40.97 51.46 17.20
C CYS G 135 -39.94 50.79 18.10
N LEU G 136 -39.87 51.25 19.35
CA LEU G 136 -38.93 50.70 20.32
C LEU G 136 -39.69 50.28 21.57
N PHE G 137 -39.58 49.01 21.92
CA PHE G 137 -40.07 48.49 23.19
C PHE G 137 -38.87 48.29 24.11
N THR G 138 -38.81 49.05 25.20
CA THR G 138 -37.60 49.11 26.00
C THR G 138 -37.93 49.11 27.48
N ASP G 139 -36.91 48.84 28.28
CA ASP G 139 -36.93 48.91 29.75
C ASP G 139 -37.85 47.88 30.39
N PHE G 140 -38.15 46.78 29.71
CA PHE G 140 -38.90 45.70 30.33
C PHE G 140 -37.96 44.75 31.05
N ASP G 141 -38.53 43.88 31.89
CA ASP G 141 -37.73 43.05 32.76
C ASP G 141 -37.38 41.72 32.08
N SER G 142 -36.74 40.82 32.83
CA SER G 142 -36.25 39.56 32.29
C SER G 142 -37.39 38.65 31.86
N GLN G 143 -38.49 38.64 32.62
CA GLN G 143 -39.59 37.72 32.35
C GLN G 143 -40.42 38.09 31.13
N THR G 144 -40.05 39.14 30.41
CA THR G 144 -40.86 39.60 29.29
C THR G 144 -40.38 38.93 28.00
N ASN G 145 -41.35 38.61 27.15
CA ASN G 145 -41.11 38.01 25.84
C ASN G 145 -41.78 38.86 24.78
N VAL G 146 -41.26 38.80 23.56
CA VAL G 146 -41.82 39.54 22.45
C VAL G 146 -42.21 38.52 21.39
N SER G 147 -43.20 38.89 20.58
CA SER G 147 -43.74 38.01 19.55
C SER G 147 -43.28 38.47 18.17
N GLN G 148 -43.01 37.51 17.30
CA GLN G 148 -42.59 37.78 15.94
C GLN G 148 -43.79 37.81 15.00
N ASP G 151 -47.22 39.95 11.34
CA ASP G 151 -47.54 40.37 9.98
C ASP G 151 -46.37 40.08 9.04
N SER G 152 -46.66 40.02 7.73
CA SER G 152 -45.62 39.70 6.76
C SER G 152 -44.81 40.93 6.37
N ASP G 153 -45.39 42.12 6.51
CA ASP G 153 -44.69 43.36 6.20
C ASP G 153 -44.22 44.08 7.46
N VAL G 154 -44.35 43.43 8.63
CA VAL G 154 -43.89 43.97 9.90
C VAL G 154 -42.81 43.05 10.46
N TYR G 155 -41.65 43.63 10.78
CA TYR G 155 -40.52 42.88 11.29
C TYR G 155 -40.27 43.26 12.75
N ILE G 156 -40.12 42.25 13.60
CA ILE G 156 -39.86 42.44 15.02
C ILE G 156 -38.59 41.70 15.39
N THR G 157 -37.64 42.41 15.98
CA THR G 157 -36.39 41.81 16.40
C THR G 157 -36.55 41.15 17.78
N ASP G 158 -35.51 40.44 18.19
CA ASP G 158 -35.47 39.81 19.50
C ASP G 158 -34.98 40.79 20.56
N LYS G 159 -35.18 40.45 21.82
CA LYS G 159 -34.77 41.31 22.91
C LYS G 159 -33.24 41.42 22.95
N CYS G 160 -32.77 42.50 23.57
CA CYS G 160 -31.36 42.85 23.52
C CYS G 160 -31.02 43.64 24.78
N VAL G 161 -29.97 43.20 25.48
CA VAL G 161 -29.55 43.83 26.73
C VAL G 161 -28.38 44.75 26.45
N LEU G 162 -28.55 46.05 26.69
CA LEU G 162 -27.47 47.01 26.58
C LEU G 162 -27.04 47.42 27.98
N ASP G 163 -25.75 47.68 28.15
CA ASP G 163 -25.20 48.08 29.45
C ASP G 163 -24.40 49.36 29.26
N MET G 164 -24.94 50.47 29.75
CA MET G 164 -24.22 51.74 29.75
C MET G 164 -23.27 51.71 30.95
N ARG G 165 -22.00 51.39 30.69
CA ARG G 165 -21.00 51.30 31.75
C ARG G 165 -20.74 52.62 32.45
N SER G 166 -21.31 53.73 31.96
CA SER G 166 -21.23 55.00 32.69
C SER G 166 -22.02 54.94 33.99
N MET G 167 -23.33 54.71 33.89
CA MET G 167 -24.14 54.46 35.07
C MET G 167 -24.13 52.97 35.41
N ASP G 168 -24.83 52.61 36.47
CA ASP G 168 -25.02 51.21 36.85
C ASP G 168 -26.33 50.68 36.31
N PHE G 169 -26.59 50.94 35.03
CA PHE G 169 -27.91 50.74 34.45
C PHE G 169 -27.80 49.85 33.22
N LYS G 170 -28.50 48.71 33.25
CA LYS G 170 -28.67 47.84 32.10
C LYS G 170 -30.15 47.85 31.69
N SER G 171 -30.41 47.47 30.44
CA SER G 171 -31.77 47.57 29.94
C SER G 171 -31.99 46.64 28.76
N ASN G 172 -33.23 46.18 28.63
CA ASN G 172 -33.69 45.37 27.50
C ASN G 172 -34.34 46.26 26.44
N SER G 173 -34.22 45.85 25.18
CA SER G 173 -34.80 46.60 24.08
C SER G 173 -35.24 45.64 22.98
N ALA G 174 -36.34 45.99 22.33
CA ALA G 174 -36.82 45.31 21.15
C ALA G 174 -37.26 46.33 20.12
N VAL G 175 -37.07 46.00 18.85
CA VAL G 175 -37.32 46.93 17.75
C VAL G 175 -38.35 46.31 16.81
N ALA G 176 -39.33 47.12 16.41
CA ALA G 176 -40.29 46.75 15.38
C ALA G 176 -40.35 47.86 14.34
N TRP G 177 -40.47 47.47 13.07
CA TRP G 177 -40.53 48.44 12.00
C TRP G 177 -41.33 47.86 10.83
N SER G 178 -41.86 48.76 10.00
CA SER G 178 -42.69 48.37 8.88
C SER G 178 -42.73 49.49 7.86
N ASN G 179 -42.93 49.11 6.60
CA ASN G 179 -43.11 50.08 5.51
C ASN G 179 -44.57 50.47 5.33
N LYS G 180 -45.50 49.59 5.70
CA LYS G 180 -46.91 49.82 5.41
C LYS G 180 -47.46 51.01 6.19
N SER G 181 -48.51 51.62 5.64
CA SER G 181 -49.13 52.76 6.29
C SER G 181 -50.10 52.37 7.40
N ASP G 182 -50.51 51.10 7.47
CA ASP G 182 -51.40 50.66 8.53
C ASP G 182 -50.62 50.10 9.71
N PHE G 183 -49.60 50.85 10.11
CA PHE G 183 -48.69 50.47 11.18
C PHE G 183 -48.75 51.49 12.30
N ALA G 184 -48.88 51.02 13.53
CA ALA G 184 -48.87 51.87 14.71
C ALA G 184 -48.00 51.21 15.78
N CYS G 185 -47.37 52.03 16.62
CA CYS G 185 -46.54 51.45 17.66
C CYS G 185 -47.38 50.83 18.77
N ALA G 186 -48.67 51.19 18.86
CA ALA G 186 -49.56 50.51 19.78
C ALA G 186 -49.58 49.03 19.45
N ASN G 187 -49.45 48.19 20.49
CA ASN G 187 -49.30 46.75 20.31
C ASN G 187 -48.07 46.56 19.42
N ALA G 188 -48.17 45.84 18.30
CA ALA G 188 -47.09 45.66 17.32
C ALA G 188 -45.98 44.77 17.86
N PHE G 189 -46.03 44.45 19.15
CA PHE G 189 -45.02 43.62 19.79
C PHE G 189 -45.59 42.33 20.37
N ASN G 190 -46.91 42.16 20.40
CA ASN G 190 -47.52 40.96 20.94
C ASN G 190 -48.69 40.50 20.08
N GLN H 4 17.47 -17.44 -14.15
CA GLN H 4 18.60 -17.28 -15.06
C GLN H 4 18.83 -18.57 -15.86
N VAL H 5 19.02 -18.43 -17.16
CA VAL H 5 19.24 -19.56 -18.06
C VAL H 5 20.53 -19.32 -18.83
N GLU H 6 21.49 -20.22 -18.65
CA GLU H 6 22.80 -20.13 -19.31
C GLU H 6 22.80 -21.06 -20.52
N GLN H 7 23.03 -20.49 -21.70
CA GLN H 7 22.99 -21.22 -22.96
C GLN H 7 24.39 -21.29 -23.56
N LEU H 8 24.86 -22.49 -23.85
CA LEU H 8 26.16 -22.71 -24.46
C LEU H 8 26.03 -23.68 -25.62
N PRO H 9 26.81 -23.50 -26.69
CA PRO H 9 27.77 -22.41 -26.94
C PRO H 9 27.11 -21.16 -27.52
N SER H 10 27.80 -20.02 -27.49
CA SER H 10 27.25 -18.82 -28.13
C SER H 10 27.32 -18.94 -29.65
N ILE H 11 28.39 -19.51 -30.17
CA ILE H 11 28.58 -19.72 -31.61
C ILE H 11 28.85 -21.20 -31.84
N LEU H 12 28.19 -21.78 -32.83
CA LEU H 12 28.33 -23.20 -33.16
C LEU H 12 28.51 -23.34 -34.66
N ARG H 13 29.75 -23.60 -35.08
CA ARG H 13 30.06 -23.90 -36.48
C ARG H 13 30.07 -25.41 -36.66
N VAL H 14 29.25 -25.91 -37.57
CA VAL H 14 29.14 -27.33 -37.85
C VAL H 14 29.05 -27.55 -39.36
N GLN H 15 29.56 -28.69 -39.81
CA GLN H 15 29.58 -29.02 -41.22
C GLN H 15 28.30 -29.76 -41.61
N GLU H 16 27.91 -29.62 -42.87
CA GLU H 16 26.72 -30.30 -43.39
C GLU H 16 26.74 -31.78 -43.04
N GLY H 17 25.57 -32.29 -42.65
CA GLY H 17 25.43 -33.69 -42.30
C GLY H 17 25.79 -34.04 -40.87
N SER H 18 26.60 -33.23 -40.21
CA SER H 18 27.00 -33.50 -38.83
C SER H 18 25.90 -33.04 -37.88
N SER H 19 26.02 -33.48 -36.62
CA SER H 19 25.06 -33.13 -35.59
C SER H 19 25.53 -31.90 -34.81
N ALA H 20 24.55 -31.13 -34.35
CA ALA H 20 24.80 -29.97 -33.50
C ALA H 20 24.09 -30.15 -32.18
N SER H 21 24.70 -29.62 -31.11
CA SER H 21 24.16 -29.77 -29.78
C SER H 21 24.25 -28.45 -29.02
N ILE H 22 23.12 -27.99 -28.50
CA ILE H 22 23.07 -26.79 -27.66
C ILE H 22 22.62 -27.21 -26.27
N ASN H 23 23.36 -26.78 -25.25
CA ASN H 23 23.11 -27.16 -23.87
C ASN H 23 22.73 -25.93 -23.06
N CYS H 24 21.64 -26.04 -22.30
CA CYS H 24 21.18 -24.97 -21.44
C CYS H 24 20.99 -25.48 -20.03
N SER H 25 21.26 -24.60 -19.06
CA SER H 25 21.04 -24.90 -17.65
C SER H 25 20.23 -23.77 -17.03
N TYR H 26 19.51 -24.09 -15.95
CA TYR H 26 18.63 -23.12 -15.31
C TYR H 26 18.78 -23.22 -13.80
N GLU H 27 18.51 -22.10 -13.13
CA GLU H 27 18.64 -22.02 -11.67
C GLU H 27 17.35 -22.37 -10.95
N ASP H 28 16.20 -21.98 -11.49
CA ASP H 28 14.92 -22.13 -10.80
C ASP H 28 14.46 -23.58 -10.94
N SER H 29 14.50 -24.32 -9.82
CA SER H 29 14.09 -25.72 -9.84
C SER H 29 12.60 -25.91 -10.09
N ALA H 30 11.80 -24.84 -10.00
CA ALA H 30 10.37 -24.93 -10.29
C ALA H 30 10.08 -24.89 -11.78
N SER H 31 11.06 -24.60 -12.62
CA SER H 31 10.84 -24.56 -14.06
C SER H 31 10.34 -25.90 -14.56
N ASN H 32 9.32 -25.85 -15.42
CA ASN H 32 8.69 -27.08 -15.91
C ASN H 32 8.38 -27.07 -17.40
N TYR H 33 8.62 -25.97 -18.11
CA TYR H 33 8.38 -25.88 -19.55
C TYR H 33 9.63 -25.33 -20.22
N PHE H 34 10.08 -26.01 -21.27
CA PHE H 34 11.36 -25.71 -21.91
C PHE H 34 11.21 -25.68 -23.43
N PRO H 35 10.80 -24.55 -23.99
CA PRO H 35 10.70 -24.42 -25.44
C PRO H 35 12.03 -24.01 -26.07
N TRP H 36 12.10 -24.21 -27.39
CA TRP H 36 13.25 -23.79 -28.20
C TRP H 36 12.75 -22.99 -29.38
N TYR H 37 13.41 -21.86 -29.65
CA TYR H 37 12.98 -20.93 -30.67
C TYR H 37 14.08 -20.70 -31.69
N LYS H 38 13.72 -20.76 -32.96
CA LYS H 38 14.63 -20.58 -34.09
C LYS H 38 14.34 -19.23 -34.73
N GLN H 39 15.39 -18.43 -34.95
CA GLN H 39 15.25 -17.10 -35.54
C GLN H 39 16.20 -16.98 -36.72
N GLU H 40 15.65 -16.85 -37.92
CA GLU H 40 16.43 -16.49 -39.08
C GLU H 40 16.64 -14.97 -39.10
N PRO H 41 17.72 -14.49 -39.74
CA PRO H 41 18.10 -13.08 -39.55
C PRO H 41 17.04 -12.14 -40.12
N GLY H 42 16.62 -11.18 -39.29
CA GLY H 42 15.56 -10.27 -39.63
C GLY H 42 14.17 -10.79 -39.34
N GLU H 43 13.97 -12.10 -39.48
CA GLU H 43 12.67 -12.71 -39.22
C GLU H 43 12.42 -12.77 -37.71
N ASN H 44 11.30 -13.36 -37.35
CA ASN H 44 10.86 -13.51 -35.97
C ASN H 44 11.24 -14.88 -35.42
N PRO H 45 11.46 -15.00 -34.11
CA PRO H 45 11.64 -16.33 -33.53
C PRO H 45 10.38 -17.17 -33.70
N LYS H 46 10.59 -18.46 -33.99
CA LYS H 46 9.49 -19.41 -34.15
C LYS H 46 9.78 -20.65 -33.32
N LEU H 47 8.79 -21.09 -32.56
CA LEU H 47 8.92 -22.32 -31.79
C LEU H 47 9.14 -23.50 -32.73
N ILE H 48 10.12 -24.33 -32.41
CA ILE H 48 10.44 -25.48 -33.25
C ILE H 48 10.21 -26.78 -32.47
N ILE H 49 10.43 -26.74 -31.16
CA ILE H 49 10.28 -27.93 -30.32
C ILE H 49 10.30 -27.51 -28.86
N ASP H 50 9.67 -28.32 -27.99
CA ASP H 50 9.64 -28.02 -26.56
C ASP H 50 9.56 -29.32 -25.78
N ILE H 51 9.56 -29.19 -24.45
CA ILE H 51 9.48 -30.33 -23.55
C ILE H 51 8.94 -29.84 -22.22
N ARG H 52 8.31 -30.74 -21.47
CA ARG H 52 7.76 -30.42 -20.16
C ARG H 52 8.42 -31.27 -19.09
N SER H 53 8.28 -30.84 -17.84
CA SER H 53 9.03 -31.43 -16.73
C SER H 53 8.75 -32.92 -16.58
N ASN H 54 7.56 -33.38 -16.94
CA ASN H 54 7.22 -34.78 -16.78
C ASN H 54 7.93 -35.70 -17.77
N MET H 55 8.55 -35.14 -18.81
CA MET H 55 9.22 -35.92 -19.83
C MET H 55 10.73 -35.74 -19.75
N GLU H 56 11.45 -36.68 -20.38
CA GLU H 56 12.90 -36.66 -20.44
C GLU H 56 13.47 -36.60 -21.85
N ARG H 57 12.77 -37.15 -22.84
CA ARG H 57 13.27 -37.21 -24.20
C ARG H 57 12.11 -37.04 -25.17
N LYS H 58 12.40 -36.38 -26.30
CA LYS H 58 11.40 -36.14 -27.33
C LYS H 58 12.11 -35.98 -28.66
N GLN H 59 11.78 -36.85 -29.62
CA GLN H 59 12.35 -36.80 -30.96
C GLN H 59 11.23 -36.52 -31.95
N THR H 60 11.39 -35.45 -32.74
CA THR H 60 10.42 -35.10 -33.78
C THR H 60 11.20 -34.66 -35.02
N GLN H 61 11.38 -35.60 -35.95
CA GLN H 61 11.94 -35.32 -37.28
C GLN H 61 13.32 -34.66 -37.19
N GLY H 62 14.26 -35.43 -36.66
CA GLY H 62 15.63 -34.97 -36.59
C GLY H 62 15.90 -33.89 -35.57
N LEU H 63 14.98 -33.66 -34.65
CA LEU H 63 15.18 -32.77 -33.51
C LEU H 63 14.98 -33.56 -32.24
N ILE H 64 15.97 -33.50 -31.35
CA ILE H 64 15.94 -34.25 -30.10
C ILE H 64 16.14 -33.26 -28.96
N VAL H 65 15.26 -33.32 -27.96
CA VAL H 65 15.39 -32.52 -26.75
C VAL H 65 15.46 -33.45 -25.55
N LEU H 66 16.41 -33.19 -24.66
CA LEU H 66 16.58 -33.94 -23.43
C LEU H 66 16.32 -33.01 -22.24
N LEU H 67 15.86 -33.61 -21.14
CA LEU H 67 15.63 -32.85 -19.92
C LEU H 67 16.14 -33.67 -18.74
N ASP H 68 16.98 -33.03 -17.91
CA ASP H 68 17.49 -33.61 -16.67
C ASP H 68 17.03 -32.70 -15.53
N LYS H 69 15.88 -33.05 -14.94
CA LYS H 69 15.34 -32.23 -13.85
C LYS H 69 16.30 -32.17 -12.68
N LYS H 70 16.93 -33.31 -12.34
CA LYS H 70 17.86 -33.32 -11.21
C LYS H 70 19.07 -32.43 -11.47
N ALA H 71 19.71 -32.59 -12.64
CA ALA H 71 20.85 -31.76 -13.00
C ALA H 71 20.46 -30.35 -13.41
N LYS H 72 19.16 -30.09 -13.64
CA LYS H 72 18.67 -28.79 -14.10
C LYS H 72 19.34 -28.36 -15.40
N ARG H 73 19.32 -29.27 -16.38
CA ARG H 73 19.87 -28.99 -17.70
C ARG H 73 18.95 -29.59 -18.76
N PHE H 74 18.88 -28.91 -19.90
CA PHE H 74 18.13 -29.40 -21.05
C PHE H 74 18.91 -29.03 -22.31
N SER H 75 18.80 -29.88 -23.33
CA SER H 75 19.62 -29.75 -24.52
C SER H 75 18.79 -29.99 -25.77
N LEU H 76 19.15 -29.29 -26.84
CA LEU H 76 18.61 -29.51 -28.17
C LEU H 76 19.68 -30.11 -29.06
N HIS H 77 19.30 -31.11 -29.85
CA HIS H 77 20.24 -31.82 -30.73
C HIS H 77 19.65 -31.87 -32.14
N ILE H 78 20.33 -31.26 -33.09
CA ILE H 78 19.94 -31.28 -34.49
C ILE H 78 20.81 -32.33 -35.18
N THR H 79 20.24 -33.51 -35.41
CA THR H 79 20.92 -34.54 -36.18
C THR H 79 20.76 -34.25 -37.66
N ASP H 80 21.84 -34.48 -38.42
CA ASP H 80 21.87 -34.26 -39.88
C ASP H 80 21.53 -32.81 -40.21
N THR H 81 22.43 -31.92 -39.79
CA THR H 81 22.24 -30.49 -40.00
C THR H 81 22.18 -30.17 -41.49
N GLN H 82 21.37 -29.18 -41.83
CA GLN H 82 21.19 -28.71 -43.19
C GLN H 82 21.42 -27.20 -43.21
N PRO H 83 21.79 -26.63 -44.37
CA PRO H 83 22.00 -25.18 -44.43
C PRO H 83 20.79 -24.37 -44.02
N GLY H 84 19.57 -24.90 -44.23
CA GLY H 84 18.38 -24.22 -43.76
C GLY H 84 18.31 -24.08 -42.26
N ASP H 85 19.06 -24.91 -41.52
CA ASP H 85 19.09 -24.84 -40.07
C ASP H 85 19.98 -23.72 -39.55
N SER H 86 20.80 -23.11 -40.40
CA SER H 86 21.65 -22.00 -39.97
C SER H 86 20.79 -20.81 -39.53
N ALA H 87 20.80 -20.53 -38.23
CA ALA H 87 19.97 -19.48 -37.66
C ALA H 87 20.43 -19.26 -36.22
N MET H 88 19.73 -18.36 -35.53
CA MET H 88 19.96 -18.10 -34.12
C MET H 88 18.93 -18.85 -33.29
N TYR H 89 19.40 -19.66 -32.34
CA TYR H 89 18.55 -20.53 -31.54
C TYR H 89 18.49 -20.01 -30.11
N PHE H 90 17.29 -19.96 -29.56
CA PHE H 90 17.06 -19.51 -28.20
C PHE H 90 16.37 -20.61 -27.40
N CYS H 91 16.89 -20.92 -26.22
CA CYS H 91 16.26 -21.82 -25.28
C CYS H 91 15.64 -21.04 -24.13
N ALA H 92 14.55 -21.58 -23.59
CA ALA H 92 13.81 -20.88 -22.54
C ALA H 92 13.38 -21.87 -21.47
N ALA H 93 13.15 -21.34 -20.26
CA ALA H 93 12.65 -22.10 -19.13
C ALA H 93 11.52 -21.32 -18.49
N SER H 94 10.35 -21.93 -18.38
CA SER H 94 9.16 -21.27 -17.84
C SER H 94 8.67 -22.03 -16.61
N VAL H 95 8.46 -21.31 -15.52
CA VAL H 95 7.78 -21.87 -14.36
C VAL H 95 6.27 -21.84 -14.56
N ARG H 96 5.74 -20.70 -14.96
CA ARG H 96 4.34 -20.56 -15.33
C ARG H 96 4.23 -19.80 -16.64
N ASN H 97 3.01 -19.44 -17.04
CA ASN H 97 2.80 -18.78 -18.32
C ASN H 97 3.20 -17.31 -18.31
N TYR H 98 3.29 -16.69 -17.13
CA TYR H 98 3.44 -15.24 -17.07
C TYR H 98 4.88 -14.77 -17.21
N LYS H 99 5.84 -15.66 -17.42
CA LYS H 99 7.21 -15.24 -17.66
C LYS H 99 8.00 -16.39 -18.27
N TYR H 100 8.66 -16.11 -19.39
CA TYR H 100 9.63 -17.03 -19.99
C TYR H 100 11.02 -16.45 -19.82
N VAL H 101 11.95 -17.26 -19.32
CA VAL H 101 13.33 -16.84 -19.13
C VAL H 101 14.14 -17.46 -20.26
N PHE H 102 14.67 -16.63 -21.15
CA PHE H 102 15.40 -17.08 -22.32
C PHE H 102 16.90 -17.03 -22.08
N GLY H 103 17.64 -17.84 -22.84
CA GLY H 103 19.08 -17.81 -22.81
C GLY H 103 19.63 -16.67 -23.65
N ALA H 104 20.97 -16.62 -23.71
CA ALA H 104 21.62 -15.59 -24.51
C ALA H 104 21.58 -15.90 -26.00
N GLY H 105 21.32 -17.14 -26.38
CA GLY H 105 21.20 -17.50 -27.77
C GLY H 105 22.43 -18.24 -28.29
N THR H 106 22.23 -19.00 -29.35
CA THR H 106 23.31 -19.70 -30.03
C THR H 106 23.23 -19.38 -31.52
N ARG H 107 24.27 -18.74 -32.05
CA ARG H 107 24.36 -18.49 -33.48
C ARG H 107 24.92 -19.73 -34.14
N LEU H 108 24.05 -20.54 -34.73
CA LEU H 108 24.44 -21.80 -35.34
C LEU H 108 24.74 -21.57 -36.83
N LYS H 109 25.99 -21.80 -37.22
CA LYS H 109 26.41 -21.67 -38.61
C LYS H 109 26.67 -23.09 -39.14
N VAL H 110 25.85 -23.51 -40.09
CA VAL H 110 26.08 -24.77 -40.79
C VAL H 110 26.86 -24.43 -42.05
N ILE H 111 28.09 -24.94 -42.13
CA ILE H 111 29.01 -24.55 -43.20
C ILE H 111 28.76 -25.44 -44.40
N ALA H 112 28.75 -24.83 -45.58
CA ALA H 112 28.35 -25.54 -46.79
C ALA H 112 29.44 -26.50 -47.24
N ASP H 113 29.03 -27.67 -47.71
CA ASP H 113 29.95 -28.70 -48.19
C ASP H 113 30.23 -28.45 -49.67
N ILE H 114 31.08 -27.45 -49.93
CA ILE H 114 31.42 -27.09 -51.31
C ILE H 114 32.02 -28.30 -52.01
N GLN H 115 31.44 -28.65 -53.17
CA GLN H 115 31.79 -29.87 -53.86
C GLN H 115 32.97 -29.71 -54.81
N ASN H 116 33.00 -28.62 -55.58
CA ASN H 116 34.01 -28.41 -56.63
C ASN H 116 34.68 -27.07 -56.41
N PRO H 117 35.59 -26.98 -55.43
CA PRO H 117 36.24 -25.69 -55.15
C PRO H 117 37.09 -25.23 -56.32
N ASP H 118 37.04 -23.92 -56.59
CA ASP H 118 37.79 -23.31 -57.68
C ASP H 118 38.26 -21.92 -57.24
N PRO H 119 39.17 -21.87 -56.25
CA PRO H 119 39.55 -20.57 -55.69
C PRO H 119 40.22 -19.68 -56.73
N ALA H 120 39.76 -18.44 -56.82
CA ALA H 120 40.30 -17.47 -57.76
C ALA H 120 39.86 -16.08 -57.35
N VAL H 121 40.75 -15.11 -57.57
CA VAL H 121 40.47 -13.71 -57.27
C VAL H 121 40.25 -12.97 -58.59
N TYR H 122 39.19 -12.17 -58.65
CA TYR H 122 38.81 -11.44 -59.85
C TYR H 122 38.59 -9.97 -59.53
N GLN H 123 38.83 -9.12 -60.52
CA GLN H 123 38.60 -7.68 -60.41
C GLN H 123 37.39 -7.28 -61.22
N LEU H 124 36.42 -6.63 -60.57
CA LEU H 124 35.20 -6.19 -61.21
C LEU H 124 35.41 -4.83 -61.86
N ARG H 125 34.65 -4.58 -62.92
CA ARG H 125 34.75 -3.29 -63.62
C ARG H 125 34.35 -2.15 -62.69
N ASP H 126 35.06 -1.04 -62.81
CA ASP H 126 34.77 0.11 -61.97
C ASP H 126 33.45 0.78 -62.40
N SER H 127 32.90 1.57 -61.49
CA SER H 127 31.63 2.24 -61.71
C SER H 127 31.86 3.71 -62.04
N LYS H 128 31.02 4.26 -62.91
CA LYS H 128 31.11 5.67 -63.27
C LYS H 128 30.64 6.59 -62.16
N SER H 129 30.16 6.03 -61.04
CA SER H 129 29.67 6.81 -59.92
C SER H 129 30.43 6.54 -58.62
N SER H 130 31.46 5.70 -58.67
CA SER H 130 32.23 5.37 -57.47
C SER H 130 33.71 5.31 -57.82
N ASP H 131 34.54 5.85 -56.93
CA ASP H 131 35.99 5.85 -57.10
C ASP H 131 36.65 4.69 -56.37
N LYS H 132 36.16 3.48 -56.57
CA LYS H 132 36.71 2.31 -55.90
C LYS H 132 36.90 1.17 -56.90
N SER H 133 37.99 0.43 -56.72
CA SER H 133 38.22 -0.81 -57.44
C SER H 133 37.81 -1.96 -56.53
N VAL H 134 37.07 -2.92 -57.09
CA VAL H 134 36.47 -4.00 -56.33
C VAL H 134 37.07 -5.33 -56.78
N CYS H 135 37.60 -6.09 -55.83
CA CYS H 135 38.12 -7.41 -56.07
C CYS H 135 37.19 -8.45 -55.46
N LEU H 136 37.10 -9.60 -56.12
CA LEU H 136 36.23 -10.69 -55.67
C LEU H 136 37.05 -11.95 -55.49
N PHE H 137 37.03 -12.50 -54.27
CA PHE H 137 37.60 -13.81 -53.98
C PHE H 137 36.43 -14.77 -53.85
N THR H 138 36.35 -15.74 -54.76
CA THR H 138 35.16 -16.56 -54.88
C THR H 138 35.53 -18.01 -55.13
N ASP H 139 34.54 -18.88 -54.94
CA ASP H 139 34.62 -20.30 -55.25
C ASP H 139 35.64 -21.05 -54.39
N PHE H 140 35.97 -20.53 -53.22
CA PHE H 140 36.85 -21.25 -52.30
C PHE H 140 36.02 -22.14 -51.37
N ASP H 141 36.73 -23.02 -50.66
CA ASP H 141 36.10 -24.05 -49.85
C ASP H 141 35.85 -23.51 -48.44
N SER H 142 35.51 -24.41 -47.50
CA SER H 142 35.12 -23.98 -46.17
C SER H 142 36.25 -23.23 -45.46
N GLN H 143 37.49 -23.66 -45.67
CA GLN H 143 38.61 -22.99 -45.04
C GLN H 143 38.87 -21.66 -45.75
N THR H 144 38.87 -20.57 -45.00
CA THR H 144 38.93 -19.23 -45.58
C THR H 144 39.73 -18.31 -44.67
N ASN H 145 40.35 -17.29 -45.27
CA ASN H 145 41.09 -16.29 -44.52
C ASN H 145 40.55 -14.89 -44.83
N VAL H 146 40.58 -14.04 -43.80
CA VAL H 146 40.13 -12.65 -43.89
C VAL H 146 41.19 -11.75 -43.26
N SER H 147 41.20 -10.49 -43.70
CA SER H 147 42.07 -9.49 -43.07
C SER H 147 41.24 -8.49 -42.28
N LYS H 150 44.35 -5.41 -42.94
CA LYS H 150 45.57 -4.98 -42.29
C LYS H 150 46.01 -3.61 -42.79
N ASP H 151 45.45 -3.18 -43.92
CA ASP H 151 45.76 -1.88 -44.47
C ASP H 151 44.61 -0.91 -44.25
N SER H 152 44.95 0.38 -44.24
CA SER H 152 43.97 1.43 -44.08
C SER H 152 43.45 1.84 -45.45
N ASP H 153 42.18 2.22 -45.51
CA ASP H 153 41.47 2.59 -46.73
C ASP H 153 41.27 1.39 -47.65
N VAL H 154 41.62 0.19 -47.21
CA VAL H 154 41.35 -1.05 -47.94
C VAL H 154 40.38 -1.84 -47.07
N TYR H 155 39.22 -2.16 -47.62
CA TYR H 155 38.16 -2.83 -46.88
C TYR H 155 37.92 -4.22 -47.45
N ILE H 156 37.89 -5.22 -46.56
CA ILE H 156 37.63 -6.61 -46.94
C ILE H 156 36.47 -7.12 -46.11
N THR H 157 35.45 -7.64 -46.78
CA THR H 157 34.29 -8.19 -46.10
C THR H 157 34.55 -9.65 -45.70
N ASP H 158 33.61 -10.20 -44.94
CA ASP H 158 33.71 -11.58 -44.52
C ASP H 158 33.15 -12.50 -45.61
N LYS H 159 33.45 -13.79 -45.48
CA LYS H 159 33.00 -14.77 -46.45
C LYS H 159 31.47 -14.89 -46.44
N CYS H 160 30.93 -15.34 -47.58
CA CYS H 160 29.49 -15.37 -47.79
C CYS H 160 29.18 -16.45 -48.80
N VAL H 161 28.27 -17.36 -48.43
CA VAL H 161 27.90 -18.49 -49.28
C VAL H 161 26.57 -18.15 -49.95
N LEU H 162 26.58 -18.14 -51.29
CA LEU H 162 25.37 -17.91 -52.08
C LEU H 162 24.89 -19.21 -52.70
N ASP H 163 23.57 -19.31 -52.85
CA ASP H 163 22.92 -20.46 -53.44
C ASP H 163 22.03 -19.96 -54.57
N MET H 164 22.41 -20.30 -55.81
CA MET H 164 21.60 -19.89 -56.95
C MET H 164 20.33 -20.73 -57.08
N ARG H 165 20.43 -22.03 -56.81
CA ARG H 165 19.30 -22.96 -56.84
C ARG H 165 18.74 -23.12 -58.24
N SER H 166 19.21 -22.30 -59.19
CA SER H 166 18.93 -22.57 -60.60
C SER H 166 19.71 -23.80 -61.03
N MET H 167 21.03 -23.75 -60.90
CA MET H 167 21.89 -24.91 -60.99
C MET H 167 21.98 -25.53 -59.59
N ASP H 168 22.77 -26.59 -59.47
CA ASP H 168 23.02 -27.25 -58.19
C ASP H 168 24.31 -26.75 -57.55
N PHE H 169 24.57 -25.45 -57.62
CA PHE H 169 25.88 -24.88 -57.32
C PHE H 169 25.76 -23.81 -56.24
N LYS H 170 26.48 -24.00 -55.14
CA LYS H 170 26.68 -23.00 -54.11
C LYS H 170 28.14 -22.59 -54.09
N SER H 171 28.42 -21.40 -53.55
CA SER H 171 29.78 -20.88 -53.60
C SER H 171 29.99 -19.83 -52.51
N ASN H 172 31.23 -19.75 -52.04
CA ASN H 172 31.65 -18.75 -51.08
C ASN H 172 32.27 -17.56 -51.81
N SER H 173 32.10 -16.36 -51.23
CA SER H 173 32.65 -15.16 -51.84
C SER H 173 33.03 -14.15 -50.77
N ALA H 174 34.09 -13.39 -51.06
CA ALA H 174 34.52 -12.27 -50.24
C ALA H 174 34.87 -11.10 -51.15
N VAL H 175 34.63 -9.90 -50.65
CA VAL H 175 34.76 -8.67 -51.44
C VAL H 175 35.80 -7.76 -50.79
N ALA H 176 36.70 -7.20 -51.60
CA ALA H 176 37.63 -6.19 -51.17
C ALA H 176 37.56 -4.99 -52.09
N TRP H 177 37.70 -3.80 -51.53
CA TRP H 177 37.63 -2.56 -52.31
C TRP H 177 38.49 -1.50 -51.64
N SER H 178 38.90 -0.51 -52.44
CA SER H 178 39.79 0.53 -51.95
C SER H 178 39.69 1.77 -52.83
N ASN H 179 39.97 2.92 -52.23
CA ASN H 179 40.03 4.20 -52.93
C ASN H 179 41.41 4.48 -53.50
N LYS H 180 42.47 3.97 -52.87
CA LYS H 180 43.83 4.33 -53.24
C LYS H 180 44.20 3.80 -54.62
N SER H 181 45.16 4.48 -55.25
CA SER H 181 45.68 4.08 -56.55
C SER H 181 46.72 2.97 -56.45
N ASP H 182 47.24 2.70 -55.25
CA ASP H 182 48.22 1.65 -55.02
C ASP H 182 47.57 0.37 -54.52
N PHE H 183 46.42 0.02 -55.10
CA PHE H 183 45.63 -1.13 -54.67
C PHE H 183 45.56 -2.13 -55.83
N ALA H 184 45.81 -3.40 -55.51
CA ALA H 184 45.74 -4.46 -56.51
C ALA H 184 45.01 -5.66 -55.93
N CYS H 185 44.30 -6.37 -56.81
CA CYS H 185 43.55 -7.58 -56.47
C CYS H 185 44.43 -8.80 -56.26
N ALA H 186 45.72 -8.72 -56.59
CA ALA H 186 46.62 -9.86 -56.45
C ALA H 186 46.56 -10.47 -55.05
N ASN H 187 46.90 -9.69 -54.03
CA ASN H 187 46.95 -10.19 -52.66
C ASN H 187 46.23 -9.23 -51.72
N ALA H 188 45.03 -8.83 -52.12
CA ALA H 188 44.19 -7.95 -51.31
C ALA H 188 43.37 -8.70 -50.27
N PHE H 189 43.38 -10.04 -50.30
CA PHE H 189 42.56 -10.84 -49.39
C PHE H 189 43.36 -11.63 -48.37
N ASN H 190 44.70 -11.63 -48.45
CA ASN H 190 45.52 -12.38 -47.52
C ASN H 190 46.73 -11.57 -47.05
N ASN H 191 46.59 -10.25 -47.01
CA ASN H 191 47.68 -9.37 -46.59
C ASN H 191 47.62 -9.10 -45.09
N LEU I 1 11.38 -23.37 -2.61
CA LEU I 1 10.07 -23.99 -2.55
C LEU I 1 8.98 -23.03 -3.03
N GLN I 2 8.28 -23.42 -4.09
CA GLN I 2 7.31 -22.55 -4.74
C GLN I 2 6.08 -23.35 -5.14
N THR I 3 4.91 -22.89 -4.73
CA THR I 3 3.66 -23.52 -5.12
C THR I 3 3.15 -22.88 -6.41
N LEU I 4 2.63 -23.72 -7.30
CA LEU I 4 2.23 -23.29 -8.63
C LEU I 4 0.72 -23.27 -8.76
N ALA I 5 0.20 -22.23 -9.39
CA ALA I 5 -1.22 -22.14 -9.67
C ALA I 5 -1.61 -23.10 -10.79
N LEU I 6 -2.86 -23.57 -10.73
CA LEU I 6 -3.50 -24.19 -11.89
C LEU I 6 -4.13 -23.08 -12.71
N GLU I 7 -3.76 -23.01 -13.99
CA GLU I 7 -4.00 -21.82 -14.79
C GLU I 7 -5.31 -21.91 -15.56
N VAL I 8 -6.04 -20.80 -15.57
CA VAL I 8 -7.27 -20.71 -16.37
C VAL I 8 -6.90 -20.62 -17.84
N GLU I 9 -7.53 -21.46 -18.65
CA GLU I 9 -7.38 -21.38 -20.10
C GLU I 9 -8.58 -20.67 -20.70
N ASP I 10 -8.33 -19.84 -21.72
CA ASP I 10 -9.35 -18.95 -22.24
C ASP I 10 -10.44 -19.73 -22.98
N ASP I 11 -11.67 -19.29 -22.81
CA ASP I 11 -12.77 -19.83 -23.59
C ASP I 11 -12.68 -19.31 -25.02
N PRO I 12 -13.03 -20.12 -26.02
CA PRO I 12 -12.98 -19.65 -27.41
C PRO I 12 -13.97 -18.53 -27.71
N CYS I 13 -14.98 -18.33 -26.87
CA CYS I 13 -15.95 -17.24 -27.04
C CYS I 13 -16.70 -17.34 -28.37
N LEU J 1 -9.87 -1.48 24.13
CA LEU J 1 -8.50 -1.54 24.65
C LEU J 1 -7.53 -0.89 23.68
N GLN J 2 -6.84 0.15 24.15
CA GLN J 2 -5.97 0.97 23.31
C GLN J 2 -4.71 1.33 24.09
N THR J 3 -3.55 1.05 23.50
CA THR J 3 -2.28 1.44 24.10
C THR J 3 -1.90 2.84 23.62
N LEU J 4 -1.36 3.63 24.54
CA LEU J 4 -1.08 5.04 24.29
C LEU J 4 0.42 5.27 24.17
N ALA J 5 0.79 6.09 23.19
CA ALA J 5 2.18 6.49 23.04
C ALA J 5 2.56 7.48 24.12
N LEU J 6 3.84 7.48 24.49
CA LEU J 6 4.42 8.57 25.24
C LEU J 6 4.92 9.60 24.23
N GLU J 7 4.44 10.83 24.37
CA GLU J 7 4.54 11.81 23.30
C GLU J 7 5.80 12.66 23.43
N VAL J 8 6.46 12.89 22.30
CA VAL J 8 7.62 13.77 22.26
C VAL J 8 7.15 15.21 22.42
N GLU J 9 7.78 15.95 23.32
CA GLU J 9 7.53 17.36 23.48
C GLU J 9 8.64 18.15 22.80
N ASP J 10 8.25 19.25 22.15
CA ASP J 10 9.18 19.97 21.27
C ASP J 10 10.27 20.67 22.08
N ASP J 11 11.48 20.63 21.53
CA ASP J 11 12.57 21.41 22.09
C ASP J 11 12.37 22.90 21.78
N PRO J 12 12.78 23.79 22.69
CA PRO J 12 12.64 25.22 22.41
C PRO J 12 13.51 25.70 21.26
N CYS J 13 14.49 24.91 20.83
CA CYS J 13 15.35 25.22 19.69
C CYS J 13 16.16 26.51 19.93
N GLY J 14 17.00 26.46 20.96
CA GLY J 14 17.93 27.53 21.24
C GLY J 14 19.33 26.98 21.45
N GLY J 15 20.23 27.89 21.81
CA GLY J 15 21.61 27.53 22.11
C GLY J 15 22.48 27.28 20.89
#